data_8PB9
#
_entry.id   8PB9
#
_cell.length_a   1.00
_cell.length_b   1.00
_cell.length_c   1.00
_cell.angle_alpha   90.00
_cell.angle_beta   90.00
_cell.angle_gamma   90.00
#
_symmetry.space_group_name_H-M   'P 1'
#
loop_
_entity.id
_entity.type
_entity.pdbx_description
1 polymer 'Transcriptional regulator FleQ'
2 polymer 'Antiactivator FleN'
3 non-polymer "9,9'-[(2R,3R,3aS,5S,7aR,9R,10R,10aS,12S,14aR)-3,5,10,12-tetrahydroxy-5,12-dioxidooctahydro-2H,7H-difuro[3,2-d:3',2'-j][1,3,7,9,2,8]tetraoxadiphosphacyclododecine-2,9-diyl]bis(2-amino-1,9-dihydro-6H-purin-6-one)"
4 non-polymer 'PHOSPHOMETHYLPHOSPHONIC ACID ADENYLATE ESTER'
#
loop_
_entity_poly.entity_id
_entity_poly.type
_entity_poly.pdbx_seq_one_letter_code
_entity_poly.pdbx_strand_id
1 'polypeptide(L)'
;MGSWRETKLLLIDDNLDRSRDLAVILNFLGEDQLTCNSEDWREVAAGLSNSREALCVLLGSVESKGGAVELLKQLASWDE
YLPILLIGEPAPADWPEELRRRVLASLEMPPSYNKLLDSLHRAQVYREMYDQARERGRSREPNLFRSLVGTSRAIQQVRQ
MMQQVADTDASVLILGESGTGKEVVARNLHYHSKRREGPFVPVNCGAIPAELLESELFGHEKGAFTGAITSRAGRFELAN
GGTLFLDEIGDMPLPMQVKLLRVLQERTFERVGSNKTQNVDVRIIAATHKNLEKMIEDGTFREDLYYRLNVFPIEMAPLR
ERVEDIALLLNELISRMEHEKRGSIRFNSAAIMSLCRHDWPGNVRELANLVERLAIMHPYGVIGVGELPKKFRHVD
;
D,C,E
2 'polypeptide(L)'
;GPMGSKQMGSMHPVQVIAVTGGKGGVGKTNVSVNLALALADLGRRVMLLDAALGLANVDVLLGLTPKRTLADVIEGRCEL
RDVLLLGPGGVRIVPAASGTQSMVHLSPMQHAGLIQAFSDISDNLDVLVVDTAAGIGDSVVSFVRAAQEVLLVVCDEPTS
ITDAYALIKLLNRDHGMTRFRVLANMAHSPQEGRNLFAKLTKVTDRFLDVALQYVGVIPYDESVRKAVQKQRAVYEAFPR
SKASLAFKAVAQKVDSWPLPANPRGHLEFFVERLVQHPATGSAV
;
A,B
#
loop_
_chem_comp.id
_chem_comp.type
_chem_comp.name
_chem_comp.formula
ACP non-polymer 'PHOSPHOMETHYLPHOSPHONIC ACID ADENYLATE ESTER' 'C11 H18 N5 O12 P3'
C2E non-polymer 9,9'-[(2R,3R,3aS,5S,7aR,9R,10R,10aS,12S,14aR)-3,5,10,12-tetrahydroxy-5,12-dioxidooctahydro-2H,7H-difuro[3,2-d:3',2'-j][1,3,7,9,2,8]tetraoxadiphosphacyclododecine-2,9-diyl]bis(2-amino-1,9-dihydro-6H-purin-6-one) 'C20 H24 N10 O14 P2'
#
# COMPACT_ATOMS: atom_id res chain seq x y z
N GLU A 6 -10.79 29.14 20.09
CA GLU A 6 -10.74 27.77 19.59
C GLU A 6 -10.52 26.79 20.75
N THR A 7 -11.61 26.16 21.19
CA THR A 7 -11.59 25.19 22.28
C THR A 7 -10.95 25.77 23.53
N LYS A 8 -10.49 24.90 24.43
CA LYS A 8 -9.88 25.32 25.68
C LYS A 8 -8.72 24.37 26.01
N LEU A 9 -7.98 24.71 27.05
CA LEU A 9 -6.82 23.95 27.47
C LEU A 9 -6.92 23.61 28.95
N LEU A 10 -6.33 22.47 29.33
CA LEU A 10 -6.35 21.98 30.70
C LEU A 10 -4.95 22.12 31.30
N LEU A 11 -4.88 22.66 32.52
CA LEU A 11 -3.62 22.84 33.23
C LEU A 11 -3.74 22.13 34.57
N ILE A 12 -3.41 20.83 34.59
CA ILE A 12 -3.42 20.05 35.82
C ILE A 12 -2.01 20.15 36.40
N ASP A 13 -1.78 21.21 37.18
CA ASP A 13 -0.49 21.43 37.82
C ASP A 13 -0.74 21.95 39.23
N ASP A 14 -0.22 21.22 40.23
CA ASP A 14 -0.43 21.59 41.61
C ASP A 14 0.49 22.72 42.07
N ASN A 15 1.52 23.06 41.30
CA ASN A 15 2.40 24.17 41.64
C ASN A 15 1.68 25.48 41.31
N LEU A 16 1.45 26.29 42.35
CA LEU A 16 0.71 27.54 42.15
C LEU A 16 1.47 28.47 41.20
N ASP A 17 2.78 28.61 41.40
CA ASP A 17 3.56 29.51 40.57
C ASP A 17 3.62 29.01 39.12
N ARG A 18 3.93 27.74 38.93
CA ARG A 18 4.05 27.19 37.58
C ARG A 18 2.72 27.23 36.84
N SER A 19 1.64 26.78 37.50
CA SER A 19 0.33 26.80 36.85
C SER A 19 -0.09 28.23 36.56
N ARG A 20 0.19 29.17 37.47
CA ARG A 20 -0.18 30.56 37.25
C ARG A 20 0.54 31.13 36.04
N ASP A 21 1.86 30.96 35.97
CA ASP A 21 2.59 31.53 34.85
C ASP A 21 2.24 30.85 33.54
N LEU A 22 1.96 29.54 33.58
CA LEU A 22 1.57 28.83 32.37
C LEU A 22 0.19 29.27 31.90
N ALA A 23 -0.73 29.55 32.81
CA ALA A 23 -2.03 30.10 32.43
C ALA A 23 -1.86 31.49 31.81
N VAL A 24 -0.97 32.30 32.38
CA VAL A 24 -0.68 33.61 31.79
C VAL A 24 -0.16 33.45 30.37
N ILE A 25 0.75 32.50 30.17
CA ILE A 25 1.33 32.27 28.84
C ILE A 25 0.26 31.80 27.87
N LEU A 26 -0.62 30.89 28.31
CA LEU A 26 -1.68 30.39 27.45
C LEU A 26 -2.63 31.52 27.06
N ASN A 27 -2.97 32.39 28.00
CA ASN A 27 -3.79 33.55 27.67
C ASN A 27 -3.07 34.48 26.69
N PHE A 28 -1.74 34.57 26.81
CA PHE A 28 -0.97 35.37 25.86
C PHE A 28 -1.10 34.81 24.45
N LEU A 29 -0.85 33.51 24.28
CA LEU A 29 -0.77 32.95 22.93
C LEU A 29 -2.11 32.95 22.20
N GLY A 30 -3.22 33.21 22.89
CA GLY A 30 -4.47 33.44 22.20
C GLY A 30 -5.57 32.42 22.47
N GLU A 31 -5.41 31.61 23.51
CA GLU A 31 -6.42 30.62 23.86
C GLU A 31 -6.68 30.66 25.36
N ASP A 32 -7.89 30.25 25.75
CA ASP A 32 -8.28 30.23 27.15
C ASP A 32 -7.65 29.02 27.86
N GLN A 33 -7.80 29.01 29.18
CA GLN A 33 -7.23 27.97 30.01
C GLN A 33 -8.21 27.60 31.11
N LEU A 34 -8.02 26.39 31.67
CA LEU A 34 -8.80 25.90 32.79
C LEU A 34 -7.82 25.36 33.84
N THR A 35 -7.44 26.21 34.79
CA THR A 35 -6.52 25.78 35.83
C THR A 35 -7.17 24.70 36.70
N CYS A 36 -6.41 23.65 36.97
CA CYS A 36 -6.90 22.53 37.78
C CYS A 36 -5.77 22.03 38.67
N ASN A 37 -6.14 21.19 39.63
CA ASN A 37 -5.22 20.46 40.47
C ASN A 37 -5.20 19.00 40.05
N SER A 38 -4.46 18.18 40.81
CA SER A 38 -4.28 16.78 40.46
C SER A 38 -5.52 15.93 40.74
N GLU A 39 -6.46 16.41 41.55
CA GLU A 39 -7.61 15.61 41.94
C GLU A 39 -8.94 16.25 41.58
N ASP A 40 -9.06 17.58 41.69
CA ASP A 40 -10.32 18.26 41.44
C ASP A 40 -10.45 18.74 39.99
N TRP A 41 -9.79 18.06 39.05
CA TRP A 41 -9.93 18.42 37.65
C TRP A 41 -11.26 17.97 37.06
N ARG A 42 -11.92 16.98 37.67
CA ARG A 42 -13.18 16.48 37.15
C ARG A 42 -14.26 17.56 37.18
N GLU A 43 -14.36 18.29 38.29
CA GLU A 43 -15.39 19.31 38.41
C GLU A 43 -15.14 20.48 37.46
N VAL A 44 -13.87 20.82 37.21
CA VAL A 44 -13.57 21.87 36.26
C VAL A 44 -13.87 21.42 34.84
N ALA A 45 -13.50 20.17 34.51
CA ALA A 45 -13.77 19.65 33.17
C ALA A 45 -15.26 19.45 32.93
N ALA A 46 -16.06 19.29 33.98
CA ALA A 46 -17.50 19.18 33.82
C ALA A 46 -18.10 20.45 33.23
N GLY A 47 -17.42 21.59 33.35
CA GLY A 47 -17.90 22.82 32.74
C GLY A 47 -17.84 22.80 31.22
N LEU A 48 -17.01 21.94 30.64
CA LEU A 48 -16.95 21.80 29.20
C LEU A 48 -18.08 20.91 28.70
N SER A 49 -18.58 21.21 27.50
CA SER A 49 -19.66 20.41 26.92
C SER A 49 -19.20 18.98 26.68
N ASN A 50 -17.98 18.81 26.15
CA ASN A 50 -17.43 17.49 25.88
C ASN A 50 -15.92 17.62 25.77
N SER A 51 -15.26 16.51 25.43
CA SER A 51 -13.81 16.51 25.28
C SER A 51 -13.36 17.35 24.10
N ARG A 52 -14.23 17.56 23.10
CA ARG A 52 -13.84 18.35 21.94
C ARG A 52 -13.53 19.80 22.32
N GLU A 53 -14.18 20.31 23.37
CA GLU A 53 -13.94 21.68 23.81
C GLU A 53 -12.57 21.85 24.48
N ALA A 54 -11.89 20.76 24.80
CA ALA A 54 -10.55 20.80 25.39
C ALA A 54 -9.56 20.32 24.33
N LEU A 55 -8.60 21.19 24.00
CA LEU A 55 -7.64 20.85 22.95
C LEU A 55 -6.58 19.89 23.45
N CYS A 56 -5.81 20.30 24.46
CA CYS A 56 -4.78 19.45 25.03
C CYS A 56 -4.55 19.87 26.48
N VAL A 57 -3.84 19.02 27.21
CA VAL A 57 -3.58 19.21 28.62
C VAL A 57 -2.09 19.43 28.82
N LEU A 58 -1.74 20.28 29.80
CA LEU A 58 -0.36 20.62 30.10
C LEU A 58 -0.07 20.16 31.53
N LEU A 59 0.39 18.93 31.67
CA LEU A 59 0.68 18.38 32.98
C LEU A 59 1.83 19.10 33.66
N GLY A 60 1.65 19.38 34.95
CA GLY A 60 2.71 19.98 35.75
C GLY A 60 3.14 19.06 36.87
N SER A 61 2.75 19.39 38.10
CA SER A 61 3.05 18.56 39.26
C SER A 61 1.88 17.64 39.56
N VAL A 62 2.19 16.41 39.95
CA VAL A 62 1.19 15.42 40.34
C VAL A 62 1.41 15.09 41.81
N GLU A 63 0.37 15.30 42.62
CA GLU A 63 0.46 15.06 44.05
C GLU A 63 -0.63 14.16 44.60
N SER A 64 -1.55 13.70 43.76
CA SER A 64 -2.66 12.87 44.24
C SER A 64 -2.21 11.42 44.42
N LYS A 65 -3.12 10.61 44.97
CA LYS A 65 -2.84 9.20 45.16
C LYS A 65 -2.83 8.46 43.83
N GLY A 66 -1.98 7.43 43.75
CA GLY A 66 -1.81 6.67 42.53
C GLY A 66 -0.73 7.17 41.62
N GLY A 67 -0.27 8.40 41.79
CA GLY A 67 0.83 8.93 41.01
C GLY A 67 0.40 9.44 39.65
N ALA A 68 1.41 9.93 38.92
CA ALA A 68 1.17 10.45 37.58
C ALA A 68 0.67 9.37 36.64
N VAL A 69 1.06 8.11 36.87
CA VAL A 69 0.57 7.01 36.04
C VAL A 69 -0.95 6.88 36.18
N GLU A 70 -1.44 6.90 37.43
CA GLU A 70 -2.87 6.80 37.65
C GLU A 70 -3.59 8.04 37.14
N LEU A 71 -2.98 9.22 37.32
CA LEU A 71 -3.59 10.44 36.80
C LEU A 71 -3.74 10.39 35.28
N LEU A 72 -2.70 9.92 34.59
CA LEU A 72 -2.77 9.79 33.14
C LEU A 72 -3.75 8.70 32.71
N LYS A 73 -3.87 7.63 33.50
CA LYS A 73 -4.88 6.61 33.19
C LYS A 73 -6.27 7.20 33.28
N GLN A 74 -6.55 7.98 34.32
CA GLN A 74 -7.85 8.63 34.44
C GLN A 74 -8.08 9.61 33.30
N LEU A 75 -7.05 10.39 32.95
CA LEU A 75 -7.19 11.37 31.87
C LEU A 75 -7.46 10.70 30.53
N ALA A 76 -6.76 9.59 30.25
CA ALA A 76 -7.03 8.84 29.03
C ALA A 76 -8.40 8.18 29.06
N SER A 77 -8.88 7.81 30.24
CA SER A 77 -10.26 7.35 30.36
C SER A 77 -11.23 8.46 29.98
N TRP A 78 -10.93 9.70 30.38
CA TRP A 78 -11.75 10.83 29.96
C TRP A 78 -11.67 11.04 28.45
N ASP A 79 -10.47 10.92 27.88
CA ASP A 79 -10.30 11.09 26.44
C ASP A 79 -9.06 10.32 26.02
N GLU A 80 -9.26 9.21 25.32
CA GLU A 80 -8.12 8.41 24.87
C GLU A 80 -7.33 9.12 23.79
N TYR A 81 -8.00 9.86 22.91
CA TYR A 81 -7.34 10.59 21.84
C TYR A 81 -7.01 12.02 22.26
N LEU A 82 -6.28 12.15 23.38
CA LEU A 82 -5.96 13.45 23.95
C LEU A 82 -4.45 13.56 24.09
N PRO A 83 -3.82 14.56 23.47
CA PRO A 83 -2.37 14.72 23.62
C PRO A 83 -1.98 15.17 25.02
N ILE A 84 -0.74 14.87 25.37
CA ILE A 84 -0.19 15.10 26.70
C ILE A 84 1.03 16.00 26.57
N LEU A 85 1.08 17.06 27.36
CA LEU A 85 2.14 18.07 27.28
C LEU A 85 2.74 18.29 28.66
N LEU A 86 3.78 17.54 28.99
CA LEU A 86 4.51 17.78 30.23
C LEU A 86 5.28 19.09 30.14
N ILE A 87 5.39 19.77 31.28
CA ILE A 87 6.18 21.00 31.39
C ILE A 87 7.03 20.93 32.65
N GLY A 88 8.29 21.33 32.53
CA GLY A 88 9.22 21.38 33.64
C GLY A 88 10.05 20.13 33.87
N GLU A 89 9.39 18.98 33.94
CA GLU A 89 10.07 17.70 34.20
C GLU A 89 9.73 16.71 33.10
N PRO A 90 10.68 16.36 32.23
CA PRO A 90 10.39 15.36 31.20
C PRO A 90 10.25 13.97 31.81
N ALA A 91 9.73 13.06 31.00
CA ALA A 91 9.47 11.70 31.45
C ALA A 91 10.78 10.99 31.78
N PRO A 92 10.95 10.46 32.99
CA PRO A 92 12.16 9.69 33.29
C PRO A 92 12.05 8.25 32.83
N ALA A 93 13.03 7.42 33.19
CA ALA A 93 13.08 6.02 32.78
C ALA A 93 12.35 5.09 33.74
N ASP A 94 11.39 5.60 34.50
CA ASP A 94 10.64 4.79 35.45
C ASP A 94 9.23 4.47 35.00
N TRP A 95 8.63 5.27 34.14
CA TRP A 95 7.28 5.03 33.68
C TRP A 95 7.25 3.93 32.61
N PRO A 96 6.10 3.30 32.41
CA PRO A 96 6.02 2.27 31.37
C PRO A 96 6.21 2.83 29.97
N GLU A 97 6.51 1.94 29.03
CA GLU A 97 6.79 2.35 27.66
C GLU A 97 5.59 3.02 27.02
N GLU A 98 4.39 2.49 27.26
CA GLU A 98 3.19 3.09 26.69
C GLU A 98 2.97 4.50 27.22
N LEU A 99 3.14 4.68 28.54
CA LEU A 99 3.00 6.02 29.12
C LEU A 99 4.09 6.95 28.61
N ARG A 100 5.30 6.43 28.42
CA ARG A 100 6.38 7.24 27.87
C ARG A 100 6.05 7.72 26.46
N ARG A 101 5.49 6.83 25.64
CA ARG A 101 5.15 7.19 24.26
C ARG A 101 3.92 8.07 24.17
N ARG A 102 3.01 7.98 25.14
CA ARG A 102 1.76 8.75 25.08
C ARG A 102 2.00 10.25 25.08
N VAL A 103 3.12 10.70 25.64
CA VAL A 103 3.37 12.12 25.78
C VAL A 103 3.71 12.73 24.43
N LEU A 104 3.00 13.80 24.07
CA LEU A 104 3.32 14.53 22.84
C LEU A 104 4.72 15.11 22.90
N ALA A 105 5.02 15.86 23.96
CA ALA A 105 6.32 16.50 24.12
C ALA A 105 6.44 16.97 25.57
N SER A 106 7.67 17.29 25.96
CA SER A 106 7.96 17.80 27.29
C SER A 106 8.49 19.22 27.16
N LEU A 107 7.88 20.16 27.86
CA LEU A 107 8.36 21.52 27.87
C LEU A 107 9.47 21.68 28.92
N GLU A 108 10.14 22.83 28.88
CA GLU A 108 11.25 23.14 29.78
C GLU A 108 11.06 24.57 30.27
N MET A 109 10.55 24.70 31.49
CA MET A 109 10.38 26.01 32.12
C MET A 109 11.75 26.66 32.34
N PRO A 110 11.92 27.96 32.01
CA PRO A 110 10.93 28.92 31.51
C PRO A 110 10.43 28.58 30.12
N PRO A 111 9.11 28.68 29.90
CA PRO A 111 8.52 28.20 28.64
C PRO A 111 9.12 28.86 27.41
N SER A 112 9.46 28.04 26.42
CA SER A 112 10.04 28.53 25.18
C SER A 112 8.95 28.76 24.15
N TYR A 113 9.12 29.82 23.37
CA TYR A 113 8.09 30.30 22.45
C TYR A 113 7.77 29.28 21.37
N ASN A 114 8.77 29.02 20.52
CA ASN A 114 8.55 28.21 19.33
C ASN A 114 8.13 26.80 19.68
N LYS A 115 8.75 26.22 20.72
CA LYS A 115 8.38 24.87 21.13
C LYS A 115 6.92 24.83 21.60
N LEU A 116 6.47 25.88 22.29
CA LEU A 116 5.10 25.87 22.79
C LEU A 116 4.09 26.00 21.66
N LEU A 117 4.32 26.93 20.71
CA LEU A 117 3.39 26.98 19.59
C LEU A 117 3.44 25.70 18.76
N ASP A 118 4.63 25.12 18.59
CA ASP A 118 4.72 23.88 17.84
C ASP A 118 3.94 22.77 18.53
N SER A 119 4.06 22.68 19.85
CA SER A 119 3.34 21.67 20.59
C SER A 119 1.83 21.86 20.47
N LEU A 120 1.36 23.11 20.56
CA LEU A 120 -0.07 23.37 20.46
C LEU A 120 -0.58 23.09 19.05
N HIS A 121 0.19 23.46 18.03
CA HIS A 121 -0.20 23.18 16.64
C HIS A 121 -0.26 21.69 16.39
N ARG A 122 0.72 20.93 16.89
CA ARG A 122 0.67 19.48 16.78
C ARG A 122 -0.54 18.93 17.52
N ALA A 123 -0.82 19.46 18.71
CA ALA A 123 -1.96 18.99 19.49
C ALA A 123 -3.25 19.16 18.71
N GLN A 124 -3.43 20.33 18.10
CA GLN A 124 -4.67 20.56 17.35
C GLN A 124 -4.68 19.76 16.05
N VAL A 125 -3.51 19.47 15.48
CA VAL A 125 -3.45 18.62 14.30
C VAL A 125 -3.95 17.22 14.62
N TYR A 126 -3.42 16.61 15.69
CA TYR A 126 -3.87 15.26 16.06
C TYR A 126 -5.28 15.27 16.62
N ARG A 127 -5.74 16.40 17.17
CA ARG A 127 -7.13 16.49 17.59
C ARG A 127 -8.05 16.50 16.37
N GLU A 128 -7.69 17.25 15.33
CA GLU A 128 -8.47 17.27 14.10
C GLU A 128 -8.41 15.91 13.40
N MET A 129 -7.30 15.21 13.54
CA MET A 129 -7.13 13.91 12.90
C MET A 129 -7.93 12.80 13.58
N TYR A 130 -8.07 12.86 14.91
CA TYR A 130 -8.65 11.75 15.66
C TYR A 130 -10.17 11.79 15.75
N ASP A 131 -10.82 12.90 15.42
CA ASP A 131 -12.26 12.97 15.53
C ASP A 131 -12.92 12.41 14.27
N GLN A 132 -14.25 12.37 14.26
CA GLN A 132 -15.01 11.79 13.17
C GLN A 132 -15.67 12.82 12.26
N ALA A 133 -15.29 14.09 12.38
CA ALA A 133 -15.87 15.14 11.54
C ALA A 133 -15.13 15.21 10.21
N ARG A 134 -15.61 16.07 9.31
CA ARG A 134 -15.04 16.36 7.99
C ARG A 134 -15.14 15.18 7.04
N GLU A 135 -15.66 14.04 7.48
CA GLU A 135 -15.84 12.84 6.64
C GLU A 135 -14.50 12.45 6.03
N ARG A 136 -14.53 11.78 4.88
CA ARG A 136 -13.34 11.35 4.17
C ARG A 136 -12.65 12.55 3.50
N GLY A 137 -11.39 12.35 3.13
CA GLY A 137 -10.63 13.38 2.46
C GLY A 137 -10.35 13.07 1.00
N ARG A 138 -9.09 13.17 0.60
CA ARG A 138 -8.71 12.92 -0.79
C ARG A 138 -7.30 12.31 -0.78
N SER A 139 -7.23 10.98 -0.89
CA SER A 139 -5.96 10.29 -0.81
C SER A 139 -5.13 10.53 -2.06
N ARG A 140 -3.81 10.40 -1.90
CA ARG A 140 -2.88 10.58 -3.01
C ARG A 140 -1.68 9.67 -2.80
N GLU A 141 -0.98 9.41 -3.89
CA GLU A 141 0.12 8.46 -3.87
C GLU A 141 1.30 9.00 -3.06
N PRO A 142 2.12 8.11 -2.49
CA PRO A 142 3.26 8.58 -1.69
C PRO A 142 4.24 9.43 -2.49
N ASN A 143 4.35 9.21 -3.79
CA ASN A 143 5.23 10.01 -4.64
C ASN A 143 4.51 11.20 -5.25
N LEU A 144 3.22 11.39 -4.96
CA LEU A 144 2.41 12.45 -5.57
C LEU A 144 2.42 13.71 -4.72
N PHE A 145 3.59 14.27 -4.49
CA PHE A 145 3.73 15.51 -3.75
C PHE A 145 4.57 16.48 -4.56
N ARG A 146 4.74 17.69 -4.03
CA ARG A 146 5.52 18.74 -4.70
C ARG A 146 6.99 18.39 -4.54
N SER A 147 7.47 17.52 -5.41
CA SER A 147 8.83 17.00 -5.36
C SER A 147 9.81 17.81 -6.19
N LEU A 148 9.37 18.88 -6.83
CA LEU A 148 10.24 19.74 -7.64
C LEU A 148 10.94 20.80 -6.81
N VAL A 149 11.02 20.62 -5.50
CA VAL A 149 11.63 21.58 -4.60
C VAL A 149 13.11 21.28 -4.46
N GLY A 150 13.88 22.32 -4.17
CA GLY A 150 15.32 22.19 -4.04
C GLY A 150 16.07 23.34 -4.67
N THR A 151 17.37 23.43 -4.41
CA THR A 151 18.20 24.51 -4.92
C THR A 151 19.39 24.02 -5.74
N SER A 152 19.37 22.76 -6.18
CA SER A 152 20.52 22.15 -6.84
C SER A 152 20.46 22.35 -8.35
N ARG A 153 21.63 22.24 -8.98
CA ARG A 153 21.71 22.24 -10.43
C ARG A 153 20.91 21.07 -11.00
N ALA A 154 20.85 19.96 -10.26
CA ALA A 154 20.20 18.74 -10.74
C ALA A 154 18.70 18.93 -10.91
N ILE A 155 18.07 19.78 -10.10
CA ILE A 155 16.64 20.01 -10.25
C ILE A 155 16.38 21.26 -11.10
N GLN A 156 17.32 22.22 -11.12
CA GLN A 156 17.18 23.35 -12.00
C GLN A 156 17.23 22.94 -13.47
N GLN A 157 18.06 21.96 -13.81
CA GLN A 157 18.05 21.45 -15.18
C GLN A 157 16.71 20.80 -15.52
N VAL A 158 16.14 20.05 -14.58
CA VAL A 158 14.86 19.40 -14.84
C VAL A 158 13.78 20.46 -15.07
N ARG A 159 13.76 21.49 -14.24
CA ARG A 159 12.78 22.56 -14.42
C ARG A 159 13.02 23.34 -15.71
N GLN A 160 14.29 23.47 -16.11
CA GLN A 160 14.60 24.14 -17.37
C GLN A 160 14.02 23.37 -18.55
N MET A 161 14.19 22.04 -18.56
CA MET A 161 13.59 21.26 -19.64
C MET A 161 12.07 21.25 -19.55
N MET A 162 11.53 21.26 -18.34
CA MET A 162 10.10 21.50 -18.15
C MET A 162 9.64 22.73 -18.94
N GLN A 163 10.24 23.88 -18.63
CA GLN A 163 9.86 25.13 -19.28
C GLN A 163 10.12 25.08 -20.77
N GLN A 164 11.17 24.36 -21.19
CA GLN A 164 11.45 24.24 -22.62
C GLN A 164 10.34 23.51 -23.34
N VAL A 165 9.81 22.43 -22.75
CA VAL A 165 8.79 21.63 -23.41
C VAL A 165 7.37 22.03 -23.00
N ALA A 166 7.23 22.98 -22.08
CA ALA A 166 5.91 23.34 -21.58
C ALA A 166 5.06 24.07 -22.61
N ASP A 167 5.67 24.60 -23.67
CA ASP A 167 4.95 25.40 -24.67
C ASP A 167 4.73 24.66 -25.97
N THR A 168 4.84 23.33 -25.97
CA THR A 168 4.66 22.53 -27.17
C THR A 168 3.56 21.51 -26.94
N ASP A 169 3.35 20.64 -27.94
CA ASP A 169 2.37 19.57 -27.83
C ASP A 169 2.86 18.25 -28.40
N ALA A 170 4.13 18.16 -28.82
CA ALA A 170 4.65 16.94 -29.39
C ALA A 170 5.01 15.94 -28.29
N SER A 171 5.39 14.74 -28.71
CA SER A 171 5.77 13.69 -27.76
C SER A 171 7.05 14.08 -27.02
N VAL A 172 7.10 13.72 -25.74
CA VAL A 172 8.23 14.05 -24.88
C VAL A 172 8.86 12.76 -24.40
N LEU A 173 10.16 12.81 -24.13
CA LEU A 173 10.88 11.66 -23.60
C LEU A 173 11.61 12.05 -22.32
N ILE A 174 11.47 11.20 -21.31
CA ILE A 174 12.00 11.45 -19.98
C ILE A 174 12.89 10.27 -19.59
N LEU A 175 14.04 10.57 -18.97
CA LEU A 175 14.98 9.56 -18.56
C LEU A 175 15.45 9.81 -17.13
N GLY A 176 15.65 8.73 -16.39
CA GLY A 176 16.08 8.80 -15.02
C GLY A 176 15.78 7.52 -14.28
N GLU A 177 16.41 7.38 -13.12
CA GLU A 177 16.28 6.15 -12.35
C GLU A 177 14.86 5.98 -11.83
N SER A 178 14.61 4.82 -11.23
CA SER A 178 13.29 4.51 -10.72
C SER A 178 12.97 5.35 -9.49
N GLY A 179 11.70 5.78 -9.40
CA GLY A 179 11.26 6.56 -8.26
C GLY A 179 11.82 7.96 -8.19
N THR A 180 12.28 8.51 -9.30
CA THR A 180 12.90 9.82 -9.34
C THR A 180 11.89 10.96 -9.50
N GLY A 181 10.62 10.64 -9.72
CA GLY A 181 9.60 11.68 -9.82
C GLY A 181 9.10 11.92 -11.22
N LYS A 182 8.91 10.85 -12.00
CA LYS A 182 8.41 10.98 -13.36
C LYS A 182 6.93 11.32 -13.40
N GLU A 183 6.15 10.77 -12.46
CA GLU A 183 4.72 11.05 -12.44
C GLU A 183 4.45 12.53 -12.22
N VAL A 184 5.20 13.16 -11.31
CA VAL A 184 5.06 14.59 -11.07
C VAL A 184 5.42 15.37 -12.33
N VAL A 185 6.45 14.93 -13.05
CA VAL A 185 6.84 15.60 -14.30
C VAL A 185 5.69 15.54 -15.30
N ALA A 186 5.10 14.35 -15.45
CA ALA A 186 3.99 14.21 -16.40
C ALA A 186 2.80 15.07 -16.00
N ARG A 187 2.46 15.08 -14.71
CA ARG A 187 1.31 15.86 -14.27
C ARG A 187 1.55 17.36 -14.45
N ASN A 188 2.77 17.83 -14.16
CA ASN A 188 3.09 19.23 -14.38
C ASN A 188 3.04 19.59 -15.85
N LEU A 189 3.54 18.71 -16.72
CA LEU A 189 3.47 18.97 -18.16
C LEU A 189 2.03 19.03 -18.63
N HIS A 190 1.18 18.14 -18.13
CA HIS A 190 -0.24 18.15 -18.51
C HIS A 190 -0.93 19.41 -18.03
N TYR A 191 -0.66 19.83 -16.78
CA TYR A 191 -1.38 20.97 -16.22
C TYR A 191 -1.00 22.28 -16.90
N HIS A 192 0.21 22.37 -17.45
CA HIS A 192 0.69 23.60 -18.06
C HIS A 192 0.59 23.59 -19.58
N SER A 193 -0.18 22.65 -20.14
CA SER A 193 -0.38 22.54 -21.58
C SER A 193 -1.80 23.00 -21.93
N LYS A 194 -2.11 22.96 -23.23
CA LYS A 194 -3.42 23.38 -23.69
C LYS A 194 -4.52 22.46 -23.18
N ARG A 195 -4.27 21.16 -23.17
CA ARG A 195 -5.27 20.18 -22.74
C ARG A 195 -5.24 19.97 -21.24
N ARG A 196 -5.28 21.07 -20.48
CA ARG A 196 -5.29 20.96 -19.02
C ARG A 196 -6.58 20.34 -18.52
N GLU A 197 -7.72 20.77 -19.07
CA GLU A 197 -9.00 20.23 -18.66
C GLU A 197 -9.22 18.80 -19.12
N GLY A 198 -8.41 18.30 -20.04
CA GLY A 198 -8.56 16.96 -20.55
C GLY A 198 -8.09 15.92 -19.55
N PRO A 199 -8.39 14.65 -19.81
CA PRO A 199 -7.96 13.59 -18.90
C PRO A 199 -6.45 13.42 -18.89
N PHE A 200 -5.94 12.98 -17.75
CA PHE A 200 -4.53 12.60 -17.59
C PHE A 200 -4.53 11.12 -17.25
N VAL A 201 -4.18 10.28 -18.22
CA VAL A 201 -4.17 8.84 -17.99
C VAL A 201 -2.71 8.37 -17.94
N PRO A 202 -2.21 7.96 -16.78
CA PRO A 202 -0.87 7.36 -16.69
C PRO A 202 -0.93 5.84 -16.80
N VAL A 203 -0.02 5.29 -17.59
CA VAL A 203 0.15 3.85 -17.69
C VAL A 203 1.64 3.56 -17.79
N ASN A 204 2.10 2.57 -17.04
CA ASN A 204 3.48 2.12 -17.09
C ASN A 204 3.53 0.74 -17.72
N CYS A 205 4.26 0.62 -18.83
CA CYS A 205 4.27 -0.62 -19.59
C CYS A 205 4.95 -1.76 -18.85
N GLY A 206 5.83 -1.44 -17.90
CA GLY A 206 6.49 -2.50 -17.15
C GLY A 206 5.63 -3.12 -16.07
N ALA A 207 4.70 -2.36 -15.50
CA ALA A 207 3.86 -2.89 -14.44
C ALA A 207 2.91 -3.96 -14.95
N ILE A 208 2.33 -3.74 -16.13
CA ILE A 208 1.39 -4.69 -16.71
C ILE A 208 2.12 -5.55 -17.73
N PRO A 209 1.83 -6.85 -17.80
CA PRO A 209 2.52 -7.71 -18.76
C PRO A 209 2.29 -7.29 -20.20
N ALA A 210 3.10 -7.85 -21.09
CA ALA A 210 3.12 -7.42 -22.49
C ALA A 210 1.92 -7.92 -23.28
N GLU A 211 1.34 -9.06 -22.90
CA GLU A 211 0.27 -9.64 -23.69
C GLU A 211 -0.96 -8.75 -23.71
N LEU A 212 -1.30 -8.15 -22.57
CA LEU A 212 -2.48 -7.30 -22.45
C LEU A 212 -2.17 -5.81 -22.58
N LEU A 213 -0.92 -5.45 -22.86
CA LEU A 213 -0.58 -4.03 -23.02
C LEU A 213 -1.32 -3.41 -24.19
N GLU A 214 -1.42 -4.14 -25.31
CA GLU A 214 -2.16 -3.64 -26.46
C GLU A 214 -3.64 -3.48 -26.13
N SER A 215 -4.20 -4.42 -25.37
CA SER A 215 -5.60 -4.30 -24.96
C SER A 215 -5.80 -3.08 -24.06
N GLU A 216 -4.87 -2.84 -23.14
CA GLU A 216 -4.98 -1.68 -22.26
C GLU A 216 -4.89 -0.38 -23.04
N LEU A 217 -3.98 -0.34 -24.02
CA LEU A 217 -3.73 0.92 -24.73
C LEU A 217 -4.88 1.25 -25.67
N PHE A 218 -5.14 0.41 -26.66
CA PHE A 218 -6.11 0.70 -27.71
C PHE A 218 -7.54 0.34 -27.31
N GLY A 219 -7.74 -0.85 -26.79
CA GLY A 219 -9.08 -1.31 -26.46
C GLY A 219 -9.53 -2.40 -27.42
N HIS A 220 -10.45 -3.23 -26.95
CA HIS A 220 -10.91 -4.40 -27.68
C HIS A 220 -12.43 -4.46 -27.67
N GLU A 221 -12.96 -5.46 -28.37
CA GLU A 221 -14.40 -5.71 -28.41
C GLU A 221 -14.64 -7.21 -28.33
N LYS A 222 -15.81 -7.59 -27.84
CA LYS A 222 -16.15 -8.99 -27.69
C LYS A 222 -16.31 -9.66 -29.06
N GLY A 223 -15.91 -10.93 -29.12
CA GLY A 223 -16.02 -11.72 -30.32
C GLY A 223 -14.80 -11.70 -31.22
N ALA A 224 -13.84 -10.82 -30.98
CA ALA A 224 -12.62 -10.75 -31.77
C ALA A 224 -11.42 -10.57 -30.86
N PHE A 225 -11.45 -11.21 -29.69
CA PHE A 225 -10.43 -11.08 -28.67
C PHE A 225 -10.63 -12.16 -27.62
N THR A 226 -9.59 -12.92 -27.29
CA THR A 226 -9.75 -13.96 -26.29
C THR A 226 -9.72 -13.36 -24.90
N GLY A 227 -10.62 -13.83 -24.04
CA GLY A 227 -10.82 -13.20 -22.75
C GLY A 227 -11.62 -11.92 -22.79
N ALA A 228 -12.18 -11.56 -23.94
CA ALA A 228 -12.95 -10.32 -24.07
C ALA A 228 -14.35 -10.51 -23.53
N ILE A 229 -14.83 -9.51 -22.81
CA ILE A 229 -16.17 -9.49 -22.23
C ILE A 229 -17.03 -8.40 -22.84
N THR A 230 -16.51 -7.17 -22.88
CA THR A 230 -17.26 -6.02 -23.36
C THR A 230 -16.42 -5.28 -24.40
N SER A 231 -17.13 -4.49 -25.23
CA SER A 231 -16.47 -3.65 -26.23
C SER A 231 -15.86 -2.42 -25.55
N ARG A 232 -14.83 -2.70 -24.77
CA ARG A 232 -14.19 -1.66 -23.97
C ARG A 232 -13.51 -0.62 -24.85
N ALA A 233 -13.64 0.64 -24.45
CA ALA A 233 -12.83 1.72 -25.02
C ALA A 233 -11.52 1.77 -24.24
N GLY A 234 -10.40 1.67 -24.96
CA GLY A 234 -9.10 1.58 -24.33
C GLY A 234 -8.64 2.89 -23.72
N ARG A 235 -7.48 2.82 -23.07
CA ARG A 235 -6.92 4.01 -22.45
C ARG A 235 -6.58 5.09 -23.47
N PHE A 236 -6.41 4.72 -24.74
CA PHE A 236 -6.27 5.75 -25.78
C PHE A 236 -7.56 6.55 -25.94
N GLU A 237 -8.71 5.88 -25.87
CA GLU A 237 -9.98 6.59 -25.92
C GLU A 237 -10.16 7.48 -24.70
N LEU A 238 -9.81 6.98 -23.51
CA LEU A 238 -9.87 7.80 -22.31
C LEU A 238 -8.88 8.96 -22.36
N ALA A 239 -7.87 8.87 -23.23
CA ALA A 239 -6.89 9.93 -23.41
C ALA A 239 -7.28 10.92 -24.50
N ASN A 240 -8.44 10.76 -25.11
CA ASN A 240 -8.88 11.71 -26.14
C ASN A 240 -9.05 13.09 -25.52
N GLY A 241 -8.48 14.10 -26.18
CA GLY A 241 -8.45 15.42 -25.59
C GLY A 241 -7.56 15.54 -24.38
N GLY A 242 -6.76 14.51 -24.08
CA GLY A 242 -5.90 14.52 -22.92
C GLY A 242 -4.53 13.94 -23.20
N THR A 243 -3.84 13.46 -22.17
CA THR A 243 -2.48 12.96 -22.30
C THR A 243 -2.38 11.54 -21.77
N LEU A 244 -1.50 10.76 -22.43
CA LEU A 244 -1.19 9.38 -22.07
C LEU A 244 0.26 9.34 -21.63
N PHE A 245 0.49 9.23 -20.32
CA PHE A 245 1.85 9.20 -19.79
C PHE A 245 2.34 7.76 -19.78
N LEU A 246 3.28 7.45 -20.67
CA LEU A 246 3.79 6.10 -20.86
C LEU A 246 5.10 5.95 -20.09
N ASP A 247 5.03 5.33 -18.92
CA ASP A 247 6.22 5.10 -18.11
C ASP A 247 6.82 3.75 -18.45
N GLU A 248 8.15 3.65 -18.32
CA GLU A 248 8.90 2.43 -18.61
C GLU A 248 8.60 1.93 -20.02
N ILE A 249 8.91 2.78 -21.00
CA ILE A 249 8.50 2.53 -22.37
C ILE A 249 9.26 1.41 -23.06
N GLY A 250 10.42 1.02 -22.54
CA GLY A 250 11.21 0.01 -23.23
C GLY A 250 10.72 -1.40 -23.07
N ASP A 251 9.67 -1.62 -22.30
CA ASP A 251 9.13 -2.95 -22.09
C ASP A 251 8.01 -3.29 -23.06
N MET A 252 7.74 -2.43 -24.04
CA MET A 252 6.76 -2.75 -25.06
C MET A 252 7.33 -3.76 -26.05
N PRO A 253 6.58 -4.80 -26.42
CA PRO A 253 7.05 -5.73 -27.46
C PRO A 253 7.32 -5.04 -28.79
N LEU A 254 7.92 -5.79 -29.73
CA LEU A 254 8.24 -5.21 -31.04
C LEU A 254 7.02 -4.70 -31.79
N PRO A 255 5.92 -5.45 -31.92
CA PRO A 255 4.76 -4.89 -32.64
C PRO A 255 4.17 -3.66 -31.96
N MET A 256 4.29 -3.55 -30.65
CA MET A 256 3.82 -2.36 -29.95
C MET A 256 4.53 -1.12 -30.46
N GLN A 257 5.80 -1.25 -30.84
CA GLN A 257 6.55 -0.09 -31.33
C GLN A 257 5.99 0.41 -32.66
N VAL A 258 5.72 -0.49 -33.60
CA VAL A 258 5.17 -0.06 -34.88
C VAL A 258 3.75 0.46 -34.70
N LYS A 259 2.97 -0.15 -33.79
CA LYS A 259 1.63 0.37 -33.52
C LYS A 259 1.68 1.79 -32.95
N LEU A 260 2.60 2.03 -32.02
CA LEU A 260 2.76 3.37 -31.47
C LEU A 260 3.24 4.34 -32.53
N LEU A 261 4.12 3.90 -33.43
CA LEU A 261 4.55 4.75 -34.52
C LEU A 261 3.38 5.13 -35.42
N ARG A 262 2.51 4.17 -35.73
CA ARG A 262 1.35 4.45 -36.56
C ARG A 262 0.41 5.43 -35.88
N VAL A 263 0.15 5.23 -34.58
CA VAL A 263 -0.77 6.12 -33.89
C VAL A 263 -0.18 7.52 -33.72
N LEU A 264 1.13 7.63 -33.54
CA LEU A 264 1.76 8.93 -33.35
C LEU A 264 1.89 9.71 -34.66
N GLN A 265 2.18 9.03 -35.76
CA GLN A 265 2.38 9.73 -37.03
C GLN A 265 1.06 10.21 -37.62
N GLU A 266 0.10 9.30 -37.77
CA GLU A 266 -1.17 9.65 -38.41
C GLU A 266 -2.21 10.20 -37.45
N ARG A 267 -1.92 10.23 -36.15
CA ARG A 267 -2.83 10.68 -35.10
C ARG A 267 -4.11 9.85 -35.04
N THR A 268 -4.12 8.66 -35.63
CA THR A 268 -5.26 7.77 -35.60
C THR A 268 -4.82 6.39 -35.15
N PHE A 269 -5.72 5.68 -34.47
CA PHE A 269 -5.45 4.32 -34.03
C PHE A 269 -6.66 3.44 -34.35
N GLU A 270 -6.56 2.18 -33.93
CA GLU A 270 -7.60 1.18 -34.14
C GLU A 270 -7.85 0.44 -32.84
N ARG A 271 -8.91 -0.36 -32.84
CA ARG A 271 -9.22 -1.26 -31.73
C ARG A 271 -8.97 -2.69 -32.20
N VAL A 272 -8.27 -3.46 -31.36
CA VAL A 272 -7.82 -4.78 -31.77
C VAL A 272 -9.02 -5.69 -32.03
N GLY A 273 -8.99 -6.39 -33.16
CA GLY A 273 -10.02 -7.33 -33.54
C GLY A 273 -10.97 -6.81 -34.60
N SER A 274 -10.99 -5.49 -34.83
CA SER A 274 -11.88 -4.88 -35.80
C SER A 274 -11.09 -3.93 -36.69
N ASN A 275 -11.55 -3.79 -37.93
CA ASN A 275 -10.90 -2.93 -38.92
C ASN A 275 -11.56 -1.55 -38.97
N LYS A 276 -11.52 -0.86 -37.84
CA LYS A 276 -12.07 0.48 -37.71
C LYS A 276 -11.01 1.42 -37.16
N THR A 277 -11.02 2.66 -37.64
CA THR A 277 -10.03 3.65 -37.28
C THR A 277 -10.69 4.85 -36.63
N GLN A 278 -10.00 5.46 -35.66
CA GLN A 278 -10.48 6.68 -35.02
C GLN A 278 -9.31 7.60 -34.73
N ASN A 279 -9.54 8.89 -34.88
CA ASN A 279 -8.50 9.91 -34.74
C ASN A 279 -8.63 10.62 -33.41
N VAL A 280 -7.49 10.79 -32.73
CA VAL A 280 -7.43 11.49 -31.45
C VAL A 280 -6.24 12.44 -31.47
N ASP A 281 -6.16 13.28 -30.43
CA ASP A 281 -5.07 14.24 -30.27
C ASP A 281 -4.33 13.99 -28.96
N VAL A 282 -4.11 12.72 -28.64
CA VAL A 282 -3.45 12.36 -27.38
C VAL A 282 -2.01 12.82 -27.40
N ARG A 283 -1.56 13.38 -26.28
CA ARG A 283 -0.16 13.76 -26.11
C ARG A 283 0.60 12.63 -25.44
N ILE A 284 1.70 12.21 -26.06
CA ILE A 284 2.49 11.08 -25.59
C ILE A 284 3.72 11.64 -24.87
N ILE A 285 3.76 11.43 -23.56
CA ILE A 285 4.90 11.79 -22.74
C ILE A 285 5.42 10.48 -22.14
N ALA A 286 6.59 10.04 -22.59
CA ALA A 286 7.16 8.77 -22.19
C ALA A 286 8.28 8.98 -21.17
N ALA A 287 8.56 7.91 -20.42
CA ALA A 287 9.57 7.96 -19.38
C ALA A 287 10.17 6.57 -19.22
N THR A 288 11.50 6.48 -19.28
CA THR A 288 12.21 5.21 -19.17
C THR A 288 13.38 5.37 -18.21
N HIS A 289 13.83 4.24 -17.65
CA HIS A 289 14.89 4.22 -16.64
C HIS A 289 16.12 3.46 -17.11
N LYS A 290 16.38 3.41 -18.41
CA LYS A 290 17.51 2.68 -18.96
C LYS A 290 18.14 3.40 -20.15
N ASN A 291 19.04 2.72 -20.84
CA ASN A 291 19.76 3.28 -21.97
C ASN A 291 19.16 2.73 -23.26
N LEU A 292 18.41 3.58 -23.97
CA LEU A 292 17.84 3.18 -25.25
C LEU A 292 18.91 3.09 -26.33
N GLU A 293 19.98 3.87 -26.20
CA GLU A 293 21.06 3.84 -27.18
C GLU A 293 21.74 2.48 -27.24
N LYS A 294 21.53 1.62 -26.24
CA LYS A 294 22.00 0.25 -26.29
C LYS A 294 20.88 -0.75 -26.58
N MET A 295 19.64 -0.44 -26.19
CA MET A 295 18.52 -1.32 -26.48
C MET A 295 18.17 -1.34 -27.96
N ILE A 296 18.37 -0.23 -28.67
CA ILE A 296 18.18 -0.23 -30.12
C ILE A 296 19.17 -1.17 -30.78
N GLU A 297 20.43 -1.11 -30.36
CA GLU A 297 21.46 -2.00 -30.91
C GLU A 297 21.20 -3.45 -30.54
N ASP A 298 20.70 -3.69 -29.33
CA ASP A 298 20.35 -5.05 -28.93
C ASP A 298 19.24 -5.63 -29.80
N GLY A 299 18.31 -4.79 -30.24
CA GLY A 299 17.24 -5.24 -31.10
C GLY A 299 15.89 -5.27 -30.41
N THR A 300 15.65 -4.32 -29.52
CA THR A 300 14.38 -4.23 -28.79
C THR A 300 13.61 -2.96 -29.10
N PHE A 301 14.29 -1.81 -29.17
CA PHE A 301 13.65 -0.53 -29.44
C PHE A 301 13.89 -0.16 -30.89
N ARG A 302 12.81 0.10 -31.62
CA ARG A 302 12.92 0.44 -33.03
C ARG A 302 13.46 1.86 -33.21
N GLU A 303 14.14 2.06 -34.34
CA GLU A 303 14.83 3.33 -34.59
C GLU A 303 13.84 4.48 -34.72
N ASP A 304 12.80 4.30 -35.53
CA ASP A 304 11.90 5.40 -35.85
C ASP A 304 11.15 5.88 -34.62
N LEU A 305 10.70 4.96 -33.77
CA LEU A 305 9.98 5.36 -32.55
C LEU A 305 10.90 6.15 -31.62
N TYR A 306 12.16 5.72 -31.50
CA TYR A 306 13.14 6.45 -30.69
C TYR A 306 13.34 7.86 -31.23
N TYR A 307 13.56 7.99 -32.53
CA TYR A 307 13.76 9.31 -33.12
C TYR A 307 12.50 10.16 -33.12
N ARG A 308 11.33 9.55 -33.00
CA ARG A 308 10.09 10.30 -32.90
C ARG A 308 9.81 10.75 -31.47
N LEU A 309 10.30 10.01 -30.48
CA LEU A 309 10.13 10.41 -29.09
C LEU A 309 11.24 11.32 -28.58
N ASN A 310 12.38 11.38 -29.26
CA ASN A 310 13.51 12.16 -28.75
C ASN A 310 13.44 13.62 -29.18
N VAL A 311 12.24 14.12 -29.49
CA VAL A 311 12.11 15.51 -29.88
C VAL A 311 12.52 16.44 -28.75
N PHE A 312 12.07 16.15 -27.52
CA PHE A 312 12.42 16.95 -26.35
C PHE A 312 12.74 16.02 -25.18
N PRO A 313 14.01 15.66 -25.01
CA PRO A 313 14.37 14.81 -23.88
C PRO A 313 14.30 15.57 -22.56
N ILE A 314 14.16 14.80 -21.47
CA ILE A 314 14.16 15.36 -20.12
C ILE A 314 14.89 14.37 -19.21
N GLU A 315 16.04 14.77 -18.69
CA GLU A 315 16.85 13.93 -17.83
C GLU A 315 16.72 14.37 -16.36
N MET A 316 16.39 13.44 -15.48
CA MET A 316 16.44 13.68 -14.06
C MET A 316 17.83 13.38 -13.52
N ALA A 317 17.98 13.51 -12.19
CA ALA A 317 19.20 13.18 -11.48
C ALA A 317 18.86 12.46 -10.19
N PRO A 318 19.74 11.59 -9.72
CA PRO A 318 19.47 10.87 -8.47
C PRO A 318 19.49 11.81 -7.27
N LEU A 319 18.86 11.35 -6.19
CA LEU A 319 18.83 12.15 -4.96
C LEU A 319 20.22 12.36 -4.41
N ARG A 320 21.08 11.34 -4.49
CA ARG A 320 22.43 11.46 -3.96
C ARG A 320 23.22 12.56 -4.65
N GLU A 321 22.83 12.93 -5.87
CA GLU A 321 23.52 14.00 -6.59
C GLU A 321 22.98 15.39 -6.26
N ARG A 322 21.91 15.48 -5.49
CA ARG A 322 21.35 16.75 -5.04
C ARG A 322 21.07 16.70 -3.54
N VAL A 323 22.08 16.27 -2.78
CA VAL A 323 21.91 16.02 -1.35
C VAL A 323 21.44 17.28 -0.63
N GLU A 324 21.94 18.45 -1.03
CA GLU A 324 21.55 19.67 -0.33
C GLU A 324 20.08 20.03 -0.53
N ASP A 325 19.31 19.25 -1.29
CA ASP A 325 17.87 19.45 -1.38
C ASP A 325 17.07 18.61 -0.39
N ILE A 326 17.69 17.58 0.19
CA ILE A 326 16.95 16.59 0.96
C ILE A 326 16.14 17.25 2.07
N ALA A 327 16.79 18.13 2.85
CA ALA A 327 16.11 18.80 3.94
C ALA A 327 14.83 19.48 3.45
N LEU A 328 14.92 20.18 2.33
CA LEU A 328 13.73 20.82 1.75
C LEU A 328 12.63 19.80 1.57
N LEU A 329 12.94 18.70 0.87
CA LEU A 329 11.97 17.63 0.70
C LEU A 329 11.50 17.12 2.06
N LEU A 330 12.43 16.95 2.99
CA LEU A 330 12.07 16.46 4.31
C LEU A 330 11.06 17.37 4.97
N ASN A 331 11.15 18.68 4.73
CA ASN A 331 10.12 19.58 5.22
C ASN A 331 8.84 19.42 4.41
N GLU A 332 8.97 19.44 3.08
CA GLU A 332 7.78 19.50 2.22
C GLU A 332 6.94 18.25 2.36
N LEU A 333 7.56 17.11 2.64
CA LEU A 333 6.80 15.91 2.98
C LEU A 333 6.07 16.09 4.30
N ILE A 334 6.79 16.53 5.34
CA ILE A 334 6.21 16.60 6.67
C ILE A 334 4.98 17.49 6.68
N SER A 335 5.10 18.70 6.11
CA SER A 335 3.93 19.57 5.98
C SER A 335 2.79 18.85 5.29
N ARG A 336 3.08 18.22 4.15
CA ARG A 336 2.06 17.44 3.45
C ARG A 336 1.37 16.49 4.41
N MET A 337 2.15 15.78 5.21
CA MET A 337 1.58 14.76 6.09
C MET A 337 0.62 15.41 7.08
N GLU A 338 1.02 16.54 7.68
CA GLU A 338 0.12 17.17 8.65
C GLU A 338 -1.04 17.85 7.95
N HIS A 339 -0.91 18.12 6.66
CA HIS A 339 -2.05 18.62 5.90
C HIS A 339 -2.80 17.49 5.21
N GLU A 340 -2.31 16.26 5.34
CA GLU A 340 -3.05 15.08 4.92
C GLU A 340 -3.59 14.44 6.19
N LYS A 341 -4.26 13.28 6.09
CA LYS A 341 -4.78 12.62 7.28
C LYS A 341 -3.65 11.96 8.07
N ARG A 342 -2.70 12.75 8.55
CA ARG A 342 -1.59 12.24 9.34
C ARG A 342 -1.11 13.35 10.27
N GLY A 343 -0.50 12.93 11.39
CA GLY A 343 0.08 13.87 12.32
C GLY A 343 1.42 14.41 11.85
N SER A 344 1.99 15.29 12.67
CA SER A 344 3.23 15.99 12.34
C SER A 344 4.40 15.35 13.08
N ILE A 345 5.55 15.26 12.41
CA ILE A 345 6.75 14.67 12.98
C ILE A 345 7.86 15.71 12.99
N ARG A 346 8.63 15.70 14.08
CA ARG A 346 9.76 16.61 14.24
C ARG A 346 11.05 15.81 14.36
N PHE A 347 12.11 16.30 13.72
CA PHE A 347 13.39 15.62 13.70
C PHE A 347 14.44 16.41 14.48
N ASN A 348 15.41 15.70 15.01
CA ASN A 348 16.57 16.29 15.64
C ASN A 348 17.64 16.59 14.59
N SER A 349 18.64 17.39 14.99
CA SER A 349 19.73 17.73 14.08
C SER A 349 20.49 16.48 13.62
N ALA A 350 20.77 15.58 14.57
CA ALA A 350 21.53 14.38 14.22
C ALA A 350 20.76 13.50 13.23
N ALA A 351 19.44 13.42 13.38
CA ALA A 351 18.63 12.59 12.50
C ALA A 351 18.73 13.06 11.05
N ILE A 352 18.50 14.34 10.80
CA ILE A 352 18.60 14.87 9.44
C ILE A 352 20.03 14.84 8.93
N MET A 353 21.02 15.11 9.80
CA MET A 353 22.40 15.07 9.36
C MET A 353 22.78 13.67 8.90
N SER A 354 22.30 12.63 9.60
CA SER A 354 22.50 11.27 9.15
C SER A 354 21.70 10.97 7.89
N LEU A 355 20.49 11.52 7.78
CA LEU A 355 19.66 11.28 6.59
C LEU A 355 20.30 11.86 5.33
N CYS A 356 21.05 12.94 5.46
CA CYS A 356 21.76 13.54 4.34
C CYS A 356 23.04 12.79 3.98
N ARG A 357 23.42 11.79 4.77
CA ARG A 357 24.59 10.98 4.46
C ARG A 357 24.25 9.71 3.68
N HIS A 358 22.98 9.48 3.38
CA HIS A 358 22.56 8.26 2.72
C HIS A 358 22.82 8.33 1.22
N ASP A 359 23.31 7.23 0.66
CA ASP A 359 23.54 7.15 -0.78
C ASP A 359 22.26 7.10 -1.59
N TRP A 360 21.13 6.76 -0.96
CA TRP A 360 19.82 6.72 -1.59
C TRP A 360 19.82 5.79 -2.79
N PRO A 361 19.91 4.47 -2.59
CA PRO A 361 19.80 3.56 -3.74
C PRO A 361 18.48 3.70 -4.47
N GLY A 362 17.42 3.98 -3.72
CA GLY A 362 16.16 4.44 -4.31
C GLY A 362 16.09 5.95 -4.20
N ASN A 363 15.45 6.56 -5.18
CA ASN A 363 15.32 8.01 -5.22
C ASN A 363 14.18 8.47 -4.32
N VAL A 364 13.72 9.71 -4.53
CA VAL A 364 12.75 10.42 -3.70
C VAL A 364 11.61 9.53 -3.21
N ARG A 365 11.23 8.55 -4.03
CA ARG A 365 10.12 7.67 -3.66
C ARG A 365 10.39 6.96 -2.34
N GLU A 366 11.60 6.42 -2.16
CA GLU A 366 11.89 5.75 -0.91
C GLU A 366 12.06 6.73 0.23
N LEU A 367 12.46 7.97 -0.06
CA LEU A 367 12.47 9.00 0.98
C LEU A 367 11.06 9.26 1.50
N ALA A 368 10.09 9.37 0.60
CA ALA A 368 8.70 9.55 1.01
C ALA A 368 8.19 8.32 1.76
N ASN A 369 8.58 7.13 1.30
CA ASN A 369 8.18 5.91 1.99
C ASN A 369 8.72 5.89 3.42
N LEU A 370 9.99 6.27 3.59
CA LEU A 370 10.58 6.32 4.93
C LEU A 370 9.88 7.35 5.79
N VAL A 371 9.59 8.53 5.24
CA VAL A 371 8.95 9.59 6.01
C VAL A 371 7.58 9.12 6.49
N GLU A 372 6.79 8.54 5.59
CA GLU A 372 5.46 8.05 5.99
C GLU A 372 5.56 6.91 6.99
N ARG A 373 6.52 6.00 6.79
CA ARG A 373 6.63 4.84 7.69
C ARG A 373 7.03 5.27 9.09
N LEU A 374 7.93 6.26 9.21
CA LEU A 374 8.28 6.74 10.54
C LEU A 374 7.19 7.62 11.14
N ALA A 375 6.40 8.28 10.29
CA ALA A 375 5.27 9.06 10.80
C ALA A 375 4.20 8.17 11.40
N ILE A 376 3.90 7.04 10.74
CA ILE A 376 2.89 6.13 11.24
C ILE A 376 3.45 5.03 12.14
N MET A 377 4.77 5.00 12.34
CA MET A 377 5.38 4.05 13.26
C MET A 377 5.57 4.65 14.66
N HIS A 378 6.22 5.81 14.75
CA HIS A 378 6.43 6.48 16.03
C HIS A 378 5.95 7.92 15.88
N PRO A 379 4.66 8.15 16.05
CA PRO A 379 4.10 9.48 15.81
C PRO A 379 4.13 10.34 17.07
N TYR A 380 3.99 11.66 16.85
CA TYR A 380 3.91 12.67 17.90
C TYR A 380 4.98 12.49 18.97
N GLY A 381 6.13 11.96 18.58
CA GLY A 381 7.22 11.67 19.47
C GLY A 381 8.31 12.72 19.43
N VAL A 382 9.53 12.28 19.73
CA VAL A 382 10.70 13.16 19.79
C VAL A 382 11.79 12.56 18.92
N ILE A 383 11.38 11.89 17.84
CA ILE A 383 12.25 11.08 16.98
C ILE A 383 13.55 11.80 16.64
N GLY A 384 14.67 11.16 16.95
CA GLY A 384 15.98 11.69 16.61
C GLY A 384 16.76 10.72 15.73
N VAL A 385 18.09 10.75 15.85
CA VAL A 385 18.91 9.86 15.02
C VAL A 385 18.69 8.41 15.42
N GLY A 386 18.46 8.13 16.70
CA GLY A 386 18.27 6.76 17.13
C GLY A 386 17.00 6.13 16.59
N GLU A 387 15.91 6.89 16.56
CA GLU A 387 14.64 6.36 16.09
C GLU A 387 14.64 6.05 14.60
N LEU A 388 15.59 6.58 13.86
CA LEU A 388 15.70 6.27 12.44
C LEU A 388 16.10 4.81 12.26
N PRO A 389 15.73 4.21 11.12
CA PRO A 389 16.13 2.82 10.87
C PRO A 389 17.64 2.66 10.81
N LYS A 390 18.09 1.41 10.91
CA LYS A 390 19.52 1.14 10.97
C LYS A 390 20.24 1.57 9.70
N LYS A 391 19.63 1.31 8.54
CA LYS A 391 20.26 1.65 7.27
C LYS A 391 20.47 3.15 7.14
N PHE A 392 19.48 3.94 7.55
CA PHE A 392 19.55 5.39 7.44
C PHE A 392 20.42 6.02 8.52
N ARG A 393 20.77 5.28 9.56
CA ARG A 393 21.56 5.80 10.67
C ARG A 393 23.03 5.83 10.26
N HIS A 394 23.54 7.01 9.93
CA HIS A 394 24.92 7.20 9.53
C HIS A 394 25.63 8.08 10.54
N VAL A 395 26.75 7.62 11.06
CA VAL A 395 27.52 8.36 12.04
C VAL A 395 28.97 8.48 11.61
N HIS B 12 10.25 -51.44 -0.72
CA HIS B 12 9.11 -50.76 -0.14
C HIS B 12 8.77 -49.50 -0.92
N PRO B 13 7.74 -49.58 -1.78
CA PRO B 13 7.36 -48.42 -2.58
C PRO B 13 6.91 -47.26 -1.71
N VAL B 14 7.43 -46.08 -2.00
CA VAL B 14 7.20 -44.91 -1.17
C VAL B 14 5.77 -44.44 -1.35
N GLN B 15 5.04 -44.32 -0.24
CA GLN B 15 3.70 -43.74 -0.24
C GLN B 15 3.82 -42.29 0.23
N VAL B 16 3.32 -41.37 -0.59
CA VAL B 16 3.44 -39.94 -0.35
C VAL B 16 2.05 -39.41 -0.04
N ILE B 17 1.90 -38.72 1.08
CA ILE B 17 0.63 -38.13 1.47
C ILE B 17 0.70 -36.62 1.25
N ALA B 18 -0.35 -36.07 0.65
CA ALA B 18 -0.47 -34.64 0.42
C ALA B 18 -1.67 -34.12 1.20
N VAL B 19 -1.50 -32.98 1.87
CA VAL B 19 -2.53 -32.40 2.71
C VAL B 19 -3.18 -31.24 1.95
N THR B 20 -4.50 -31.32 1.76
CA THR B 20 -5.24 -30.35 0.98
C THR B 20 -6.48 -29.86 1.71
N GLY B 21 -7.37 -29.19 0.99
CA GLY B 21 -8.60 -28.69 1.57
C GLY B 21 -9.07 -27.38 0.98
N GLY B 22 -8.22 -26.72 0.21
CA GLY B 22 -8.62 -25.52 -0.50
C GLY B 22 -8.81 -24.31 0.40
N LYS B 23 -9.67 -24.45 1.41
CA LYS B 23 -9.95 -23.35 2.32
C LYS B 23 -8.69 -22.97 3.09
N GLY B 24 -8.42 -21.67 3.18
CA GLY B 24 -7.22 -21.20 3.82
C GLY B 24 -7.35 -21.13 5.34
N GLY B 25 -6.22 -21.33 6.01
CA GLY B 25 -6.18 -21.24 7.45
C GLY B 25 -6.81 -22.40 8.19
N VAL B 26 -7.14 -23.48 7.49
CA VAL B 26 -7.70 -24.65 8.16
C VAL B 26 -6.68 -25.27 9.10
N GLY B 27 -5.40 -25.12 8.80
CA GLY B 27 -4.41 -25.87 9.55
C GLY B 27 -3.54 -26.73 8.67
N LYS B 28 -3.51 -26.43 7.36
CA LYS B 28 -2.86 -27.32 6.41
C LYS B 28 -1.37 -27.45 6.69
N THR B 29 -0.67 -26.31 6.77
CA THR B 29 0.76 -26.35 7.11
C THR B 29 0.97 -26.90 8.51
N ASN B 30 0.14 -26.46 9.45
CA ASN B 30 0.27 -26.91 10.83
C ASN B 30 0.00 -28.40 10.96
N VAL B 31 -1.09 -28.89 10.34
CA VAL B 31 -1.40 -30.31 10.44
C VAL B 31 -0.34 -31.14 9.72
N SER B 32 0.19 -30.64 8.61
CA SER B 32 1.24 -31.36 7.90
C SER B 32 2.49 -31.49 8.76
N VAL B 33 2.92 -30.38 9.35
CA VAL B 33 4.13 -30.40 10.18
C VAL B 33 3.94 -31.33 11.37
N ASN B 34 2.81 -31.20 12.07
CA ASN B 34 2.59 -32.00 13.27
C ASN B 34 2.43 -33.48 12.94
N LEU B 35 1.72 -33.80 11.85
CA LEU B 35 1.57 -35.19 11.46
C LEU B 35 2.90 -35.80 11.06
N ALA B 36 3.72 -35.05 10.31
CA ALA B 36 5.05 -35.56 9.94
C ALA B 36 5.89 -35.81 11.18
N LEU B 37 5.85 -34.89 12.14
CA LEU B 37 6.55 -35.12 13.40
C LEU B 37 5.99 -36.34 14.11
N ALA B 38 4.69 -36.58 14.00
CA ALA B 38 4.08 -37.75 14.63
C ALA B 38 4.61 -39.04 14.02
N LEU B 39 4.63 -39.13 12.69
CA LEU B 39 5.20 -40.33 12.07
C LEU B 39 6.67 -40.49 12.40
N ALA B 40 7.42 -39.37 12.42
CA ALA B 40 8.85 -39.45 12.74
C ALA B 40 9.06 -39.99 14.15
N ASP B 41 8.26 -39.52 15.11
CA ASP B 41 8.35 -40.03 16.47
C ASP B 41 7.81 -41.44 16.60
N LEU B 42 7.01 -41.90 15.63
CA LEU B 42 6.47 -43.25 15.63
C LEU B 42 7.20 -44.14 14.64
N GLY B 43 8.52 -43.98 14.52
CA GLY B 43 9.31 -44.79 13.62
C GLY B 43 9.60 -44.08 12.31
N ARG B 44 10.18 -44.86 11.39
CA ARG B 44 10.45 -44.39 10.03
C ARG B 44 11.32 -43.14 10.01
N ARG B 45 11.42 -42.49 8.86
CA ARG B 45 12.19 -41.26 8.73
C ARG B 45 11.51 -40.39 7.67
N VAL B 46 10.65 -39.48 8.14
CA VAL B 46 9.85 -38.67 7.23
C VAL B 46 10.72 -37.58 6.62
N MET B 47 10.34 -37.16 5.41
CA MET B 47 11.00 -36.07 4.70
C MET B 47 9.91 -35.10 4.23
N LEU B 48 9.57 -34.15 5.09
CA LEU B 48 8.48 -33.23 4.78
C LEU B 48 8.85 -32.33 3.61
N LEU B 49 7.86 -32.05 2.77
CA LEU B 49 7.95 -31.08 1.70
C LEU B 49 6.75 -30.16 1.78
N ASP B 50 6.96 -28.87 1.54
CA ASP B 50 5.87 -27.91 1.46
C ASP B 50 5.64 -27.55 0.00
N ALA B 51 4.43 -27.82 -0.49
CA ALA B 51 4.09 -27.52 -1.88
C ALA B 51 3.76 -26.06 -2.10
N ALA B 52 3.56 -25.29 -1.04
CA ALA B 52 3.38 -23.85 -1.16
C ALA B 52 4.75 -23.24 -1.45
N LEU B 53 5.16 -23.37 -2.71
CA LEU B 53 6.53 -23.05 -3.11
C LEU B 53 6.85 -21.56 -2.96
N GLY B 54 5.86 -20.70 -2.82
CA GLY B 54 6.11 -19.29 -2.63
C GLY B 54 5.83 -18.82 -1.22
N LEU B 55 5.14 -19.65 -0.44
CA LEU B 55 4.80 -19.34 0.96
C LEU B 55 5.20 -20.53 1.82
N ALA B 56 6.46 -20.55 2.25
CA ALA B 56 6.98 -21.63 3.07
C ALA B 56 6.74 -21.28 4.54
N ASN B 57 5.79 -21.97 5.18
CA ASN B 57 5.49 -21.77 6.59
C ASN B 57 5.93 -22.93 7.46
N VAL B 58 6.45 -24.01 6.87
CA VAL B 58 6.95 -25.14 7.66
C VAL B 58 8.15 -24.72 8.49
N ASP B 59 9.09 -23.98 7.89
CA ASP B 59 10.26 -23.52 8.63
C ASP B 59 9.88 -22.57 9.75
N VAL B 60 8.92 -21.67 9.50
CA VAL B 60 8.49 -20.73 10.53
C VAL B 60 7.85 -21.47 11.70
N LEU B 61 6.98 -22.44 11.40
CA LEU B 61 6.36 -23.22 12.46
C LEU B 61 7.38 -24.08 13.21
N LEU B 62 8.43 -24.51 12.53
CA LEU B 62 9.47 -25.32 13.17
C LEU B 62 10.61 -24.49 13.73
N GLY B 63 10.68 -23.20 13.41
CA GLY B 63 11.74 -22.35 13.89
C GLY B 63 13.06 -22.53 13.19
N LEU B 64 13.12 -23.35 12.14
CA LEU B 64 14.36 -23.62 11.43
C LEU B 64 14.69 -22.47 10.49
N THR B 65 16.00 -22.31 10.23
CA THR B 65 16.51 -21.28 9.33
C THR B 65 17.05 -21.97 8.08
N PRO B 66 16.37 -21.84 6.94
CA PRO B 66 16.82 -22.52 5.73
C PRO B 66 17.92 -21.77 5.00
N LYS B 67 19.14 -22.31 5.05
CA LYS B 67 20.25 -21.69 4.32
C LYS B 67 20.02 -21.74 2.82
N ARG B 68 19.58 -22.88 2.31
CA ARG B 68 19.26 -23.06 0.89
C ARG B 68 17.86 -23.63 0.77
N THR B 69 17.03 -23.00 -0.06
CA THR B 69 15.63 -23.36 -0.20
C THR B 69 15.41 -24.06 -1.53
N LEU B 70 14.14 -24.48 -1.75
CA LEU B 70 13.79 -25.17 -2.97
C LEU B 70 13.85 -24.27 -4.20
N ALA B 71 13.83 -22.95 -4.00
CA ALA B 71 13.98 -22.04 -5.14
C ALA B 71 15.34 -22.19 -5.80
N ASP B 72 16.38 -22.56 -5.02
CA ASP B 72 17.69 -22.77 -5.60
C ASP B 72 17.70 -23.98 -6.54
N VAL B 73 17.03 -25.07 -6.15
CA VAL B 73 17.02 -26.24 -7.01
C VAL B 73 16.04 -26.05 -8.18
N ILE B 74 15.05 -25.17 -8.00
CA ILE B 74 14.20 -24.82 -9.14
C ILE B 74 14.99 -24.06 -10.19
N GLU B 75 15.84 -23.13 -9.77
CA GLU B 75 16.67 -22.36 -10.68
C GLU B 75 17.95 -23.11 -11.05
N GLY B 76 18.19 -24.29 -10.50
CA GLY B 76 19.37 -25.07 -10.82
C GLY B 76 20.62 -24.66 -10.09
N ARG B 77 20.52 -23.77 -9.09
CA ARG B 77 21.71 -23.31 -8.38
C ARG B 77 22.39 -24.43 -7.62
N CYS B 78 21.61 -25.29 -6.97
CA CYS B 78 22.16 -26.41 -6.22
C CYS B 78 21.30 -27.64 -6.44
N GLU B 79 21.83 -28.79 -6.05
CA GLU B 79 21.11 -30.05 -6.17
C GLU B 79 20.09 -30.18 -5.06
N LEU B 80 19.17 -31.13 -5.24
CA LEU B 80 18.10 -31.35 -4.26
C LEU B 80 18.66 -31.77 -2.91
N ARG B 81 19.62 -32.70 -2.91
CA ARG B 81 20.18 -33.19 -1.66
C ARG B 81 20.82 -32.08 -0.84
N ASP B 82 21.16 -30.96 -1.48
CA ASP B 82 21.74 -29.83 -0.76
C ASP B 82 20.73 -29.17 0.16
N VAL B 83 19.44 -29.17 -0.19
CA VAL B 83 18.45 -28.40 0.57
C VAL B 83 17.74 -29.24 1.62
N LEU B 84 18.17 -30.49 1.82
CA LEU B 84 17.60 -31.33 2.88
C LEU B 84 18.15 -30.82 4.21
N LEU B 85 17.30 -30.16 4.99
CA LEU B 85 17.70 -29.50 6.23
C LEU B 85 17.14 -30.27 7.41
N LEU B 86 18.01 -30.71 8.30
CA LEU B 86 17.58 -31.49 9.46
C LEU B 86 16.83 -30.60 10.45
N GLY B 87 15.74 -31.13 11.00
CA GLY B 87 14.97 -30.41 11.98
C GLY B 87 14.56 -31.29 13.14
N PRO B 88 13.52 -30.88 13.87
CA PRO B 88 13.08 -31.66 15.03
C PRO B 88 12.58 -33.03 14.63
N GLY B 89 12.81 -34.01 15.51
CA GLY B 89 12.35 -35.36 15.28
C GLY B 89 13.09 -36.10 14.19
N GLY B 90 14.26 -35.62 13.77
CA GLY B 90 14.98 -36.25 12.68
C GLY B 90 14.26 -36.17 11.36
N VAL B 91 13.71 -35.00 11.03
CA VAL B 91 12.94 -34.81 9.80
C VAL B 91 13.77 -33.93 8.87
N ARG B 92 13.93 -34.38 7.62
CA ARG B 92 14.67 -33.63 6.61
C ARG B 92 13.70 -32.71 5.90
N ILE B 93 13.47 -31.54 6.49
CA ILE B 93 12.60 -30.55 5.88
C ILE B 93 13.21 -30.08 4.57
N VAL B 94 12.36 -29.76 3.60
CA VAL B 94 12.78 -29.23 2.31
C VAL B 94 12.11 -27.88 2.11
N PRO B 95 12.59 -26.82 2.77
CA PRO B 95 11.90 -25.53 2.68
C PRO B 95 11.91 -24.96 1.27
N ALA B 96 10.86 -24.22 0.95
CA ALA B 96 10.77 -23.52 -0.31
C ALA B 96 10.96 -22.02 -0.09
N ALA B 97 10.86 -21.26 -1.17
CA ALA B 97 11.04 -19.82 -1.09
C ALA B 97 9.84 -19.17 -0.41
N SER B 98 10.07 -18.00 0.19
CA SER B 98 9.04 -17.20 0.81
C SER B 98 9.02 -15.83 0.14
N GLY B 99 7.83 -15.37 -0.23
CA GLY B 99 7.70 -14.09 -0.91
C GLY B 99 8.32 -14.06 -2.29
N THR B 100 8.11 -15.09 -3.09
CA THR B 100 8.63 -15.17 -4.46
C THR B 100 7.50 -15.63 -5.37
N GLN B 101 6.92 -14.69 -6.13
CA GLN B 101 5.84 -15.04 -7.04
C GLN B 101 6.34 -15.92 -8.18
N SER B 102 7.57 -15.69 -8.63
CA SER B 102 8.16 -16.52 -9.68
C SER B 102 8.24 -17.99 -9.26
N MET B 103 8.24 -18.26 -7.96
CA MET B 103 8.24 -19.62 -7.45
C MET B 103 6.83 -20.16 -7.18
N VAL B 104 5.79 -19.37 -7.46
CA VAL B 104 4.43 -19.81 -7.17
C VAL B 104 3.81 -20.44 -8.40
N HIS B 105 3.67 -19.68 -9.48
CA HIS B 105 3.01 -20.13 -10.70
C HIS B 105 4.08 -20.57 -11.69
N LEU B 106 4.36 -21.86 -11.70
CA LEU B 106 5.29 -22.46 -12.64
C LEU B 106 4.53 -23.22 -13.72
N SER B 107 5.18 -23.40 -14.86
CA SER B 107 4.59 -24.23 -15.90
C SER B 107 4.54 -25.68 -15.44
N PRO B 108 3.58 -26.46 -15.94
CA PRO B 108 3.52 -27.88 -15.54
C PRO B 108 4.80 -28.63 -15.82
N MET B 109 5.57 -28.19 -16.81
CA MET B 109 6.85 -28.85 -17.10
C MET B 109 7.80 -28.73 -15.91
N GLN B 110 7.87 -27.55 -15.30
CA GLN B 110 8.76 -27.36 -14.15
C GLN B 110 8.28 -28.18 -12.95
N HIS B 111 6.97 -28.23 -12.73
CA HIS B 111 6.43 -29.05 -11.64
C HIS B 111 6.80 -30.51 -11.85
N ALA B 112 6.63 -31.01 -13.08
CA ALA B 112 7.01 -32.39 -13.38
C ALA B 112 8.50 -32.62 -13.21
N GLY B 113 9.32 -31.63 -13.59
CA GLY B 113 10.75 -31.77 -13.37
C GLY B 113 11.09 -31.87 -11.90
N LEU B 114 10.39 -31.11 -11.06
CA LEU B 114 10.56 -31.23 -9.61
C LEU B 114 10.15 -32.61 -9.12
N ILE B 115 9.02 -33.13 -9.61
CA ILE B 115 8.57 -34.45 -9.19
C ILE B 115 9.61 -35.50 -9.57
N GLN B 116 10.16 -35.40 -10.78
CA GLN B 116 11.18 -36.34 -11.22
C GLN B 116 12.49 -36.16 -10.46
N ALA B 117 12.82 -34.92 -10.06
CA ALA B 117 14.03 -34.68 -9.28
C ALA B 117 13.94 -35.27 -7.88
N PHE B 118 12.73 -35.41 -7.34
CA PHE B 118 12.61 -36.15 -6.08
C PHE B 118 13.06 -37.60 -6.19
N SER B 119 13.19 -38.16 -7.39
CA SER B 119 13.57 -39.57 -7.51
C SER B 119 14.98 -39.84 -7.00
N ASP B 120 15.82 -38.80 -6.88
CA ASP B 120 17.20 -39.02 -6.46
C ASP B 120 17.28 -39.50 -5.01
N ILE B 121 16.45 -38.93 -4.13
CA ILE B 121 16.51 -39.30 -2.72
C ILE B 121 15.92 -40.68 -2.53
N SER B 122 16.63 -41.52 -1.77
CA SER B 122 16.23 -42.90 -1.54
C SER B 122 16.36 -43.26 -0.06
N ASP B 123 16.03 -42.31 0.81
CA ASP B 123 16.08 -42.51 2.26
C ASP B 123 14.78 -42.05 2.89
N ASN B 124 13.66 -42.41 2.27
CA ASN B 124 12.32 -42.10 2.79
C ASN B 124 11.59 -43.41 3.01
N LEU B 125 11.43 -43.81 4.28
CA LEU B 125 10.80 -45.08 4.62
C LEU B 125 9.30 -44.98 4.43
N ASP B 126 8.90 -44.95 3.15
CA ASP B 126 7.49 -44.95 2.76
C ASP B 126 6.76 -43.74 3.34
N VAL B 127 7.46 -42.63 3.49
CA VAL B 127 6.91 -41.44 4.12
C VAL B 127 7.38 -40.16 3.42
N LEU B 128 6.44 -39.33 3.00
CA LEU B 128 6.76 -38.00 2.50
C LEU B 128 5.47 -37.19 2.56
N VAL B 129 5.50 -36.10 3.33
CA VAL B 129 4.33 -35.25 3.55
C VAL B 129 4.46 -34.01 2.69
N VAL B 130 3.41 -33.72 1.92
CA VAL B 130 3.35 -32.55 1.04
C VAL B 130 2.36 -31.57 1.63
N ASP B 131 2.77 -30.32 1.77
CA ASP B 131 1.91 -29.26 2.28
C ASP B 131 1.46 -28.40 1.10
N THR B 132 0.33 -28.76 0.52
CA THR B 132 -0.20 -28.03 -0.61
C THR B 132 -0.73 -26.67 -0.19
N ALA B 133 -0.60 -25.69 -1.08
CA ALA B 133 -1.06 -24.35 -0.81
C ALA B 133 -2.58 -24.28 -0.88
N ALA B 134 -3.13 -23.18 -0.36
CA ALA B 134 -4.57 -22.98 -0.40
C ALA B 134 -5.04 -22.73 -1.83
N GLY B 135 -6.23 -23.22 -2.15
CA GLY B 135 -6.83 -23.04 -3.46
C GLY B 135 -6.86 -24.33 -4.25
N ILE B 136 -7.36 -24.20 -5.47
CA ILE B 136 -7.52 -25.34 -6.37
C ILE B 136 -6.70 -25.02 -7.63
N GLY B 137 -5.60 -24.30 -7.44
CA GLY B 137 -4.78 -23.87 -8.56
C GLY B 137 -4.04 -25.03 -9.21
N ASP B 138 -3.22 -24.67 -10.21
CA ASP B 138 -2.51 -25.67 -10.99
C ASP B 138 -1.51 -26.43 -10.13
N SER B 139 -0.82 -25.73 -9.21
CA SER B 139 0.16 -26.39 -8.37
C SER B 139 -0.47 -27.44 -7.48
N VAL B 140 -1.61 -27.12 -6.87
CA VAL B 140 -2.27 -28.04 -5.94
C VAL B 140 -2.69 -29.31 -6.66
N VAL B 141 -3.33 -29.15 -7.83
CA VAL B 141 -3.79 -30.33 -8.56
C VAL B 141 -2.59 -31.13 -9.08
N SER B 142 -1.57 -30.44 -9.58
CA SER B 142 -0.39 -31.14 -10.07
C SER B 142 0.26 -31.97 -8.98
N PHE B 143 0.27 -31.45 -7.74
CA PHE B 143 0.86 -32.20 -6.64
C PHE B 143 -0.04 -33.32 -6.15
N VAL B 144 -1.38 -33.15 -6.19
CA VAL B 144 -2.24 -34.23 -5.70
C VAL B 144 -2.26 -35.39 -6.69
N ARG B 145 -2.18 -35.09 -7.99
CA ARG B 145 -2.02 -36.18 -8.97
C ARG B 145 -0.72 -36.94 -8.73
N ALA B 146 0.33 -36.26 -8.25
CA ALA B 146 1.58 -36.93 -7.96
C ALA B 146 1.55 -37.74 -6.68
N ALA B 147 0.60 -37.47 -5.79
CA ALA B 147 0.54 -38.12 -4.49
C ALA B 147 -0.34 -39.36 -4.55
N GLN B 148 -0.06 -40.30 -3.65
CA GLN B 148 -0.85 -41.51 -3.54
C GLN B 148 -1.99 -41.40 -2.53
N GLU B 149 -1.78 -40.67 -1.44
CA GLU B 149 -2.83 -40.31 -0.50
C GLU B 149 -3.00 -38.80 -0.52
N VAL B 150 -4.24 -38.35 -0.68
CA VAL B 150 -4.58 -36.94 -0.60
C VAL B 150 -5.42 -36.75 0.65
N LEU B 151 -4.91 -35.95 1.59
CA LEU B 151 -5.56 -35.72 2.87
C LEU B 151 -6.27 -34.37 2.83
N LEU B 152 -7.57 -34.38 3.11
CA LEU B 152 -8.38 -33.18 3.12
C LEU B 152 -8.59 -32.72 4.56
N VAL B 153 -8.18 -31.50 4.88
CA VAL B 153 -8.43 -30.89 6.17
C VAL B 153 -9.48 -29.80 5.97
N VAL B 154 -10.58 -29.91 6.71
CA VAL B 154 -11.71 -28.99 6.61
C VAL B 154 -12.25 -28.71 8.01
N CYS B 155 -12.85 -27.53 8.18
CA CYS B 155 -13.40 -27.09 9.44
C CYS B 155 -14.91 -26.91 9.32
N ASP B 156 -15.59 -26.93 10.46
CA ASP B 156 -17.04 -26.85 10.46
C ASP B 156 -17.44 -25.42 10.10
N GLU B 157 -17.51 -25.15 8.81
CA GLU B 157 -17.90 -23.85 8.29
C GLU B 157 -18.31 -24.03 6.84
N PRO B 158 -19.46 -23.48 6.42
CA PRO B 158 -19.96 -23.78 5.07
C PRO B 158 -19.02 -23.39 3.95
N THR B 159 -18.20 -22.35 4.13
CA THR B 159 -17.23 -22.00 3.08
C THR B 159 -16.18 -23.08 2.90
N SER B 160 -15.72 -23.68 4.00
CA SER B 160 -14.78 -24.79 3.90
C SER B 160 -15.41 -25.97 3.19
N ILE B 161 -16.69 -26.26 3.49
CA ILE B 161 -17.40 -27.32 2.80
C ILE B 161 -17.46 -27.03 1.30
N THR B 162 -17.78 -25.79 0.94
CA THR B 162 -17.87 -25.42 -0.46
C THR B 162 -16.53 -25.58 -1.17
N ASP B 163 -15.45 -25.14 -0.53
CA ASP B 163 -14.13 -25.25 -1.15
C ASP B 163 -13.71 -26.71 -1.31
N ALA B 164 -13.93 -27.53 -0.28
CA ALA B 164 -13.58 -28.94 -0.39
C ALA B 164 -14.39 -29.63 -1.47
N TYR B 165 -15.69 -29.33 -1.56
CA TYR B 165 -16.51 -29.91 -2.61
C TYR B 165 -16.08 -29.43 -3.98
N ALA B 166 -15.65 -28.16 -4.10
CA ALA B 166 -15.17 -27.67 -5.38
C ALA B 166 -13.90 -28.38 -5.81
N LEU B 167 -12.98 -28.61 -4.87
CA LEU B 167 -11.78 -29.37 -5.19
C LEU B 167 -12.12 -30.80 -5.61
N ILE B 168 -13.04 -31.44 -4.90
CA ILE B 168 -13.46 -32.78 -5.25
C ILE B 168 -14.07 -32.80 -6.64
N LYS B 169 -14.91 -31.82 -6.94
CA LYS B 169 -15.57 -31.75 -8.24
C LYS B 169 -14.56 -31.55 -9.36
N LEU B 170 -13.58 -30.66 -9.16
CA LEU B 170 -12.55 -30.45 -10.17
C LEU B 170 -11.77 -31.73 -10.42
N LEU B 171 -11.35 -32.41 -9.34
CA LEU B 171 -10.55 -33.61 -9.51
C LEU B 171 -11.34 -34.71 -10.21
N ASN B 172 -12.60 -34.91 -9.81
CA ASN B 172 -13.44 -35.91 -10.48
C ASN B 172 -13.62 -35.58 -11.95
N ARG B 173 -14.00 -34.32 -12.25
CA ARG B 173 -14.36 -33.97 -13.62
C ARG B 173 -13.18 -34.03 -14.56
N ASP B 174 -12.01 -33.54 -14.13
CA ASP B 174 -10.87 -33.54 -15.05
C ASP B 174 -10.05 -34.82 -15.01
N HIS B 175 -9.77 -35.33 -13.82
CA HIS B 175 -8.80 -36.41 -13.67
C HIS B 175 -9.40 -37.67 -13.06
N GLY B 176 -10.67 -37.65 -12.68
CA GLY B 176 -11.34 -38.86 -12.22
C GLY B 176 -10.76 -39.48 -10.98
N MET B 177 -10.29 -38.67 -10.04
CA MET B 177 -9.87 -39.19 -8.75
C MET B 177 -11.09 -39.74 -8.01
N THR B 178 -10.88 -40.82 -7.24
CA THR B 178 -12.00 -41.57 -6.72
C THR B 178 -11.93 -41.72 -5.20
N ARG B 179 -10.73 -41.87 -4.65
CA ARG B 179 -10.54 -42.10 -3.24
C ARG B 179 -9.98 -40.85 -2.57
N PHE B 180 -10.57 -40.48 -1.44
CA PHE B 180 -10.17 -39.28 -0.71
C PHE B 180 -10.23 -39.55 0.79
N ARG B 181 -9.43 -38.79 1.54
CA ARG B 181 -9.37 -38.88 2.99
C ARG B 181 -9.84 -37.56 3.59
N VAL B 182 -10.75 -37.64 4.56
CA VAL B 182 -11.34 -36.46 5.18
C VAL B 182 -10.82 -36.34 6.60
N LEU B 183 -10.28 -35.17 6.93
CA LEU B 183 -9.78 -34.87 8.26
C LEU B 183 -10.41 -33.57 8.73
N ALA B 184 -10.89 -33.55 9.98
CA ALA B 184 -11.59 -32.40 10.53
C ALA B 184 -10.65 -31.61 11.43
N ASN B 185 -10.66 -30.29 11.30
CA ASN B 185 -9.82 -29.40 12.07
C ASN B 185 -10.66 -28.28 12.68
N MET B 186 -10.18 -27.74 13.79
CA MET B 186 -10.87 -26.68 14.52
C MET B 186 -12.29 -27.09 14.89
N ALA B 187 -12.44 -28.33 15.33
CA ALA B 187 -13.73 -28.87 15.74
C ALA B 187 -13.83 -28.80 17.26
N HIS B 188 -14.83 -28.07 17.76
CA HIS B 188 -14.98 -27.87 19.20
C HIS B 188 -15.54 -29.09 19.91
N SER B 189 -16.14 -30.03 19.17
CA SER B 189 -16.71 -31.23 19.75
C SER B 189 -16.39 -32.42 18.84
N PRO B 190 -16.28 -33.62 19.41
CA PRO B 190 -16.11 -34.80 18.56
C PRO B 190 -17.25 -35.02 17.59
N GLN B 191 -18.47 -34.65 17.97
CA GLN B 191 -19.60 -34.73 17.06
C GLN B 191 -19.48 -33.74 15.91
N GLU B 192 -18.76 -32.63 16.13
CA GLU B 192 -18.67 -31.58 15.12
C GLU B 192 -17.96 -32.07 13.87
N GLY B 193 -16.85 -32.79 14.03
CA GLY B 193 -16.12 -33.28 12.87
C GLY B 193 -16.92 -34.28 12.06
N ARG B 194 -17.62 -35.19 12.74
CA ARG B 194 -18.44 -36.16 12.04
C ARG B 194 -19.62 -35.48 11.34
N ASN B 195 -20.20 -34.45 11.96
CA ASN B 195 -21.26 -33.70 11.30
C ASN B 195 -20.74 -33.00 10.05
N LEU B 196 -19.54 -32.42 10.14
CA LEU B 196 -18.93 -31.78 8.97
C LEU B 196 -18.68 -32.77 7.85
N PHE B 197 -18.14 -33.95 8.19
CA PHE B 197 -17.92 -34.98 7.18
C PHE B 197 -19.23 -35.44 6.57
N ALA B 198 -20.27 -35.58 7.39
CA ALA B 198 -21.57 -35.97 6.88
C ALA B 198 -22.13 -34.93 5.91
N LYS B 199 -21.98 -33.65 6.24
CA LYS B 199 -22.46 -32.61 5.34
C LYS B 199 -21.69 -32.63 4.01
N LEU B 200 -20.37 -32.77 4.07
CA LEU B 200 -19.59 -32.79 2.84
C LEU B 200 -19.93 -33.99 1.97
N THR B 201 -20.04 -35.18 2.58
CA THR B 201 -20.40 -36.35 1.80
C THR B 201 -21.83 -36.29 1.31
N LYS B 202 -22.72 -35.60 2.03
CA LYS B 202 -24.08 -35.39 1.54
C LYS B 202 -24.08 -34.53 0.29
N VAL B 203 -23.28 -33.46 0.28
CA VAL B 203 -23.18 -32.62 -0.91
C VAL B 203 -22.63 -33.42 -2.08
N THR B 204 -21.56 -34.18 -1.84
CA THR B 204 -20.96 -34.97 -2.91
C THR B 204 -21.94 -36.02 -3.43
N ASP B 205 -22.67 -36.68 -2.53
CA ASP B 205 -23.65 -37.68 -2.95
C ASP B 205 -24.76 -37.04 -3.77
N ARG B 206 -25.21 -35.85 -3.37
CA ARG B 206 -26.25 -35.17 -4.13
C ARG B 206 -25.77 -34.83 -5.54
N PHE B 207 -24.52 -34.39 -5.67
CA PHE B 207 -24.05 -33.92 -6.97
C PHE B 207 -23.25 -34.95 -7.76
N LEU B 208 -22.21 -35.53 -7.16
CA LEU B 208 -21.24 -36.30 -7.92
C LEU B 208 -21.07 -37.71 -7.34
N ASP B 209 -20.04 -38.41 -7.83
CA ASP B 209 -19.73 -39.78 -7.43
C ASP B 209 -18.26 -39.89 -7.00
N VAL B 210 -17.99 -39.55 -5.74
CA VAL B 210 -16.67 -39.64 -5.15
C VAL B 210 -16.80 -40.18 -3.72
N ALA B 211 -15.98 -41.16 -3.38
CA ALA B 211 -15.98 -41.76 -2.05
C ALA B 211 -14.87 -41.12 -1.21
N LEU B 212 -15.23 -40.70 0.00
CA LEU B 212 -14.32 -40.01 0.90
C LEU B 212 -14.21 -40.79 2.22
N GLN B 213 -12.99 -40.87 2.75
CA GLN B 213 -12.70 -41.71 3.91
C GLN B 213 -12.44 -40.84 5.14
N TYR B 214 -12.94 -41.30 6.29
CA TYR B 214 -12.72 -40.62 7.55
C TYR B 214 -11.31 -40.86 8.06
N VAL B 215 -10.75 -39.84 8.72
CA VAL B 215 -9.40 -39.94 9.27
C VAL B 215 -9.42 -39.68 10.77
N GLY B 216 -9.84 -38.47 11.17
CA GLY B 216 -9.85 -38.10 12.56
C GLY B 216 -10.38 -36.71 12.83
N VAL B 217 -9.86 -36.04 13.86
CA VAL B 217 -10.34 -34.72 14.25
C VAL B 217 -9.25 -34.03 15.06
N ILE B 218 -9.07 -32.74 14.79
CA ILE B 218 -8.15 -31.91 15.57
C ILE B 218 -8.94 -30.90 16.38
N PRO B 219 -9.07 -31.09 17.69
CA PRO B 219 -9.81 -30.14 18.52
C PRO B 219 -9.11 -28.79 18.61
N TYR B 220 -9.91 -27.77 18.88
CA TYR B 220 -9.39 -26.42 19.09
C TYR B 220 -8.79 -26.32 20.48
N ASP B 221 -7.45 -26.26 20.56
CA ASP B 221 -6.73 -26.14 21.80
C ASP B 221 -5.85 -24.90 21.77
N GLU B 222 -5.82 -24.18 22.89
CA GLU B 222 -4.92 -23.02 23.00
C GLU B 222 -3.46 -23.43 23.06
N SER B 223 -3.18 -24.72 23.29
CA SER B 223 -1.80 -25.19 23.26
C SER B 223 -1.18 -24.99 21.88
N VAL B 224 -1.96 -25.20 20.82
CA VAL B 224 -1.47 -24.96 19.47
C VAL B 224 -1.12 -23.49 19.30
N ARG B 225 -1.98 -22.59 19.79
CA ARG B 225 -1.70 -21.16 19.68
C ARG B 225 -0.43 -20.79 20.43
N LYS B 226 -0.28 -21.29 21.66
CA LYS B 226 0.90 -20.97 22.46
C LYS B 226 2.17 -21.51 21.80
N ALA B 227 2.11 -22.73 21.28
CA ALA B 227 3.27 -23.31 20.61
C ALA B 227 3.64 -22.52 19.36
N VAL B 228 2.64 -22.13 18.57
CA VAL B 228 2.93 -21.33 17.38
C VAL B 228 3.55 -19.99 17.79
N GLN B 229 3.07 -19.40 18.89
CA GLN B 229 3.70 -18.18 19.40
C GLN B 229 5.17 -18.41 19.72
N LYS B 230 5.51 -19.58 20.25
CA LYS B 230 6.89 -19.92 20.59
C LYS B 230 7.75 -20.28 19.39
N GLN B 231 7.25 -20.12 18.17
CA GLN B 231 8.00 -20.43 16.95
C GLN B 231 8.39 -21.91 16.89
N ARG B 232 7.60 -22.78 17.51
CA ARG B 232 7.86 -24.21 17.51
C ARG B 232 6.57 -24.97 17.28
N ALA B 233 6.69 -26.16 16.71
CA ALA B 233 5.52 -26.98 16.44
C ALA B 233 4.89 -27.47 17.74
N VAL B 234 3.57 -27.67 17.70
CA VAL B 234 2.84 -28.05 18.90
C VAL B 234 3.17 -29.46 19.35
N TYR B 235 3.66 -30.32 18.45
CA TYR B 235 3.95 -31.69 18.83
C TYR B 235 5.12 -31.75 19.82
N GLU B 236 6.13 -30.90 19.63
CA GLU B 236 7.29 -30.89 20.51
C GLU B 236 7.17 -29.88 21.65
N ALA B 237 6.50 -28.74 21.43
CA ALA B 237 6.39 -27.73 22.48
C ALA B 237 5.51 -28.21 23.62
N PHE B 238 4.36 -28.79 23.30
CA PHE B 238 3.41 -29.30 24.30
C PHE B 238 3.00 -30.71 23.91
N PRO B 239 3.91 -31.69 24.04
CA PRO B 239 3.59 -33.07 23.63
C PRO B 239 2.45 -33.68 24.43
N ARG B 240 2.21 -33.23 25.66
CA ARG B 240 1.12 -33.75 26.47
C ARG B 240 -0.04 -32.75 26.40
N SER B 241 -0.79 -32.84 25.31
CA SER B 241 -1.91 -31.95 25.07
C SER B 241 -2.94 -32.67 24.21
N LYS B 242 -4.17 -32.17 24.22
CA LYS B 242 -5.23 -32.80 23.45
C LYS B 242 -4.96 -32.73 21.96
N ALA B 243 -4.44 -31.60 21.48
CA ALA B 243 -4.07 -31.50 20.06
C ALA B 243 -2.92 -32.46 19.73
N SER B 244 -1.92 -32.54 20.60
CA SER B 244 -0.81 -33.46 20.38
C SER B 244 -1.30 -34.90 20.37
N LEU B 245 -2.22 -35.24 21.29
CA LEU B 245 -2.79 -36.59 21.29
C LEU B 245 -3.60 -36.85 20.04
N ALA B 246 -4.31 -35.84 19.53
CA ALA B 246 -5.05 -36.01 18.28
C ALA B 246 -4.10 -36.29 17.12
N PHE B 247 -3.00 -35.55 17.04
CA PHE B 247 -2.02 -35.81 15.99
C PHE B 247 -1.42 -37.20 16.13
N LYS B 248 -1.13 -37.61 17.38
CA LYS B 248 -0.61 -38.94 17.62
C LYS B 248 -1.59 -40.01 17.17
N ALA B 249 -2.88 -39.80 17.44
CA ALA B 249 -3.89 -40.76 16.97
C ALA B 249 -3.98 -40.79 15.45
N VAL B 250 -3.88 -39.62 14.81
CA VAL B 250 -3.92 -39.56 13.35
C VAL B 250 -2.69 -40.26 12.75
N ALA B 251 -1.61 -40.35 13.53
CA ALA B 251 -0.38 -40.95 13.01
C ALA B 251 -0.60 -42.40 12.56
N GLN B 252 -1.22 -43.23 13.40
CA GLN B 252 -1.47 -44.63 13.01
C GLN B 252 -2.40 -44.72 11.81
N LYS B 253 -3.45 -43.89 11.79
CA LYS B 253 -4.40 -43.95 10.67
C LYS B 253 -3.71 -43.61 9.36
N VAL B 254 -2.83 -42.60 9.37
CA VAL B 254 -2.12 -42.24 8.14
C VAL B 254 -1.10 -43.31 7.77
N ASP B 255 -0.33 -43.78 8.74
CA ASP B 255 0.88 -44.54 8.42
C ASP B 255 0.58 -45.94 7.91
N SER B 256 -0.31 -46.66 8.59
CA SER B 256 -0.34 -48.11 8.47
C SER B 256 -1.62 -48.65 7.84
N TRP B 257 -2.38 -47.82 7.13
CA TRP B 257 -3.59 -48.38 6.53
C TRP B 257 -3.28 -49.13 5.23
N PRO B 258 -2.52 -48.55 4.26
CA PRO B 258 -2.24 -49.28 3.02
C PRO B 258 -1.05 -50.24 3.14
N LEU B 259 -1.16 -51.19 4.05
CA LEU B 259 -0.07 -52.15 4.22
C LEU B 259 0.15 -53.01 2.98
N PRO B 260 -0.88 -53.63 2.36
CA PRO B 260 -0.62 -54.37 1.11
C PRO B 260 -0.68 -53.46 -0.12
N ALA B 261 0.27 -52.54 -0.22
CA ALA B 261 0.26 -51.57 -1.30
C ALA B 261 0.68 -52.22 -2.61
N ASN B 262 -0.07 -51.92 -3.67
CA ASN B 262 0.24 -52.39 -5.02
C ASN B 262 0.60 -51.20 -5.89
N PRO B 263 1.89 -51.00 -6.20
CA PRO B 263 2.30 -49.78 -6.91
C PRO B 263 1.88 -49.81 -8.37
N ARG B 264 0.99 -48.90 -8.74
CA ARG B 264 0.60 -48.72 -10.13
C ARG B 264 1.51 -47.67 -10.77
N GLY B 265 1.16 -47.22 -11.97
CA GLY B 265 1.99 -46.26 -12.65
C GLY B 265 1.27 -45.16 -13.41
N HIS B 266 1.55 -43.92 -13.04
CA HIS B 266 1.20 -42.73 -13.80
C HIS B 266 2.11 -41.61 -13.31
N LEU B 267 1.77 -40.36 -13.60
CA LEU B 267 2.58 -39.25 -13.12
C LEU B 267 2.40 -39.14 -11.62
N GLU B 268 3.36 -39.68 -10.87
CA GLU B 268 3.28 -39.73 -9.42
C GLU B 268 4.68 -39.77 -8.83
N PHE B 269 4.74 -39.52 -7.52
CA PHE B 269 6.02 -39.48 -6.82
C PHE B 269 6.69 -40.85 -6.82
N PHE B 270 8.01 -40.85 -6.96
CA PHE B 270 8.84 -42.06 -6.83
C PHE B 270 8.37 -43.17 -7.77
N VAL B 271 8.03 -42.79 -9.00
CA VAL B 271 7.58 -43.77 -9.99
C VAL B 271 8.68 -44.79 -10.27
N GLU B 272 9.95 -44.39 -10.12
CA GLU B 272 11.05 -45.33 -10.32
C GLU B 272 10.96 -46.49 -9.33
N ARG B 273 10.65 -46.22 -8.08
CA ARG B 273 10.50 -47.28 -7.10
C ARG B 273 9.19 -48.03 -7.29
N LEU B 274 8.17 -47.38 -7.83
CA LEU B 274 6.89 -48.05 -8.04
C LEU B 274 6.96 -49.06 -9.19
N VAL B 275 7.75 -48.77 -10.21
CA VAL B 275 7.85 -49.70 -11.35
C VAL B 275 8.44 -51.02 -10.89
N GLN B 276 9.53 -50.97 -10.12
CA GLN B 276 10.17 -52.18 -9.63
C GLN B 276 11.00 -51.88 -8.39
N HIS C 12 -18.02 10.90 -6.13
CA HIS C 12 -17.90 10.42 -7.50
C HIS C 12 -16.94 9.22 -7.64
N PRO C 13 -15.71 9.30 -7.09
CA PRO C 13 -14.84 8.13 -7.14
C PRO C 13 -15.35 7.01 -6.25
N VAL C 14 -14.97 5.79 -6.59
CA VAL C 14 -15.39 4.61 -5.85
C VAL C 14 -14.20 4.08 -5.06
N GLN C 15 -14.35 4.04 -3.74
CA GLN C 15 -13.32 3.46 -2.88
C GLN C 15 -13.42 1.95 -2.93
N VAL C 16 -12.33 1.27 -3.29
CA VAL C 16 -12.29 -0.18 -3.29
C VAL C 16 -11.26 -0.66 -2.27
N ILE C 17 -11.70 -1.59 -1.43
CA ILE C 17 -10.91 -2.12 -0.34
C ILE C 17 -10.69 -3.60 -0.63
N ALA C 18 -9.45 -3.97 -0.92
CA ALA C 18 -9.05 -5.35 -1.11
C ALA C 18 -8.62 -5.91 0.25
N VAL C 19 -9.37 -6.89 0.74
CA VAL C 19 -9.07 -7.52 2.02
C VAL C 19 -8.19 -8.74 1.75
N THR C 20 -6.94 -8.68 2.22
CA THR C 20 -5.92 -9.64 1.87
C THR C 20 -5.14 -10.00 3.13
N GLY C 21 -3.95 -10.57 2.94
CA GLY C 21 -3.10 -10.96 4.05
C GLY C 21 -2.32 -12.22 3.78
N GLY C 22 -2.61 -12.89 2.67
CA GLY C 22 -1.86 -14.06 2.27
C GLY C 22 -2.15 -15.28 3.12
N LYS C 23 -1.98 -15.15 4.42
CA LYS C 23 -2.29 -16.24 5.34
C LYS C 23 -3.79 -16.49 5.36
N GLY C 24 -4.18 -17.73 5.09
CA GLY C 24 -5.57 -18.09 5.14
C GLY C 24 -6.10 -18.13 6.55
N GLY C 25 -7.43 -18.08 6.66
CA GLY C 25 -8.08 -18.20 7.94
C GLY C 25 -7.98 -16.99 8.83
N VAL C 26 -7.26 -15.95 8.42
CA VAL C 26 -7.20 -14.73 9.21
C VAL C 26 -8.55 -14.03 9.25
N GLY C 27 -9.41 -14.31 8.28
CA GLY C 27 -10.74 -13.72 8.25
C GLY C 27 -10.92 -12.74 7.11
N LYS C 28 -10.29 -13.00 5.96
CA LYS C 28 -10.41 -12.09 4.83
C LYS C 28 -11.84 -12.02 4.32
N THR C 29 -12.44 -13.17 4.03
CA THR C 29 -13.81 -13.19 3.51
C THR C 29 -14.79 -12.60 4.51
N ASN C 30 -14.67 -13.00 5.77
CA ASN C 30 -15.63 -12.57 6.78
C ASN C 30 -15.48 -11.08 7.07
N VAL C 31 -14.25 -10.59 7.19
CA VAL C 31 -14.04 -9.16 7.42
C VAL C 31 -14.53 -8.35 6.23
N SER C 32 -14.27 -8.83 5.01
CA SER C 32 -14.73 -8.12 3.82
C SER C 32 -16.26 -8.02 3.79
N VAL C 33 -16.94 -9.14 4.07
CA VAL C 33 -18.40 -9.14 4.09
C VAL C 33 -18.92 -8.21 5.17
N ASN C 34 -18.32 -8.29 6.36
CA ASN C 34 -18.77 -7.48 7.48
C ASN C 34 -18.58 -6.00 7.20
N LEU C 35 -17.46 -5.63 6.58
CA LEU C 35 -17.24 -4.25 6.20
C LEU C 35 -18.24 -3.80 5.14
N ALA C 36 -18.55 -4.68 4.20
CA ALA C 36 -19.56 -4.35 3.19
C ALA C 36 -20.90 -4.01 3.84
N LEU C 37 -21.38 -4.89 4.73
CA LEU C 37 -22.66 -4.62 5.38
C LEU C 37 -22.58 -3.46 6.35
N ALA C 38 -21.41 -3.22 6.96
CA ALA C 38 -21.26 -2.07 7.85
C ALA C 38 -21.37 -0.76 7.09
N LEU C 39 -20.69 -0.65 5.96
CA LEU C 39 -20.81 0.55 5.14
C LEU C 39 -22.20 0.67 4.53
N ALA C 40 -22.87 -0.47 4.28
CA ALA C 40 -24.26 -0.41 3.85
C ALA C 40 -25.16 0.18 4.94
N ASP C 41 -24.96 -0.25 6.18
CA ASP C 41 -25.77 0.25 7.28
C ASP C 41 -25.48 1.71 7.57
N LEU C 42 -24.23 2.13 7.38
CA LEU C 42 -23.90 3.54 7.57
C LEU C 42 -24.64 4.42 6.57
N GLY C 43 -24.96 3.89 5.40
CA GLY C 43 -25.68 4.64 4.39
C GLY C 43 -24.93 4.75 3.08
N ARG C 44 -24.04 3.79 2.82
CA ARG C 44 -23.27 3.76 1.58
C ARG C 44 -23.66 2.54 0.76
N ARG C 45 -24.06 2.77 -0.49
CA ARG C 45 -24.36 1.69 -1.41
C ARG C 45 -23.08 0.90 -1.70
N VAL C 46 -23.11 -0.41 -1.43
CA VAL C 46 -21.90 -1.21 -1.38
C VAL C 46 -21.99 -2.36 -2.36
N MET C 47 -20.89 -2.58 -3.09
CA MET C 47 -20.70 -3.74 -3.95
C MET C 47 -19.64 -4.63 -3.33
N LEU C 48 -19.81 -5.94 -3.50
CA LEU C 48 -18.91 -6.92 -2.89
C LEU C 48 -18.56 -7.97 -3.95
N LEU C 49 -17.30 -8.01 -4.33
CA LEU C 49 -16.80 -8.92 -5.36
C LEU C 49 -15.86 -9.94 -4.74
N ASP C 50 -16.12 -11.21 -4.99
CA ASP C 50 -15.27 -12.30 -4.51
C ASP C 50 -14.16 -12.52 -5.52
N ALA C 51 -12.98 -11.94 -5.25
CA ALA C 51 -11.85 -12.12 -6.15
C ALA C 51 -11.34 -13.55 -6.16
N ALA C 52 -11.73 -14.37 -5.18
CA ALA C 52 -11.44 -15.80 -5.19
C ALA C 52 -12.34 -16.45 -6.24
N LEU C 53 -11.93 -16.33 -7.51
CA LEU C 53 -12.75 -16.84 -8.59
C LEU C 53 -12.73 -18.36 -8.67
N GLY C 54 -11.66 -19.00 -8.19
CA GLY C 54 -11.65 -20.46 -8.18
C GLY C 54 -12.65 -21.06 -7.21
N LEU C 55 -12.75 -20.50 -6.01
CA LEU C 55 -13.61 -21.02 -4.95
C LEU C 55 -14.41 -19.88 -4.33
N ALA C 56 -15.70 -20.12 -4.11
CA ALA C 56 -16.63 -19.09 -3.66
C ALA C 56 -16.86 -19.22 -2.16
N ASN C 57 -16.75 -18.09 -1.45
CA ASN C 57 -17.01 -18.07 -0.01
C ASN C 57 -17.96 -16.93 0.35
N VAL C 58 -17.97 -15.86 -0.46
CA VAL C 58 -18.78 -14.69 -0.14
C VAL C 58 -20.26 -15.01 -0.22
N ASP C 59 -20.70 -15.65 -1.30
CA ASP C 59 -22.11 -16.00 -1.44
C ASP C 59 -22.55 -17.03 -0.42
N VAL C 60 -21.63 -17.84 0.09
CA VAL C 60 -21.98 -18.86 1.07
C VAL C 60 -22.32 -18.21 2.41
N LEU C 61 -21.50 -17.26 2.86
CA LEU C 61 -21.74 -16.62 4.14
C LEU C 61 -23.01 -15.78 4.13
N LEU C 62 -23.33 -15.18 2.98
CA LEU C 62 -24.51 -14.35 2.87
C LEU C 62 -25.75 -15.11 2.41
N GLY C 63 -25.62 -16.42 2.20
CA GLY C 63 -26.77 -17.24 1.86
C GLY C 63 -27.25 -17.11 0.43
N LEU C 64 -26.54 -16.38 -0.41
CA LEU C 64 -26.97 -16.20 -1.79
C LEU C 64 -26.74 -17.47 -2.60
N THR C 65 -27.69 -17.78 -3.47
CA THR C 65 -27.63 -18.93 -4.36
C THR C 65 -27.91 -18.47 -5.79
N PRO C 66 -26.97 -17.75 -6.40
CA PRO C 66 -27.22 -17.18 -7.74
C PRO C 66 -27.37 -18.26 -8.79
N LYS C 67 -28.18 -17.94 -9.80
CA LYS C 67 -28.38 -18.83 -10.94
C LYS C 67 -27.41 -18.53 -12.09
N ARG C 68 -26.57 -17.51 -11.95
CA ARG C 68 -25.62 -17.15 -12.99
C ARG C 68 -24.50 -16.34 -12.36
N THR C 69 -23.26 -16.74 -12.62
CA THR C 69 -22.12 -16.16 -11.94
C THR C 69 -21.11 -15.58 -12.90
N LEU C 70 -19.92 -15.24 -12.39
CA LEU C 70 -18.91 -14.59 -13.21
C LEU C 70 -18.39 -15.49 -14.33
N ALA C 71 -18.54 -16.81 -14.20
CA ALA C 71 -18.15 -17.69 -15.30
C ALA C 71 -18.97 -17.36 -16.54
N ASP C 72 -20.30 -17.30 -16.40
CA ASP C 72 -21.16 -16.96 -17.54
C ASP C 72 -20.78 -15.62 -18.15
N VAL C 73 -20.17 -14.74 -17.35
CA VAL C 73 -19.58 -13.54 -17.90
C VAL C 73 -18.34 -13.88 -18.74
N ILE C 74 -17.48 -14.75 -18.21
CA ILE C 74 -16.15 -14.92 -18.80
C ILE C 74 -16.20 -15.71 -20.10
N GLU C 75 -16.82 -16.90 -20.08
CA GLU C 75 -16.97 -17.56 -21.37
C GLU C 75 -18.13 -16.99 -22.19
N GLY C 76 -18.88 -16.04 -21.65
CA GLY C 76 -19.64 -15.12 -22.49
C GLY C 76 -20.98 -15.56 -22.98
N ARG C 77 -21.93 -15.86 -22.10
CA ARG C 77 -23.32 -16.01 -22.48
C ARG C 77 -24.22 -14.95 -21.83
N CYS C 78 -23.63 -13.92 -21.23
CA CYS C 78 -24.39 -12.89 -20.55
C CYS C 78 -23.48 -11.68 -20.35
N GLU C 79 -24.01 -10.66 -19.69
CA GLU C 79 -23.28 -9.48 -19.29
C GLU C 79 -23.14 -9.47 -17.77
N LEU C 80 -22.58 -8.39 -17.24
CA LEU C 80 -22.38 -8.25 -15.80
C LEU C 80 -23.60 -7.70 -15.09
N ARG C 81 -24.61 -7.21 -15.83
CA ARG C 81 -25.86 -6.81 -15.19
C ARG C 81 -26.58 -8.00 -14.58
N ASP C 82 -26.59 -9.13 -15.28
CA ASP C 82 -27.42 -10.26 -14.88
C ASP C 82 -26.89 -11.00 -13.66
N VAL C 83 -25.60 -10.88 -13.36
CA VAL C 83 -25.01 -11.65 -12.26
C VAL C 83 -25.12 -10.96 -10.91
N LEU C 84 -25.54 -9.70 -10.88
CA LEU C 84 -25.58 -8.95 -9.63
C LEU C 84 -26.67 -9.51 -8.71
N LEU C 85 -26.35 -9.65 -7.44
CA LEU C 85 -27.29 -10.15 -6.44
C LEU C 85 -27.58 -9.06 -5.42
N LEU C 86 -28.87 -8.85 -5.13
CA LEU C 86 -29.27 -7.95 -4.06
C LEU C 86 -29.34 -8.77 -2.78
N GLY C 87 -28.22 -8.84 -2.07
CA GLY C 87 -28.12 -9.66 -0.89
C GLY C 87 -28.64 -8.96 0.36
N PRO C 88 -28.52 -9.60 1.51
CA PRO C 88 -28.96 -8.97 2.76
C PRO C 88 -28.16 -7.72 3.06
N GLY C 89 -28.83 -6.74 3.68
CA GLY C 89 -28.19 -5.48 3.97
C GLY C 89 -28.07 -4.54 2.81
N GLY C 90 -28.80 -4.79 1.72
CA GLY C 90 -28.72 -3.91 0.56
C GLY C 90 -27.36 -3.92 -0.10
N VAL C 91 -26.75 -5.09 -0.26
CA VAL C 91 -25.44 -5.23 -0.86
C VAL C 91 -25.60 -5.76 -2.27
N ARG C 92 -24.71 -5.34 -3.18
CA ARG C 92 -24.68 -5.84 -4.55
C ARG C 92 -23.51 -6.80 -4.67
N ILE C 93 -23.81 -8.10 -4.72
CA ILE C 93 -22.80 -9.15 -4.70
C ILE C 93 -22.52 -9.59 -6.13
N VAL C 94 -21.25 -9.74 -6.46
CA VAL C 94 -20.82 -10.29 -7.74
C VAL C 94 -20.25 -11.69 -7.48
N PRO C 95 -21.08 -12.74 -7.52
CA PRO C 95 -20.59 -14.07 -7.16
C PRO C 95 -19.55 -14.58 -8.14
N ALA C 96 -18.64 -15.41 -7.64
CA ALA C 96 -17.65 -16.10 -8.44
C ALA C 96 -17.94 -17.59 -8.44
N ALA C 97 -17.64 -18.24 -9.57
CA ALA C 97 -17.97 -19.64 -9.73
C ALA C 97 -17.14 -20.51 -8.78
N SER C 98 -17.70 -21.66 -8.42
CA SER C 98 -17.05 -22.62 -7.53
C SER C 98 -16.94 -23.94 -8.25
N GLY C 99 -15.71 -24.34 -8.59
CA GLY C 99 -15.47 -25.61 -9.25
C GLY C 99 -15.58 -25.58 -10.76
N THR C 100 -15.47 -24.43 -11.38
CA THR C 100 -15.56 -24.30 -12.84
C THR C 100 -14.16 -24.19 -13.42
N GLN C 101 -13.91 -24.94 -14.50
CA GLN C 101 -12.57 -24.97 -15.08
C GLN C 101 -12.15 -23.61 -15.60
N SER C 102 -13.08 -22.86 -16.21
CA SER C 102 -12.73 -21.57 -16.77
C SER C 102 -12.30 -20.57 -15.71
N MET C 103 -12.62 -20.82 -14.43
CA MET C 103 -12.36 -19.88 -13.36
C MET C 103 -11.11 -20.17 -12.53
N VAL C 104 -10.69 -21.44 -12.46
CA VAL C 104 -9.67 -21.81 -11.48
C VAL C 104 -8.33 -21.15 -11.78
N HIS C 105 -7.92 -21.13 -13.05
CA HIS C 105 -6.69 -20.47 -13.43
C HIS C 105 -6.95 -19.56 -14.62
N LEU C 106 -6.53 -18.31 -14.51
CA LEU C 106 -6.74 -17.31 -15.54
C LEU C 106 -5.41 -16.64 -15.87
N SER C 107 -5.19 -16.39 -17.16
CA SER C 107 -4.09 -15.55 -17.57
C SER C 107 -4.34 -14.12 -17.12
N PRO C 108 -3.29 -13.33 -16.94
CA PRO C 108 -3.50 -11.91 -16.64
C PRO C 108 -4.32 -11.20 -17.68
N MET C 109 -4.30 -11.68 -18.93
CA MET C 109 -5.11 -11.13 -20.00
C MET C 109 -6.61 -11.32 -19.72
N GLN C 110 -7.01 -12.52 -19.29
CA GLN C 110 -8.41 -12.73 -18.94
C GLN C 110 -8.78 -12.07 -17.61
N HIS C 111 -7.83 -11.98 -16.68
CA HIS C 111 -8.09 -11.21 -15.46
C HIS C 111 -8.39 -9.75 -15.79
N ALA C 112 -7.64 -9.18 -16.73
CA ALA C 112 -7.98 -7.85 -17.23
C ALA C 112 -9.36 -7.86 -17.86
N GLY C 113 -9.59 -8.77 -18.81
CA GLY C 113 -10.88 -8.83 -19.47
C GLY C 113 -12.04 -8.84 -18.51
N LEU C 114 -11.84 -9.42 -17.32
CA LEU C 114 -12.81 -9.28 -16.24
C LEU C 114 -12.77 -7.88 -15.62
N ILE C 115 -11.57 -7.34 -15.39
CA ILE C 115 -11.43 -6.13 -14.57
C ILE C 115 -12.01 -4.93 -15.30
N GLN C 116 -11.65 -4.71 -16.57
CA GLN C 116 -12.20 -3.56 -17.27
C GLN C 116 -13.70 -3.70 -17.46
N ALA C 117 -14.17 -4.91 -17.79
CA ALA C 117 -15.60 -5.13 -17.94
C ALA C 117 -16.36 -4.89 -16.64
N PHE C 118 -15.70 -5.08 -15.50
CA PHE C 118 -16.34 -4.82 -14.22
C PHE C 118 -16.62 -3.33 -14.01
N SER C 119 -15.93 -2.46 -14.75
CA SER C 119 -16.10 -1.02 -14.60
C SER C 119 -17.31 -0.49 -15.35
N ASP C 120 -17.89 -1.28 -16.25
CA ASP C 120 -19.13 -0.87 -16.91
C ASP C 120 -20.27 -0.74 -15.91
N ILE C 121 -20.30 -1.64 -14.92
CA ILE C 121 -21.38 -1.65 -13.93
C ILE C 121 -20.93 -0.76 -12.78
N SER C 122 -21.05 0.56 -12.99
CA SER C 122 -20.61 1.53 -11.99
C SER C 122 -21.59 2.69 -11.85
N ASP C 123 -22.88 2.46 -12.13
CA ASP C 123 -23.84 3.56 -12.16
C ASP C 123 -24.14 4.06 -10.75
N ASN C 124 -24.32 3.16 -9.80
CA ASN C 124 -24.79 3.53 -8.47
C ASN C 124 -23.93 2.95 -7.37
N LEU C 125 -22.61 3.12 -7.46
CA LEU C 125 -21.67 2.55 -6.51
C LEU C 125 -21.04 3.63 -5.63
N ASP C 126 -20.83 3.29 -4.36
CA ASP C 126 -20.13 4.14 -3.41
C ASP C 126 -18.85 3.49 -2.90
N VAL C 127 -18.93 2.22 -2.48
CA VAL C 127 -17.78 1.48 -1.99
C VAL C 127 -17.83 0.07 -2.53
N LEU C 128 -16.67 -0.45 -2.93
CA LEU C 128 -16.53 -1.82 -3.42
C LEU C 128 -15.53 -2.56 -2.53
N VAL C 129 -15.86 -3.81 -2.20
CA VAL C 129 -15.05 -4.63 -1.31
C VAL C 129 -14.62 -5.87 -2.09
N VAL C 130 -13.31 -6.06 -2.22
CA VAL C 130 -12.74 -7.15 -2.99
C VAL C 130 -12.19 -8.20 -2.02
N ASP C 131 -12.82 -9.37 -2.03
CA ASP C 131 -12.37 -10.51 -1.23
C ASP C 131 -11.30 -11.26 -2.02
N THR C 132 -10.06 -10.77 -1.92
CA THR C 132 -8.97 -11.37 -2.64
C THR C 132 -8.64 -12.75 -2.07
N ALA C 133 -8.35 -13.69 -2.94
CA ALA C 133 -8.10 -15.07 -2.54
C ALA C 133 -6.82 -15.16 -1.70
N ALA C 134 -6.66 -16.31 -1.04
CA ALA C 134 -5.51 -16.55 -0.19
C ALA C 134 -4.26 -16.80 -1.03
N GLY C 135 -3.12 -16.71 -0.39
CA GLY C 135 -1.85 -16.94 -1.06
C GLY C 135 -1.33 -15.69 -1.75
N ILE C 136 -0.34 -15.92 -2.61
CA ILE C 136 0.32 -14.85 -3.34
C ILE C 136 0.27 -15.14 -4.83
N GLY C 137 -0.79 -15.80 -5.28
CA GLY C 137 -0.92 -16.17 -6.67
C GLY C 137 -1.09 -14.96 -7.58
N ASP C 138 -1.11 -15.24 -8.88
CA ASP C 138 -1.20 -14.16 -9.88
C ASP C 138 -2.50 -13.40 -9.74
N SER C 139 -3.61 -14.12 -9.53
CA SER C 139 -4.89 -13.44 -9.33
C SER C 139 -4.87 -12.57 -8.08
N VAL C 140 -4.27 -13.08 -7.01
CA VAL C 140 -4.16 -12.32 -5.77
C VAL C 140 -3.44 -11.00 -6.00
N VAL C 141 -2.27 -11.07 -6.65
CA VAL C 141 -1.47 -9.87 -6.87
C VAL C 141 -2.20 -8.92 -7.81
N SER C 142 -2.82 -9.44 -8.87
CA SER C 142 -3.53 -8.59 -9.81
C SER C 142 -4.67 -7.84 -9.14
N PHE C 143 -5.45 -8.54 -8.31
CA PHE C 143 -6.57 -7.89 -7.64
C PHE C 143 -6.09 -6.93 -6.55
N VAL C 144 -4.98 -7.23 -5.88
CA VAL C 144 -4.42 -6.31 -4.90
C VAL C 144 -3.99 -5.01 -5.57
N ARG C 145 -3.27 -5.13 -6.69
CA ARG C 145 -2.86 -3.94 -7.42
C ARG C 145 -4.03 -3.22 -8.08
N ALA C 146 -5.13 -3.92 -8.34
CA ALA C 146 -6.30 -3.30 -8.91
C ALA C 146 -7.10 -2.49 -7.91
N ALA C 147 -6.77 -2.57 -6.63
CA ALA C 147 -7.49 -1.87 -5.58
C ALA C 147 -6.54 -0.91 -4.86
N GLN C 148 -6.99 0.33 -4.67
CA GLN C 148 -6.17 1.31 -3.98
C GLN C 148 -6.15 1.12 -2.46
N GLU C 149 -7.20 0.55 -1.86
CA GLU C 149 -7.23 0.43 -0.40
C GLU C 149 -6.95 -1.01 -0.01
N VAL C 150 -5.69 -1.34 0.23
CA VAL C 150 -5.28 -2.71 0.56
C VAL C 150 -5.20 -2.85 2.08
N LEU C 151 -6.01 -3.76 2.61
CA LEU C 151 -6.09 -4.01 4.05
C LEU C 151 -5.68 -5.44 4.33
N LEU C 152 -4.63 -5.60 5.12
CA LEU C 152 -4.08 -6.91 5.47
C LEU C 152 -4.66 -7.34 6.82
N VAL C 153 -5.39 -8.43 6.83
CA VAL C 153 -5.89 -9.02 8.07
C VAL C 153 -4.80 -9.91 8.64
N VAL C 154 -4.30 -9.55 9.82
CA VAL C 154 -3.18 -10.24 10.45
C VAL C 154 -3.64 -10.82 11.78
N CYS C 155 -3.37 -12.10 11.99
CA CYS C 155 -3.68 -12.75 13.25
C CYS C 155 -2.42 -12.82 14.12
N ASP C 156 -2.63 -13.15 15.40
CA ASP C 156 -1.54 -13.14 16.38
C ASP C 156 -0.83 -14.49 16.45
N GLU C 157 -0.35 -14.92 15.28
CA GLU C 157 0.45 -16.12 15.17
C GLU C 157 1.66 -15.79 14.30
N PRO C 158 2.85 -16.26 14.67
CA PRO C 158 4.04 -15.96 13.85
C PRO C 158 3.94 -16.46 12.42
N THR C 159 3.22 -17.57 12.18
CA THR C 159 2.99 -18.01 10.81
C THR C 159 2.31 -16.92 10.00
N SER C 160 1.23 -16.34 10.54
CA SER C 160 0.55 -15.25 9.87
C SER C 160 1.46 -14.04 9.72
N ILE C 161 2.27 -13.76 10.75
CA ILE C 161 3.17 -12.61 10.70
C ILE C 161 4.15 -12.74 9.54
N THR C 162 4.81 -13.90 9.45
CA THR C 162 5.80 -14.09 8.38
C THR C 162 5.13 -14.21 7.02
N ASP C 163 3.91 -14.75 6.95
CA ASP C 163 3.25 -14.86 5.65
C ASP C 163 2.80 -13.48 5.15
N ALA C 164 2.30 -12.64 6.06
CA ALA C 164 1.99 -11.26 5.68
C ALA C 164 3.26 -10.52 5.29
N TYR C 165 4.37 -10.76 6.01
CA TYR C 165 5.64 -10.17 5.62
C TYR C 165 6.06 -10.61 4.23
N ALA C 166 5.85 -11.89 3.91
CA ALA C 166 6.18 -12.38 2.58
C ALA C 166 5.33 -11.72 1.51
N LEU C 167 4.04 -11.51 1.80
CA LEU C 167 3.17 -10.81 0.86
C LEU C 167 3.63 -9.37 0.65
N ILE C 168 3.99 -8.67 1.73
CA ILE C 168 4.47 -7.31 1.60
C ILE C 168 5.79 -7.28 0.81
N LYS C 169 6.67 -8.25 1.07
CA LYS C 169 7.93 -8.33 0.34
C LYS C 169 7.67 -8.57 -1.14
N LEU C 170 6.72 -9.44 -1.46
CA LEU C 170 6.39 -9.69 -2.87
C LEU C 170 5.86 -8.43 -3.54
N LEU C 171 4.97 -7.71 -2.86
CA LEU C 171 4.37 -6.53 -3.48
C LEU C 171 5.30 -5.32 -3.49
N ASN C 172 6.34 -5.30 -2.66
CA ASN C 172 7.27 -4.19 -2.62
C ASN C 172 8.52 -4.41 -3.46
N ARG C 173 9.11 -5.60 -3.41
CA ARG C 173 10.28 -5.90 -4.21
C ARG C 173 9.96 -5.90 -5.70
N ASP C 174 8.80 -6.42 -6.06
CA ASP C 174 8.43 -6.56 -7.47
C ASP C 174 7.69 -5.33 -8.00
N HIS C 175 6.60 -4.93 -7.35
CA HIS C 175 5.74 -3.88 -7.85
C HIS C 175 5.86 -2.56 -7.08
N GLY C 176 6.51 -2.57 -5.92
CA GLY C 176 6.85 -1.32 -5.26
C GLY C 176 5.71 -0.60 -4.56
N MET C 177 4.70 -1.32 -4.10
CA MET C 177 3.65 -0.70 -3.31
C MET C 177 3.98 -0.83 -1.83
N THR C 178 3.89 0.28 -1.10
CA THR C 178 4.30 0.34 0.30
C THR C 178 3.16 0.60 1.27
N ARG C 179 2.06 1.18 0.82
CA ARG C 179 0.93 1.43 1.71
C ARG C 179 0.19 0.14 2.01
N PHE C 180 -0.05 -0.11 3.29
CA PHE C 180 -0.82 -1.27 3.73
C PHE C 180 -1.57 -0.88 5.00
N ARG C 181 -2.82 -1.32 5.12
CA ARG C 181 -3.63 -1.04 6.30
C ARG C 181 -3.75 -2.33 7.11
N VAL C 182 -3.02 -2.41 8.21
CA VAL C 182 -2.98 -3.62 9.02
C VAL C 182 -4.18 -3.63 9.97
N LEU C 183 -5.00 -4.66 9.85
CA LEU C 183 -6.13 -4.90 10.74
C LEU C 183 -5.86 -6.18 11.51
N ALA C 184 -5.71 -6.07 12.82
CA ALA C 184 -5.51 -7.25 13.64
C ALA C 184 -6.81 -8.03 13.77
N ASN C 185 -6.67 -9.35 13.95
CA ASN C 185 -7.83 -10.22 14.08
C ASN C 185 -7.54 -11.26 15.15
N MET C 186 -8.63 -11.79 15.72
CA MET C 186 -8.55 -12.78 16.79
C MET C 186 -7.70 -12.30 17.95
N ALA C 187 -7.90 -11.04 18.32
CA ALA C 187 -7.20 -10.43 19.44
C ALA C 187 -8.07 -10.47 20.68
N HIS C 188 -7.56 -11.10 21.74
CA HIS C 188 -8.31 -11.27 22.97
C HIS C 188 -8.22 -10.07 23.90
N SER C 189 -7.32 -9.12 23.61
CA SER C 189 -7.18 -7.91 24.41
C SER C 189 -6.76 -6.78 23.49
N PRO C 190 -7.15 -5.54 23.79
CA PRO C 190 -6.73 -4.42 22.93
C PRO C 190 -5.23 -4.22 22.89
N GLN C 191 -4.51 -4.65 23.93
CA GLN C 191 -3.07 -4.41 23.97
C GLN C 191 -2.31 -5.36 23.07
N GLU C 192 -2.77 -6.61 22.95
CA GLU C 192 -2.02 -7.55 22.12
C GLU C 192 -2.16 -7.27 20.63
N GLY C 193 -3.19 -6.53 20.23
CA GLY C 193 -3.23 -6.07 18.85
C GLY C 193 -2.13 -5.09 18.54
N ARG C 194 -1.89 -4.13 19.45
CA ARG C 194 -0.75 -3.24 19.30
C ARG C 194 0.56 -4.00 19.39
N ASN C 195 0.60 -5.05 20.22
CA ASN C 195 1.79 -5.90 20.28
C ASN C 195 2.04 -6.59 18.95
N LEU C 196 0.99 -7.11 18.32
CA LEU C 196 1.10 -7.70 16.99
C LEU C 196 1.61 -6.69 15.98
N PHE C 197 1.06 -5.48 16.01
CA PHE C 197 1.51 -4.44 15.09
C PHE C 197 2.98 -4.10 15.34
N ALA C 198 3.41 -4.09 16.59
CA ALA C 198 4.81 -3.86 16.91
C ALA C 198 5.69 -4.98 16.37
N LYS C 199 5.23 -6.22 16.47
CA LYS C 199 5.99 -7.34 15.91
C LYS C 199 6.16 -7.21 14.40
N LEU C 200 5.06 -6.91 13.70
CA LEU C 200 5.15 -6.69 12.26
C LEU C 200 6.07 -5.51 11.93
N THR C 201 5.99 -4.45 12.72
CA THR C 201 6.86 -3.30 12.49
C THR C 201 8.32 -3.67 12.67
N LYS C 202 8.63 -4.46 13.70
CA LYS C 202 10.01 -4.89 13.93
C LYS C 202 10.51 -5.74 12.77
N VAL C 203 9.69 -6.68 12.30
CA VAL C 203 10.10 -7.53 11.18
C VAL C 203 10.35 -6.68 9.94
N THR C 204 9.42 -5.77 9.63
CA THR C 204 9.59 -4.93 8.46
C THR C 204 10.83 -4.04 8.57
N ASP C 205 11.04 -3.44 9.74
CA ASP C 205 12.22 -2.60 9.93
C ASP C 205 13.50 -3.40 9.74
N ARG C 206 13.53 -4.62 10.26
CA ARG C 206 14.74 -5.43 10.12
C ARG C 206 14.96 -5.84 8.67
N PHE C 207 13.88 -5.97 7.89
CA PHE C 207 14.01 -6.39 6.50
C PHE C 207 13.61 -5.31 5.49
N LEU C 208 12.38 -4.80 5.53
CA LEU C 208 11.84 -4.02 4.43
C LEU C 208 11.77 -2.54 4.78
N ASP C 209 11.19 -1.76 3.86
CA ASP C 209 10.88 -0.35 4.08
C ASP C 209 9.46 -0.06 3.59
N VAL C 210 8.48 -0.29 4.46
CA VAL C 210 7.08 -0.13 4.13
C VAL C 210 6.39 0.64 5.24
N ALA C 211 5.20 1.17 4.92
CA ALA C 211 4.43 1.99 5.83
C ALA C 211 3.15 1.23 6.19
N LEU C 212 3.23 0.42 7.24
CA LEU C 212 2.07 -0.29 7.74
C LEU C 212 1.30 0.61 8.69
N GLN C 213 0.01 0.81 8.41
CA GLN C 213 -0.83 1.70 9.20
C GLN C 213 -1.85 0.87 9.98
N TYR C 214 -1.80 0.97 11.31
CA TYR C 214 -2.72 0.23 12.17
C TYR C 214 -4.12 0.82 12.06
N VAL C 215 -5.10 -0.04 11.81
CA VAL C 215 -6.49 0.42 11.65
C VAL C 215 -7.41 -0.09 12.73
N GLY C 216 -6.98 -0.99 13.61
CA GLY C 216 -7.77 -1.43 14.73
C GLY C 216 -7.77 -2.92 14.89
N VAL C 217 -8.34 -3.37 16.00
CA VAL C 217 -8.43 -4.78 16.35
C VAL C 217 -9.88 -5.22 16.27
N ILE C 218 -10.10 -6.42 15.73
CA ILE C 218 -11.41 -7.06 15.75
C ILE C 218 -11.36 -8.14 16.83
N PRO C 219 -12.05 -7.97 17.96
CA PRO C 219 -11.96 -8.96 19.04
C PRO C 219 -12.51 -10.31 18.61
N TYR C 220 -11.92 -11.36 19.15
CA TYR C 220 -12.36 -12.72 18.88
C TYR C 220 -13.48 -13.08 19.84
N ASP C 221 -14.65 -13.39 19.29
CA ASP C 221 -15.78 -13.87 20.07
C ASP C 221 -16.56 -14.89 19.25
N GLU C 222 -17.31 -15.72 19.96
CA GLU C 222 -18.09 -16.77 19.31
C GLU C 222 -19.23 -16.20 18.46
N SER C 223 -19.55 -14.91 18.60
CA SER C 223 -20.63 -14.33 17.82
C SER C 223 -20.35 -14.40 16.32
N VAL C 224 -19.13 -14.08 15.91
CA VAL C 224 -18.77 -14.10 14.49
C VAL C 224 -18.88 -15.53 13.95
N ARG C 225 -18.37 -16.50 14.71
CA ARG C 225 -18.45 -17.90 14.29
C ARG C 225 -19.91 -18.34 14.15
N LYS C 226 -20.70 -18.14 15.20
CA LYS C 226 -22.09 -18.60 15.16
C LYS C 226 -22.87 -17.88 14.09
N ALA C 227 -22.48 -16.65 13.73
CA ALA C 227 -23.02 -16.04 12.53
C ALA C 227 -22.60 -16.80 11.28
N VAL C 228 -21.36 -17.31 11.26
CA VAL C 228 -20.89 -18.05 10.10
C VAL C 228 -21.71 -19.32 9.90
N GLN C 229 -21.94 -20.10 10.97
CA GLN C 229 -22.75 -21.30 10.79
C GLN C 229 -24.19 -20.97 10.41
N LYS C 230 -24.76 -19.91 10.96
CA LYS C 230 -26.12 -19.51 10.57
C LYS C 230 -26.18 -18.89 9.18
N GLN C 231 -25.04 -18.80 8.49
CA GLN C 231 -24.99 -18.29 7.12
C GLN C 231 -25.54 -16.87 7.04
N ARG C 232 -25.00 -16.00 7.89
CA ARG C 232 -25.37 -14.59 7.90
C ARG C 232 -24.22 -13.79 8.47
N ALA C 233 -24.11 -12.53 8.04
CA ALA C 233 -23.06 -11.65 8.53
C ALA C 233 -23.32 -11.27 9.98
N VAL C 234 -22.24 -11.24 10.77
CA VAL C 234 -22.39 -10.91 12.19
C VAL C 234 -22.86 -9.48 12.40
N TYR C 235 -22.65 -8.60 11.40
CA TYR C 235 -23.11 -7.22 11.54
C TYR C 235 -24.63 -7.16 11.64
N GLU C 236 -25.34 -7.96 10.84
CA GLU C 236 -26.80 -7.96 10.86
C GLU C 236 -27.39 -9.08 11.70
N ALA C 237 -26.69 -10.22 11.81
CA ALA C 237 -27.22 -11.31 12.62
C ALA C 237 -27.13 -11.00 14.11
N PHE C 238 -26.01 -10.45 14.55
CA PHE C 238 -25.79 -10.08 15.95
C PHE C 238 -25.30 -8.64 15.98
N PRO C 239 -26.20 -7.66 15.86
CA PRO C 239 -25.78 -6.25 15.86
C PRO C 239 -25.49 -5.68 17.24
N ARG C 240 -25.59 -6.49 18.29
CA ARG C 240 -25.37 -6.05 19.66
C ARG C 240 -24.32 -6.91 20.33
N SER C 241 -23.21 -7.13 19.64
CA SER C 241 -22.10 -7.92 20.15
C SER C 241 -20.84 -7.07 20.19
N LYS C 242 -19.88 -7.51 21.03
CA LYS C 242 -18.64 -6.77 21.18
C LYS C 242 -17.91 -6.66 19.85
N ALA C 243 -17.83 -7.76 19.11
CA ALA C 243 -17.24 -7.71 17.77
C ALA C 243 -18.05 -6.80 16.86
N SER C 244 -19.38 -6.81 16.99
CA SER C 244 -20.21 -5.96 16.15
C SER C 244 -19.94 -4.49 16.41
N LEU C 245 -19.85 -4.09 17.68
CA LEU C 245 -19.59 -2.69 17.99
C LEU C 245 -18.17 -2.28 17.61
N ALA C 246 -17.19 -3.15 17.86
CA ALA C 246 -15.82 -2.85 17.47
C ALA C 246 -15.70 -2.72 15.96
N PHE C 247 -16.42 -3.56 15.22
CA PHE C 247 -16.37 -3.49 13.77
C PHE C 247 -17.16 -2.29 13.25
N LYS C 248 -18.17 -1.85 14.01
CA LYS C 248 -18.81 -0.58 13.70
C LYS C 248 -17.84 0.58 13.83
N ALA C 249 -17.03 0.57 14.90
CA ALA C 249 -16.00 1.59 15.04
C ALA C 249 -14.97 1.50 13.92
N VAL C 250 -14.61 0.27 13.55
CA VAL C 250 -13.68 0.07 12.44
C VAL C 250 -14.24 0.62 11.14
N ALA C 251 -15.55 0.43 10.91
CA ALA C 251 -16.19 0.98 9.73
C ALA C 251 -16.22 2.50 9.76
N GLN C 252 -16.46 3.07 10.95
CA GLN C 252 -16.38 4.52 11.10
C GLN C 252 -15.00 5.03 10.71
N LYS C 253 -13.95 4.32 11.14
CA LYS C 253 -12.59 4.69 10.74
C LYS C 253 -12.38 4.46 9.24
N VAL C 254 -13.01 3.44 8.68
CA VAL C 254 -12.89 3.15 7.25
C VAL C 254 -13.46 4.30 6.43
N ASP C 255 -14.61 4.83 6.85
CA ASP C 255 -15.15 6.01 6.17
C ASP C 255 -14.23 7.21 6.30
N SER C 256 -13.42 7.26 7.36
CA SER C 256 -12.46 8.35 7.50
C SER C 256 -11.28 8.22 6.55
N TRP C 257 -11.11 7.08 5.90
CA TRP C 257 -10.04 6.92 4.93
C TRP C 257 -10.27 7.81 3.73
N PRO C 258 -9.28 8.57 3.28
CA PRO C 258 -9.50 9.49 2.16
C PRO C 258 -9.74 8.73 0.86
N LEU C 259 -10.58 9.33 0.01
CA LEU C 259 -10.90 8.74 -1.27
C LEU C 259 -9.72 8.82 -2.22
N PRO C 260 -9.55 7.84 -3.10
CA PRO C 260 -8.54 7.96 -4.15
C PRO C 260 -8.83 9.14 -5.05
N ALA C 261 -7.77 9.83 -5.47
CA ALA C 261 -7.91 11.01 -6.31
C ALA C 261 -7.45 10.80 -7.74
N ASN C 262 -6.41 10.00 -7.95
CA ASN C 262 -5.81 9.85 -9.27
C ASN C 262 -5.57 8.38 -9.59
N PRO C 263 -5.70 8.00 -10.85
CA PRO C 263 -5.39 6.63 -11.25
C PRO C 263 -3.88 6.38 -11.25
N ARG C 264 -3.52 5.12 -11.09
CA ARG C 264 -2.13 4.69 -11.16
C ARG C 264 -1.82 4.13 -12.54
N GLY C 265 -0.53 3.89 -12.77
CA GLY C 265 -0.10 3.42 -14.08
C GLY C 265 -0.68 2.06 -14.44
N HIS C 266 -0.67 1.14 -13.50
CA HIS C 266 -1.09 -0.22 -13.77
C HIS C 266 -2.62 -0.30 -13.85
N LEU C 267 -3.12 -1.51 -14.14
CA LEU C 267 -4.55 -1.75 -14.19
C LEU C 267 -5.17 -1.64 -12.80
N GLU C 268 -6.38 -1.08 -12.75
CA GLU C 268 -7.09 -0.92 -11.49
C GLU C 268 -8.59 -0.80 -11.78
N PHE C 269 -9.38 -0.97 -10.73
CA PHE C 269 -10.83 -0.88 -10.86
C PHE C 269 -11.28 0.56 -11.09
N PHE C 270 -12.22 0.73 -12.01
CA PHE C 270 -12.88 2.00 -12.25
C PHE C 270 -11.89 3.10 -12.63
N VAL C 271 -11.20 2.89 -13.75
CA VAL C 271 -10.25 3.89 -14.24
C VAL C 271 -10.99 5.13 -14.74
N GLU C 272 -12.13 4.94 -15.43
CA GLU C 272 -12.84 6.08 -15.98
C GLU C 272 -13.55 6.88 -14.90
N ARG C 273 -13.97 6.22 -13.81
CA ARG C 273 -14.53 6.95 -12.69
C ARG C 273 -13.49 7.86 -12.05
N LEU C 274 -12.27 7.37 -11.91
CA LEU C 274 -11.23 8.15 -11.24
C LEU C 274 -10.69 9.26 -12.14
N VAL C 275 -10.52 8.97 -13.43
CA VAL C 275 -9.92 9.98 -14.31
C VAL C 275 -10.85 11.17 -14.50
N GLN C 276 -12.16 10.93 -14.52
CA GLN C 276 -13.13 12.01 -14.69
C GLN C 276 -13.36 12.73 -13.36
N LEU D 144 -0.34 -62.96 -6.73
CA LEU D 144 -1.67 -62.39 -6.92
C LEU D 144 -1.62 -61.26 -7.96
N PHE D 145 -2.81 -60.86 -8.43
CA PHE D 145 -2.92 -59.81 -9.43
C PHE D 145 -4.36 -59.29 -9.41
N ARG D 146 -4.64 -58.33 -10.29
CA ARG D 146 -5.99 -57.80 -10.43
C ARG D 146 -6.80 -58.74 -11.30
N SER D 147 -7.85 -59.34 -10.72
CA SER D 147 -8.61 -60.39 -11.37
C SER D 147 -10.02 -59.94 -11.69
N LEU D 148 -10.51 -60.32 -12.87
CA LEU D 148 -11.90 -60.15 -13.26
C LEU D 148 -12.41 -61.46 -13.85
N VAL D 149 -13.70 -61.74 -13.65
CA VAL D 149 -14.31 -62.97 -14.10
C VAL D 149 -15.59 -62.66 -14.86
N GLY D 150 -16.04 -63.64 -15.63
CA GLY D 150 -17.27 -63.48 -16.39
C GLY D 150 -17.69 -64.81 -16.99
N THR D 151 -18.94 -64.84 -17.46
CA THR D 151 -19.53 -66.04 -18.03
C THR D 151 -20.27 -65.81 -19.35
N SER D 152 -20.65 -64.57 -19.68
CA SER D 152 -21.47 -64.32 -20.85
C SER D 152 -20.70 -64.60 -22.13
N ARG D 153 -21.42 -64.52 -23.26
CA ARG D 153 -20.82 -64.82 -24.55
C ARG D 153 -19.78 -63.79 -24.95
N ALA D 154 -20.01 -62.52 -24.61
CA ALA D 154 -19.06 -61.47 -24.99
C ALA D 154 -17.70 -61.69 -24.34
N ILE D 155 -17.68 -62.02 -23.05
CA ILE D 155 -16.39 -62.24 -22.39
C ILE D 155 -15.78 -63.56 -22.81
N GLN D 156 -16.61 -64.53 -23.23
CA GLN D 156 -16.07 -65.75 -23.83
C GLN D 156 -15.30 -65.43 -25.11
N GLN D 157 -15.91 -64.62 -25.97
CA GLN D 157 -15.21 -64.14 -27.17
C GLN D 157 -13.98 -63.35 -26.79
N VAL D 158 -14.05 -62.60 -25.69
CA VAL D 158 -12.89 -61.82 -25.25
C VAL D 158 -11.72 -62.74 -24.93
N ARG D 159 -11.97 -63.78 -24.13
CA ARG D 159 -10.85 -64.69 -23.80
C ARG D 159 -10.38 -65.45 -25.03
N GLN D 160 -11.29 -65.88 -25.90
CA GLN D 160 -10.88 -66.60 -27.11
C GLN D 160 -9.97 -65.72 -27.98
N MET D 161 -10.36 -64.46 -28.18
CA MET D 161 -9.57 -63.54 -28.98
C MET D 161 -8.26 -63.19 -28.31
N MET D 162 -8.24 -63.07 -26.98
CA MET D 162 -6.99 -62.88 -26.25
C MET D 162 -6.03 -64.06 -26.47
N GLN D 163 -6.54 -65.28 -26.31
CA GLN D 163 -5.71 -66.46 -26.53
C GLN D 163 -5.28 -66.60 -27.98
N GLN D 164 -6.03 -66.00 -28.91
CA GLN D 164 -5.63 -66.03 -30.32
C GLN D 164 -4.29 -65.32 -30.52
N VAL D 165 -4.10 -64.17 -29.87
CA VAL D 165 -2.91 -63.36 -30.09
C VAL D 165 -1.83 -63.58 -29.03
N ALA D 166 -2.14 -64.33 -27.97
CA ALA D 166 -1.20 -64.53 -26.87
C ALA D 166 0.03 -65.34 -27.27
N ASP D 167 0.03 -65.97 -28.44
CA ASP D 167 1.13 -66.80 -28.88
C ASP D 167 2.19 -66.04 -29.66
N THR D 168 2.05 -64.72 -29.79
CA THR D 168 3.00 -63.91 -30.55
C THR D 168 3.30 -62.63 -29.78
N ASP D 169 4.46 -62.04 -30.09
CA ASP D 169 4.92 -60.83 -29.43
C ASP D 169 5.11 -59.74 -30.48
N ALA D 170 4.19 -58.78 -30.50
CA ALA D 170 4.26 -57.63 -31.40
C ALA D 170 3.36 -56.53 -30.83
N SER D 171 3.21 -55.46 -31.59
CA SER D 171 2.36 -54.35 -31.15
C SER D 171 0.91 -54.81 -31.07
N VAL D 172 0.26 -54.55 -29.94
CA VAL D 172 -1.12 -54.96 -29.72
C VAL D 172 -1.96 -53.70 -29.57
N LEU D 173 -2.88 -53.48 -30.50
CA LEU D 173 -3.71 -52.28 -30.52
C LEU D 173 -5.13 -52.64 -30.09
N ILE D 174 -5.63 -51.96 -29.06
CA ILE D 174 -6.93 -52.25 -28.47
C ILE D 174 -7.90 -51.13 -28.84
N LEU D 175 -9.07 -51.51 -29.34
CA LEU D 175 -10.13 -50.57 -29.67
C LEU D 175 -11.37 -50.85 -28.83
N GLY D 176 -12.00 -49.78 -28.38
CA GLY D 176 -13.20 -49.88 -27.57
C GLY D 176 -13.42 -48.60 -26.79
N GLU D 177 -14.56 -48.54 -26.10
CA GLU D 177 -14.87 -47.38 -25.30
C GLU D 177 -13.99 -47.33 -24.06
N SER D 178 -13.94 -46.15 -23.45
CA SER D 178 -13.13 -45.96 -22.25
C SER D 178 -13.80 -46.65 -21.06
N GLY D 179 -12.96 -47.03 -20.09
CA GLY D 179 -13.46 -47.71 -18.90
C GLY D 179 -14.06 -49.06 -19.16
N THR D 180 -13.49 -49.82 -20.10
CA THR D 180 -13.94 -51.16 -20.40
C THR D 180 -13.01 -52.25 -19.88
N GLY D 181 -11.91 -51.87 -19.23
CA GLY D 181 -11.03 -52.85 -18.61
C GLY D 181 -9.82 -53.20 -19.46
N LYS D 182 -9.22 -52.19 -20.10
CA LYS D 182 -8.08 -52.45 -20.96
C LYS D 182 -6.81 -52.74 -20.17
N GLU D 183 -6.66 -52.13 -18.99
CA GLU D 183 -5.47 -52.35 -18.18
C GLU D 183 -5.34 -53.80 -17.75
N VAL D 184 -6.44 -54.38 -17.29
CA VAL D 184 -6.39 -55.78 -16.86
C VAL D 184 -6.19 -56.70 -18.06
N VAL D 185 -6.72 -56.32 -19.22
CA VAL D 185 -6.46 -57.07 -20.44
C VAL D 185 -4.97 -57.10 -20.75
N ALA D 186 -4.32 -55.94 -20.71
CA ALA D 186 -2.89 -55.88 -20.99
C ALA D 186 -2.09 -56.65 -19.95
N ARG D 187 -2.44 -56.51 -18.67
CA ARG D 187 -1.67 -57.18 -17.62
C ARG D 187 -1.84 -58.70 -17.68
N ASN D 188 -3.05 -59.18 -18.02
CA ASN D 188 -3.25 -60.61 -18.13
C ASN D 188 -2.65 -61.17 -19.42
N LEU D 189 -2.60 -60.38 -20.49
CA LEU D 189 -1.85 -60.77 -21.67
C LEU D 189 -0.37 -60.93 -21.35
N HIS D 190 0.19 -59.97 -20.59
CA HIS D 190 1.57 -60.07 -20.17
C HIS D 190 1.80 -61.28 -19.26
N TYR D 191 0.89 -61.49 -18.31
CA TYR D 191 1.03 -62.62 -17.39
C TYR D 191 0.92 -63.96 -18.11
N HIS D 192 0.21 -63.99 -19.24
CA HIS D 192 0.14 -65.17 -20.08
C HIS D 192 1.17 -65.17 -21.20
N SER D 193 1.96 -64.11 -21.33
CA SER D 193 2.99 -64.02 -22.35
C SER D 193 4.30 -64.59 -21.83
N LYS D 194 5.37 -64.44 -22.60
CA LYS D 194 6.68 -64.92 -22.18
C LYS D 194 7.17 -64.17 -20.96
N ARG D 195 6.96 -62.85 -20.92
CA ARG D 195 7.43 -62.03 -19.81
C ARG D 195 6.60 -62.32 -18.57
N ARG D 196 7.23 -62.86 -17.54
CA ARG D 196 6.55 -63.07 -16.26
C ARG D 196 7.30 -62.45 -15.10
N GLU D 197 8.63 -62.50 -15.12
CA GLU D 197 9.43 -61.83 -14.10
C GLU D 197 9.67 -60.36 -14.42
N GLY D 198 9.42 -59.93 -15.65
CA GLY D 198 9.56 -58.55 -16.03
C GLY D 198 8.45 -57.69 -15.46
N PRO D 199 8.73 -56.42 -15.20
CA PRO D 199 7.71 -55.52 -14.66
C PRO D 199 6.80 -54.96 -15.74
N PHE D 200 5.60 -54.59 -15.32
CA PHE D 200 4.60 -54.03 -16.21
C PHE D 200 4.51 -52.53 -15.96
N VAL D 201 4.67 -51.73 -17.01
CA VAL D 201 4.65 -50.28 -16.90
C VAL D 201 3.40 -49.75 -17.58
N PRO D 202 2.42 -49.23 -16.83
CA PRO D 202 1.27 -48.57 -17.44
C PRO D 202 1.48 -47.07 -17.59
N VAL D 203 0.95 -46.53 -18.68
CA VAL D 203 1.02 -45.10 -18.97
C VAL D 203 -0.35 -44.65 -19.45
N ASN D 204 -1.08 -43.93 -18.61
CA ASN D 204 -2.40 -43.41 -18.97
C ASN D 204 -2.21 -42.01 -19.55
N CYS D 205 -2.26 -41.91 -20.88
CA CYS D 205 -2.00 -40.63 -21.53
C CYS D 205 -3.06 -39.59 -21.20
N GLY D 206 -4.24 -40.00 -20.74
CA GLY D 206 -5.22 -39.04 -20.27
C GLY D 206 -4.82 -38.40 -18.96
N ALA D 207 -3.95 -39.06 -18.19
CA ALA D 207 -3.45 -38.53 -16.93
C ALA D 207 -2.07 -37.89 -17.05
N ILE D 208 -1.51 -37.82 -18.25
CA ILE D 208 -0.22 -37.20 -18.50
C ILE D 208 -0.43 -36.05 -19.47
N PRO D 209 0.12 -34.86 -19.21
CA PRO D 209 -0.02 -33.76 -20.16
C PRO D 209 0.61 -34.09 -21.51
N ALA D 210 0.08 -33.47 -22.56
CA ALA D 210 0.52 -33.79 -23.91
C ALA D 210 1.99 -33.45 -24.13
N GLU D 211 2.42 -32.28 -23.65
CA GLU D 211 3.83 -31.92 -23.77
C GLU D 211 4.71 -32.76 -22.87
N LEU D 212 4.15 -33.41 -21.85
CA LEU D 212 4.90 -34.17 -20.87
C LEU D 212 4.97 -35.66 -21.20
N LEU D 213 4.21 -36.09 -22.20
CA LEU D 213 4.11 -37.51 -22.53
C LEU D 213 5.47 -38.06 -22.96
N GLU D 214 6.12 -37.40 -23.91
CA GLU D 214 7.43 -37.86 -24.36
C GLU D 214 8.47 -37.71 -23.25
N SER D 215 8.31 -36.71 -22.40
CA SER D 215 9.27 -36.51 -21.31
C SER D 215 9.28 -37.70 -20.35
N GLU D 216 8.10 -38.15 -19.92
CA GLU D 216 8.04 -39.36 -19.10
C GLU D 216 8.29 -40.64 -19.87
N LEU D 217 7.94 -40.71 -21.16
CA LEU D 217 8.11 -41.96 -21.88
C LEU D 217 9.55 -42.19 -22.31
N PHE D 218 10.08 -41.31 -23.16
CA PHE D 218 11.45 -41.49 -23.66
C PHE D 218 12.49 -41.19 -22.58
N GLY D 219 12.24 -40.19 -21.76
CA GLY D 219 13.17 -39.76 -20.74
C GLY D 219 14.02 -38.59 -21.19
N HIS D 220 14.69 -37.97 -20.21
CA HIS D 220 15.50 -36.80 -20.47
C HIS D 220 16.65 -36.74 -19.47
N GLU D 221 17.70 -36.03 -19.86
CA GLU D 221 18.86 -35.84 -19.00
C GLU D 221 18.62 -34.68 -18.03
N LYS D 222 19.63 -34.39 -17.22
CA LYS D 222 19.51 -33.30 -16.26
C LYS D 222 19.35 -31.96 -16.96
N GLY D 223 20.24 -31.66 -17.89
CA GLY D 223 20.11 -30.45 -18.68
C GLY D 223 19.58 -30.72 -20.08
N ALA D 224 18.30 -30.50 -20.28
CA ALA D 224 17.66 -30.62 -21.58
C ALA D 224 16.81 -29.41 -21.92
N PHE D 225 16.13 -28.82 -20.93
CA PHE D 225 15.29 -27.66 -21.13
C PHE D 225 15.22 -26.89 -19.81
N THR D 226 14.28 -25.95 -19.73
CA THR D 226 14.19 -25.11 -18.54
C THR D 226 13.59 -25.85 -17.35
N GLY D 227 12.81 -26.90 -17.60
CA GLY D 227 12.14 -27.61 -16.52
C GLY D 227 12.88 -28.85 -16.04
N ALA D 228 13.91 -29.28 -16.76
CA ALA D 228 14.64 -30.47 -16.40
C ALA D 228 15.77 -30.11 -15.42
N ILE D 229 15.79 -30.79 -14.28
CA ILE D 229 16.80 -30.52 -13.25
C ILE D 229 17.43 -31.81 -12.76
N THR D 230 17.07 -32.94 -13.39
CA THR D 230 17.59 -34.23 -12.96
C THR D 230 17.51 -35.21 -14.12
N SER D 231 18.58 -35.97 -14.33
CA SER D 231 18.62 -36.97 -15.38
C SER D 231 17.92 -38.23 -14.89
N ARG D 232 16.84 -38.61 -15.57
CA ARG D 232 16.11 -39.82 -15.25
C ARG D 232 15.81 -40.60 -16.53
N ALA D 233 15.78 -41.92 -16.40
CA ALA D 233 15.54 -42.79 -17.54
C ALA D 233 14.06 -42.80 -17.91
N GLY D 234 13.78 -43.05 -19.18
CA GLY D 234 12.42 -43.16 -19.65
C GLY D 234 11.74 -44.44 -19.19
N ARG D 235 10.42 -44.49 -19.38
CA ARG D 235 9.65 -45.61 -18.86
C ARG D 235 9.95 -46.93 -19.56
N PHE D 236 10.62 -46.91 -20.72
CA PHE D 236 11.08 -48.15 -21.33
C PHE D 236 12.18 -48.80 -20.50
N GLU D 237 13.14 -48.00 -20.04
CA GLU D 237 14.28 -48.54 -19.29
C GLU D 237 13.82 -49.15 -17.96
N LEU D 238 12.87 -48.50 -17.28
CA LEU D 238 12.40 -49.01 -16.00
C LEU D 238 11.75 -50.38 -16.13
N ALA D 239 11.16 -50.67 -17.29
CA ALA D 239 10.55 -51.97 -17.56
C ALA D 239 11.22 -52.68 -18.72
N ASN D 240 12.54 -52.54 -18.85
CA ASN D 240 13.28 -53.23 -19.90
C ASN D 240 13.21 -54.73 -19.67
N GLY D 241 12.56 -55.45 -20.59
CA GLY D 241 12.27 -56.86 -20.38
C GLY D 241 10.95 -57.12 -19.73
N GLY D 242 9.98 -56.23 -19.85
CA GLY D 242 8.67 -56.37 -19.25
C GLY D 242 7.58 -56.18 -20.28
N THR D 243 6.60 -55.33 -19.95
CA THR D 243 5.45 -55.09 -20.81
C THR D 243 5.02 -53.64 -20.66
N LEU D 244 4.99 -52.91 -21.77
CA LEU D 244 4.58 -51.52 -21.81
C LEU D 244 3.12 -51.41 -22.22
N PHE D 245 2.34 -50.64 -21.46
CA PHE D 245 0.95 -50.36 -21.76
C PHE D 245 0.78 -48.87 -21.93
N LEU D 246 0.16 -48.46 -23.04
CA LEU D 246 0.03 -47.05 -23.41
C LEU D 246 -1.44 -46.77 -23.73
N ASP D 247 -2.18 -46.31 -22.73
CA ASP D 247 -3.61 -46.04 -22.92
C ASP D 247 -3.81 -44.69 -23.58
N GLU D 248 -5.00 -44.53 -24.19
CA GLU D 248 -5.45 -43.25 -24.76
C GLU D 248 -4.49 -42.74 -25.83
N ILE D 249 -4.39 -43.53 -26.91
CA ILE D 249 -3.56 -43.17 -28.06
C ILE D 249 -4.22 -42.14 -28.97
N GLY D 250 -5.45 -41.72 -28.65
CA GLY D 250 -6.17 -40.84 -29.56
C GLY D 250 -5.53 -39.47 -29.70
N ASP D 251 -5.02 -38.90 -28.61
CA ASP D 251 -4.50 -37.54 -28.60
C ASP D 251 -2.99 -37.48 -28.82
N MET D 252 -2.44 -38.44 -29.55
CA MET D 252 -1.01 -38.41 -29.86
C MET D 252 -0.71 -37.29 -30.84
N PRO D 253 0.19 -36.36 -30.52
CA PRO D 253 0.63 -35.39 -31.53
C PRO D 253 1.48 -36.06 -32.60
N LEU D 254 1.59 -35.38 -33.74
CA LEU D 254 2.37 -35.92 -34.84
C LEU D 254 3.83 -36.21 -34.46
N PRO D 255 4.55 -35.35 -33.74
CA PRO D 255 5.89 -35.76 -33.28
C PRO D 255 5.86 -37.02 -32.43
N MET D 256 4.87 -37.16 -31.55
CA MET D 256 4.76 -38.39 -30.78
C MET D 256 4.51 -39.59 -31.68
N GLN D 257 3.66 -39.43 -32.69
CA GLN D 257 3.37 -40.53 -33.61
C GLN D 257 4.62 -40.97 -34.35
N VAL D 258 5.37 -40.02 -34.90
CA VAL D 258 6.57 -40.38 -35.65
C VAL D 258 7.62 -40.97 -34.72
N LYS D 259 7.73 -40.46 -33.50
CA LYS D 259 8.69 -41.01 -32.55
C LYS D 259 8.35 -42.45 -32.17
N LEU D 260 7.06 -42.73 -31.92
CA LEU D 260 6.66 -44.10 -31.61
C LEU D 260 6.85 -45.01 -32.81
N LEU D 261 6.61 -44.51 -34.02
CA LEU D 261 6.88 -45.30 -35.22
C LEU D 261 8.36 -45.63 -35.34
N ARG D 262 9.23 -44.66 -35.04
CA ARG D 262 10.67 -44.92 -35.04
C ARG D 262 11.05 -45.94 -33.98
N VAL D 263 10.44 -45.85 -32.80
CA VAL D 263 10.70 -46.81 -31.74
C VAL D 263 10.29 -48.21 -32.16
N LEU D 264 9.16 -48.33 -32.86
CA LEU D 264 8.70 -49.63 -33.33
C LEU D 264 9.56 -50.18 -34.47
N GLN D 265 10.05 -49.31 -35.36
CA GLN D 265 10.75 -49.80 -36.55
C GLN D 265 12.20 -50.15 -36.24
N GLU D 266 13.00 -49.16 -35.84
CA GLU D 266 14.42 -49.37 -35.58
C GLU D 266 14.71 -49.88 -34.17
N ARG D 267 13.68 -50.02 -33.34
CA ARG D 267 13.82 -50.54 -31.98
C ARG D 267 14.84 -49.72 -31.18
N THR D 268 14.78 -48.40 -31.35
CA THR D 268 15.68 -47.50 -30.65
C THR D 268 15.03 -46.12 -30.57
N PHE D 269 15.60 -45.28 -29.70
CA PHE D 269 15.05 -43.95 -29.45
C PHE D 269 16.19 -43.03 -29.03
N GLU D 270 15.83 -41.83 -28.59
CA GLU D 270 16.81 -40.84 -28.14
C GLU D 270 16.11 -39.86 -27.19
N ARG D 271 16.81 -39.48 -26.13
CA ARG D 271 16.25 -38.55 -25.16
C ARG D 271 16.29 -37.12 -25.69
N VAL D 272 15.32 -36.31 -25.26
CA VAL D 272 15.23 -34.94 -25.70
C VAL D 272 16.45 -34.16 -25.22
N GLY D 273 16.95 -33.27 -26.07
CA GLY D 273 18.17 -32.55 -25.77
C GLY D 273 19.40 -33.41 -25.71
N SER D 274 19.47 -34.44 -26.54
CA SER D 274 20.62 -35.35 -26.56
C SER D 274 20.65 -36.06 -27.91
N ASN D 275 21.80 -36.66 -28.21
CA ASN D 275 21.98 -37.40 -29.45
C ASN D 275 22.28 -38.87 -29.24
N LYS D 276 22.30 -39.35 -28.00
CA LYS D 276 22.57 -40.76 -27.73
C LYS D 276 21.44 -41.63 -28.27
N THR D 277 21.82 -42.73 -28.91
CA THR D 277 20.89 -43.68 -29.48
C THR D 277 20.92 -44.96 -28.65
N GLN D 278 19.83 -45.23 -27.93
CA GLN D 278 19.75 -46.38 -27.05
C GLN D 278 18.62 -47.29 -27.50
N ASN D 279 18.86 -48.60 -27.44
CA ASN D 279 17.92 -49.60 -27.88
C ASN D 279 17.48 -50.47 -26.71
N VAL D 280 16.16 -50.70 -26.61
CA VAL D 280 15.59 -51.58 -25.59
C VAL D 280 14.56 -52.48 -26.26
N ASP D 281 14.24 -53.58 -25.58
CA ASP D 281 13.26 -54.55 -26.05
C ASP D 281 12.08 -54.57 -25.09
N VAL D 282 10.87 -54.51 -25.65
CA VAL D 282 9.65 -54.45 -24.86
C VAL D 282 8.48 -54.84 -25.74
N ARG D 283 7.40 -55.32 -25.12
CA ARG D 283 6.15 -55.65 -25.80
C ARG D 283 5.15 -54.54 -25.51
N ILE D 284 4.63 -53.92 -26.57
CA ILE D 284 3.84 -52.69 -26.46
C ILE D 284 2.38 -53.00 -26.74
N ILE D 285 1.51 -52.56 -25.82
CA ILE D 285 0.07 -52.66 -25.98
C ILE D 285 -0.49 -51.25 -25.90
N ALA D 286 -0.94 -50.72 -27.03
CA ALA D 286 -1.54 -49.41 -27.11
C ALA D 286 -3.06 -49.53 -27.06
N ALA D 287 -3.71 -48.52 -26.46
CA ALA D 287 -5.15 -48.54 -26.25
C ALA D 287 -5.71 -47.16 -26.57
N THR D 288 -7.03 -47.12 -26.77
CA THR D 288 -7.72 -45.88 -27.11
C THR D 288 -9.19 -46.02 -26.73
N HIS D 289 -9.88 -44.88 -26.72
CA HIS D 289 -11.30 -44.84 -26.44
C HIS D 289 -12.15 -44.44 -27.64
N LYS D 290 -11.57 -43.75 -28.61
CA LYS D 290 -12.27 -43.39 -29.84
C LYS D 290 -11.99 -44.42 -30.93
N ASN D 291 -13.00 -44.67 -31.76
CA ASN D 291 -12.81 -45.54 -32.91
C ASN D 291 -11.79 -44.94 -33.86
N LEU D 292 -10.86 -45.77 -34.34
CA LEU D 292 -9.75 -45.23 -35.11
C LEU D 292 -10.19 -44.76 -36.48
N GLU D 293 -11.03 -45.53 -37.16
CA GLU D 293 -11.33 -45.28 -38.58
C GLU D 293 -11.72 -43.82 -38.80
N LYS D 294 -12.66 -43.31 -38.00
CA LYS D 294 -13.01 -41.90 -38.09
C LYS D 294 -11.84 -40.99 -37.71
N MET D 295 -10.98 -41.46 -36.78
CA MET D 295 -9.91 -40.61 -36.29
C MET D 295 -8.87 -40.37 -37.40
N ILE D 296 -8.58 -41.41 -38.20
CA ILE D 296 -7.77 -41.23 -39.40
C ILE D 296 -8.54 -40.43 -40.46
N GLU D 297 -9.84 -40.70 -40.60
CA GLU D 297 -10.63 -39.95 -41.58
C GLU D 297 -10.57 -38.45 -41.33
N ASP D 298 -10.41 -38.03 -40.06
CA ASP D 298 -10.21 -36.62 -39.77
C ASP D 298 -8.86 -36.11 -40.26
N GLY D 299 -7.94 -37.01 -40.62
CA GLY D 299 -6.66 -36.62 -41.14
C GLY D 299 -5.61 -36.26 -40.11
N THR D 300 -5.91 -36.41 -38.82
CA THR D 300 -4.98 -36.07 -37.76
C THR D 300 -4.26 -37.30 -37.19
N PHE D 301 -4.44 -38.47 -37.79
CA PHE D 301 -3.72 -39.68 -37.40
C PHE D 301 -2.90 -40.15 -38.58
N ARG D 302 -1.62 -40.37 -38.36
CA ARG D 302 -0.75 -40.87 -39.44
C ARG D 302 -1.15 -42.30 -39.80
N GLU D 303 -1.32 -42.54 -41.10
CA GLU D 303 -1.80 -43.85 -41.56
C GLU D 303 -0.73 -44.93 -41.39
N ASP D 304 0.56 -44.58 -41.53
CA ASP D 304 1.62 -45.56 -41.38
C ASP D 304 1.66 -46.08 -39.94
N LEU D 305 1.57 -45.18 -38.97
CA LEU D 305 1.52 -45.61 -37.57
C LEU D 305 0.25 -46.40 -37.29
N TYR D 306 -0.86 -45.99 -37.91
CA TYR D 306 -2.12 -46.72 -37.74
C TYR D 306 -1.97 -48.16 -38.21
N TYR D 307 -1.36 -48.37 -39.38
CA TYR D 307 -1.16 -49.72 -39.88
C TYR D 307 -0.14 -50.48 -39.05
N ARG D 308 0.90 -49.80 -38.56
CA ARG D 308 1.90 -50.46 -37.75
C ARG D 308 1.32 -50.98 -36.45
N LEU D 309 0.47 -50.18 -35.79
CA LEU D 309 -0.15 -50.64 -34.55
C LEU D 309 -1.28 -51.62 -34.81
N ASN D 310 -2.03 -51.46 -35.90
CA ASN D 310 -3.23 -52.25 -36.16
C ASN D 310 -2.92 -53.59 -36.81
N VAL D 311 -1.67 -54.07 -36.73
CA VAL D 311 -1.36 -55.40 -37.24
C VAL D 311 -2.09 -56.46 -36.43
N PHE D 312 -2.35 -56.20 -35.15
CA PHE D 312 -3.06 -57.12 -34.27
C PHE D 312 -4.19 -56.36 -33.59
N PRO D 313 -5.31 -56.17 -34.29
CA PRO D 313 -6.42 -55.42 -33.70
C PRO D 313 -7.09 -56.19 -32.57
N ILE D 314 -7.65 -55.42 -31.63
CA ILE D 314 -8.31 -55.96 -30.45
C ILE D 314 -9.68 -55.33 -30.35
N GLU D 315 -10.71 -56.14 -30.13
CA GLU D 315 -12.08 -55.68 -29.99
C GLU D 315 -12.53 -55.87 -28.55
N MET D 316 -13.03 -54.80 -27.94
CA MET D 316 -13.50 -54.82 -26.57
C MET D 316 -15.02 -54.76 -26.52
N ALA D 317 -15.60 -55.59 -25.66
CA ALA D 317 -17.05 -55.70 -25.55
C ALA D 317 -17.55 -54.95 -24.32
N PRO D 318 -18.30 -53.87 -24.50
CA PRO D 318 -18.87 -53.16 -23.35
C PRO D 318 -19.84 -54.02 -22.57
N LEU D 319 -19.97 -53.71 -21.28
CA LEU D 319 -20.70 -54.58 -20.35
C LEU D 319 -22.19 -54.66 -20.66
N ARG D 320 -22.76 -53.62 -21.27
CA ARG D 320 -24.20 -53.60 -21.48
C ARG D 320 -24.67 -54.69 -22.43
N GLU D 321 -23.77 -55.29 -23.20
CA GLU D 321 -24.11 -56.45 -24.01
C GLU D 321 -23.86 -57.77 -23.28
N ARG D 322 -23.29 -57.73 -22.07
CA ARG D 322 -23.01 -58.94 -21.30
C ARG D 322 -23.47 -58.75 -19.86
N VAL D 323 -24.68 -58.22 -19.69
CA VAL D 323 -25.17 -57.88 -18.35
C VAL D 323 -25.39 -59.12 -17.48
N GLU D 324 -25.59 -60.29 -18.09
CA GLU D 324 -26.02 -61.45 -17.33
C GLU D 324 -24.98 -61.91 -16.31
N ASP D 325 -23.71 -61.61 -16.51
CA ASP D 325 -22.68 -61.99 -15.54
C ASP D 325 -22.35 -60.88 -14.55
N ILE D 326 -23.04 -59.73 -14.64
CA ILE D 326 -22.71 -58.59 -13.79
C ILE D 326 -22.76 -58.98 -12.33
N ALA D 327 -23.81 -59.71 -11.92
CA ALA D 327 -23.89 -60.19 -10.54
C ALA D 327 -22.63 -60.95 -10.16
N LEU D 328 -22.23 -61.91 -10.99
CA LEU D 328 -20.97 -62.62 -10.74
C LEU D 328 -19.80 -61.65 -10.76
N LEU D 329 -19.80 -60.72 -11.73
CA LEU D 329 -18.78 -59.69 -11.75
C LEU D 329 -18.81 -58.87 -10.46
N LEU D 330 -20.00 -58.63 -9.92
CA LEU D 330 -20.11 -57.97 -8.63
C LEU D 330 -19.42 -58.80 -7.55
N ASN D 331 -19.63 -60.11 -7.56
CA ASN D 331 -18.95 -60.99 -6.61
C ASN D 331 -17.44 -60.97 -6.82
N GLU D 332 -16.97 -60.50 -7.97
CA GLU D 332 -15.54 -60.30 -8.13
C GLU D 332 -15.07 -59.05 -7.39
N LEU D 333 -15.84 -57.96 -7.47
CA LEU D 333 -15.39 -56.70 -6.88
C LEU D 333 -15.40 -56.75 -5.35
N ILE D 334 -16.34 -57.50 -4.76
CA ILE D 334 -16.30 -57.68 -3.32
C ILE D 334 -15.02 -58.40 -2.90
N SER D 335 -14.43 -59.18 -3.81
CA SER D 335 -13.12 -59.78 -3.53
C SER D 335 -12.09 -58.70 -3.23
N ARG D 336 -12.16 -57.57 -3.92
CA ARG D 336 -11.29 -56.45 -3.61
C ARG D 336 -11.50 -55.99 -2.17
N MET D 337 -12.76 -55.92 -1.73
CA MET D 337 -13.03 -55.60 -0.34
C MET D 337 -12.47 -56.65 0.59
N GLU D 338 -12.37 -57.90 0.13
CA GLU D 338 -11.72 -58.95 0.89
C GLU D 338 -10.25 -59.08 0.60
N HIS D 339 -9.72 -58.33 -0.38
CA HIS D 339 -8.30 -58.33 -0.70
C HIS D 339 -7.60 -57.03 -0.32
N GLU D 340 -8.32 -55.91 -0.29
CA GLU D 340 -7.76 -54.63 0.09
C GLU D 340 -8.13 -54.21 1.51
N LYS D 341 -9.12 -54.87 2.12
CA LYS D 341 -9.55 -54.60 3.50
C LYS D 341 -9.96 -53.14 3.67
N ARG D 342 -11.02 -52.76 2.96
CA ARG D 342 -11.55 -51.41 3.03
C ARG D 342 -13.04 -51.39 3.40
N GLY D 343 -13.61 -52.53 3.78
CA GLY D 343 -15.01 -52.61 4.16
C GLY D 343 -15.68 -53.78 3.48
N SER D 344 -17.01 -53.72 3.44
CA SER D 344 -17.80 -54.78 2.82
C SER D 344 -19.05 -54.16 2.20
N ILE D 345 -19.60 -54.84 1.18
CA ILE D 345 -20.81 -54.39 0.51
C ILE D 345 -21.52 -55.62 -0.05
N ARG D 346 -22.85 -55.57 -0.02
CA ARG D 346 -23.68 -56.65 -0.53
C ARG D 346 -24.64 -56.10 -1.57
N PHE D 347 -25.15 -56.98 -2.43
CA PHE D 347 -26.12 -56.60 -3.45
C PHE D 347 -27.28 -57.58 -3.42
N ASN D 348 -28.50 -57.04 -3.32
CA ASN D 348 -29.71 -57.86 -3.33
C ASN D 348 -30.17 -58.10 -4.77
N SER D 349 -31.02 -59.10 -4.93
CA SER D 349 -31.48 -59.47 -6.26
C SER D 349 -32.18 -58.32 -6.95
N ALA D 350 -33.04 -57.59 -6.22
CA ALA D 350 -33.66 -56.40 -6.78
C ALA D 350 -32.60 -55.37 -7.18
N ALA D 351 -31.58 -55.19 -6.34
CA ALA D 351 -30.49 -54.29 -6.69
C ALA D 351 -29.75 -54.79 -7.92
N ILE D 352 -29.53 -56.10 -8.02
CA ILE D 352 -28.82 -56.66 -9.17
C ILE D 352 -29.58 -56.36 -10.46
N MET D 353 -30.88 -56.67 -10.49
CA MET D 353 -31.64 -56.44 -11.72
C MET D 353 -31.77 -54.95 -12.02
N SER D 354 -31.91 -54.12 -10.99
CA SER D 354 -31.97 -52.68 -11.23
C SER D 354 -30.67 -52.16 -11.83
N LEU D 355 -29.54 -52.66 -11.34
CA LEU D 355 -28.24 -52.25 -11.89
C LEU D 355 -28.08 -52.76 -13.32
N CYS D 356 -28.60 -53.96 -13.61
CA CYS D 356 -28.44 -54.53 -14.94
C CYS D 356 -29.14 -53.69 -16.00
N ARG D 357 -30.21 -52.99 -15.64
CA ARG D 357 -30.92 -52.16 -16.61
C ARG D 357 -30.17 -50.88 -16.96
N HIS D 358 -29.22 -50.46 -16.13
CA HIS D 358 -28.55 -49.19 -16.33
C HIS D 358 -27.68 -49.21 -17.58
N ASP D 359 -27.59 -48.06 -18.24
CA ASP D 359 -26.91 -47.99 -19.53
C ASP D 359 -25.42 -48.33 -19.40
N TRP D 360 -24.77 -47.85 -18.35
CA TRP D 360 -23.36 -48.11 -18.06
C TRP D 360 -22.45 -47.64 -19.19
N PRO D 361 -22.28 -46.33 -19.39
CA PRO D 361 -21.37 -45.86 -20.44
C PRO D 361 -19.92 -46.28 -20.24
N GLY D 362 -19.35 -45.93 -19.08
CA GLY D 362 -18.01 -46.33 -18.74
C GLY D 362 -18.00 -47.60 -17.91
N ASN D 363 -18.35 -48.72 -18.54
CA ASN D 363 -18.89 -49.90 -17.87
C ASN D 363 -18.17 -50.33 -16.60
N VAL D 364 -16.92 -50.80 -16.72
CA VAL D 364 -16.31 -51.48 -15.59
C VAL D 364 -15.67 -50.49 -14.61
N ARG D 365 -15.06 -49.41 -15.11
CA ARG D 365 -14.52 -48.41 -14.21
C ARG D 365 -15.62 -47.73 -13.42
N GLU D 366 -16.73 -47.39 -14.09
CA GLU D 366 -17.86 -46.81 -13.38
C GLU D 366 -18.49 -47.81 -12.42
N LEU D 367 -18.54 -49.09 -12.80
CA LEU D 367 -19.06 -50.10 -11.88
C LEU D 367 -18.22 -50.19 -10.61
N ALA D 368 -16.89 -50.23 -10.77
CA ALA D 368 -16.02 -50.29 -9.61
C ALA D 368 -16.13 -49.04 -8.75
N ASN D 369 -16.18 -47.86 -9.39
CA ASN D 369 -16.32 -46.62 -8.65
C ASN D 369 -17.63 -46.60 -7.87
N LEU D 370 -18.72 -47.03 -8.52
CA LEU D 370 -20.02 -47.02 -7.86
C LEU D 370 -20.05 -48.00 -6.69
N VAL D 371 -19.50 -49.20 -6.86
CA VAL D 371 -19.57 -50.18 -5.78
C VAL D 371 -18.71 -49.74 -4.60
N GLU D 372 -17.50 -49.21 -4.87
CA GLU D 372 -16.66 -48.75 -3.76
C GLU D 372 -17.28 -47.53 -3.08
N ARG D 373 -17.92 -46.65 -3.84
CA ARG D 373 -18.55 -45.47 -3.25
C ARG D 373 -19.75 -45.84 -2.40
N LEU D 374 -20.56 -46.79 -2.87
CA LEU D 374 -21.69 -47.28 -2.07
C LEU D 374 -21.19 -47.96 -0.80
N ALA D 375 -20.10 -48.72 -0.89
CA ALA D 375 -19.54 -49.35 0.30
C ALA D 375 -19.05 -48.30 1.28
N ILE D 376 -18.37 -47.25 0.79
CA ILE D 376 -17.75 -46.27 1.67
C ILE D 376 -18.79 -45.35 2.31
N MET D 377 -19.84 -44.95 1.58
CA MET D 377 -20.80 -44.01 2.16
C MET D 377 -21.49 -44.60 3.39
N HIS D 378 -21.80 -45.90 3.36
CA HIS D 378 -22.35 -46.58 4.53
C HIS D 378 -22.01 -48.06 4.45
N PRO D 379 -20.93 -48.48 5.07
CA PRO D 379 -20.58 -49.91 5.07
C PRO D 379 -21.53 -50.71 5.94
N TYR D 380 -21.51 -52.03 5.73
CA TYR D 380 -22.28 -53.03 6.46
C TYR D 380 -23.78 -52.92 6.25
N GLY D 381 -24.25 -51.99 5.40
CA GLY D 381 -25.66 -51.87 5.14
C GLY D 381 -26.13 -52.70 3.96
N VAL D 382 -27.44 -52.88 3.87
CA VAL D 382 -28.05 -53.63 2.78
C VAL D 382 -28.28 -52.69 1.61
N ILE D 383 -27.99 -53.16 0.41
CA ILE D 383 -28.10 -52.37 -0.81
C ILE D 383 -29.31 -52.86 -1.60
N GLY D 384 -30.21 -51.92 -1.92
CA GLY D 384 -31.39 -52.24 -2.69
C GLY D 384 -31.53 -51.40 -3.93
N VAL D 385 -32.72 -50.84 -4.16
CA VAL D 385 -33.01 -50.08 -5.37
C VAL D 385 -33.10 -48.58 -5.08
N GLY D 386 -33.82 -48.20 -4.02
CA GLY D 386 -34.06 -46.80 -3.76
C GLY D 386 -32.79 -46.03 -3.43
N GLU D 387 -31.95 -46.59 -2.57
CA GLU D 387 -30.76 -45.90 -2.08
C GLU D 387 -29.64 -45.82 -3.11
N LEU D 388 -29.80 -46.43 -4.28
CA LEU D 388 -28.84 -46.22 -5.35
C LEU D 388 -28.86 -44.76 -5.77
N PRO D 389 -27.69 -44.14 -5.99
CA PRO D 389 -27.62 -42.66 -6.07
C PRO D 389 -28.58 -42.03 -7.08
N LYS D 390 -28.46 -42.39 -8.35
CA LYS D 390 -29.29 -41.78 -9.38
C LYS D 390 -29.14 -42.57 -10.67
N LYS D 391 -30.26 -42.78 -11.36
CA LYS D 391 -30.31 -43.44 -12.66
C LYS D 391 -29.97 -44.93 -12.56
N PHE D 392 -29.52 -45.37 -11.38
CA PHE D 392 -29.20 -46.77 -11.15
C PHE D 392 -30.39 -47.57 -10.66
N ARG D 393 -31.52 -46.92 -10.40
CA ARG D 393 -32.76 -47.56 -9.98
C ARG D 393 -33.75 -47.66 -11.13
N HIS D 394 -33.25 -47.93 -12.33
CA HIS D 394 -34.10 -48.00 -13.53
C HIS D 394 -34.97 -49.24 -13.46
N VAL D 395 -36.19 -49.08 -12.96
CA VAL D 395 -37.13 -50.18 -12.82
C VAL D 395 -38.53 -49.70 -13.16
N ARG E 5 17.21 41.34 19.84
CA ARG E 5 18.66 41.42 20.02
C ARG E 5 19.04 41.14 21.47
N GLU E 6 20.24 41.60 21.86
CA GLU E 6 20.71 41.42 23.23
C GLU E 6 20.13 42.44 24.20
N THR E 7 19.47 43.48 23.69
CA THR E 7 18.91 44.50 24.56
C THR E 7 17.77 43.95 25.39
N LYS E 8 17.57 44.53 26.57
CA LYS E 8 16.56 44.11 27.52
C LYS E 8 15.43 45.14 27.58
N LEU E 9 14.34 44.76 28.23
CA LEU E 9 13.17 45.61 28.37
C LEU E 9 13.01 46.01 29.82
N LEU E 10 12.99 47.32 30.08
CA LEU E 10 12.70 47.83 31.41
C LEU E 10 11.21 47.80 31.66
N LEU E 11 10.82 47.29 32.82
CA LEU E 11 9.41 47.16 33.20
C LEU E 11 9.19 48.03 34.43
N ILE E 12 8.88 49.30 34.20
CA ILE E 12 8.61 50.25 35.27
C ILE E 12 7.10 50.24 35.49
N ASP E 13 6.66 49.54 36.52
CA ASP E 13 5.24 49.37 36.80
C ASP E 13 5.04 49.21 38.30
N ASP E 14 4.20 50.08 38.88
CA ASP E 14 3.94 50.01 40.31
C ASP E 14 3.14 48.77 40.69
N ASN E 15 2.23 48.34 39.82
CA ASN E 15 1.39 47.18 40.11
C ASN E 15 2.25 45.92 40.12
N LEU E 16 2.38 45.31 41.31
CA LEU E 16 3.19 44.10 41.43
C LEU E 16 2.61 42.97 40.59
N ASP E 17 1.28 42.79 40.62
CA ASP E 17 0.66 41.74 39.84
C ASP E 17 0.87 41.95 38.35
N ARG E 18 0.60 43.16 37.87
CA ARG E 18 0.84 43.46 36.46
C ARG E 18 2.31 43.36 36.12
N SER E 19 3.18 43.77 37.04
CA SER E 19 4.62 43.68 36.80
C SER E 19 5.06 42.25 36.57
N ARG E 20 4.68 41.34 37.47
CA ARG E 20 5.09 39.94 37.31
C ARG E 20 4.41 39.30 36.12
N ASP E 21 3.15 39.67 35.85
CA ASP E 21 2.46 39.13 34.69
C ASP E 21 3.19 39.50 33.40
N LEU E 22 3.49 40.79 33.21
CA LEU E 22 4.20 41.20 32.02
C LEU E 22 5.62 40.64 31.97
N ALA E 23 6.25 40.46 33.15
CA ALA E 23 7.58 39.88 33.19
C ALA E 23 7.56 38.45 32.63
N VAL E 24 6.64 37.62 33.11
CA VAL E 24 6.58 36.25 32.59
C VAL E 24 6.09 36.26 31.14
N ILE E 25 5.24 37.22 30.76
CA ILE E 25 4.78 37.32 29.39
C ILE E 25 5.96 37.50 28.44
N LEU E 26 6.84 38.44 28.77
CA LEU E 26 8.00 38.70 27.93
C LEU E 26 9.07 37.63 28.08
N ASN E 27 9.16 36.98 29.24
CA ASN E 27 10.09 35.87 29.40
C ASN E 27 9.66 34.67 28.57
N PHE E 28 8.38 34.59 28.20
CA PHE E 28 7.95 33.59 27.23
C PHE E 28 8.67 33.76 25.91
N LEU E 29 8.75 35.01 25.42
CA LEU E 29 9.32 35.28 24.11
C LEU E 29 10.81 35.00 24.03
N GLY E 30 11.48 34.80 25.16
CA GLY E 30 12.90 34.56 25.19
C GLY E 30 13.75 35.80 25.41
N GLU E 31 13.17 36.98 25.25
CA GLU E 31 13.90 38.21 25.52
C GLU E 31 14.14 38.36 27.01
N ASP E 32 15.29 38.93 27.36
CA ASP E 32 15.66 39.12 28.75
C ASP E 32 14.95 40.35 29.30
N GLN E 33 14.25 40.17 30.42
CA GLN E 33 13.54 41.25 31.08
C GLN E 33 13.95 41.29 32.54
N LEU E 34 13.74 42.45 33.16
CA LEU E 34 14.04 42.66 34.57
C LEU E 34 12.87 43.37 35.23
N THR E 35 12.45 42.85 36.39
CA THR E 35 11.33 43.43 37.11
C THR E 35 11.80 44.60 37.96
N CYS E 36 11.12 45.74 37.84
CA CYS E 36 11.50 46.94 38.56
C CYS E 36 10.26 47.64 39.08
N ASN E 37 10.47 48.47 40.11
CA ASN E 37 9.42 49.29 40.68
C ASN E 37 9.93 50.70 40.86
N SER E 38 8.99 51.66 40.90
CA SER E 38 9.36 53.06 40.95
C SER E 38 10.20 53.40 42.17
N GLU E 39 10.02 52.66 43.27
CA GLU E 39 10.81 52.93 44.47
C GLU E 39 12.27 52.54 44.30
N ASP E 40 12.55 51.58 43.41
CA ASP E 40 13.91 51.07 43.23
C ASP E 40 14.37 51.13 41.78
N TRP E 41 13.64 51.80 40.90
CA TRP E 41 14.01 51.80 39.48
C TRP E 41 15.29 52.59 39.23
N ARG E 42 15.61 53.55 40.09
CA ARG E 42 16.76 54.42 39.87
C ARG E 42 18.07 53.62 39.82
N GLU E 43 18.38 52.91 40.91
CA GLU E 43 19.66 52.22 41.00
C GLU E 43 19.74 51.05 40.01
N VAL E 44 18.63 50.33 39.81
CA VAL E 44 18.65 49.22 38.88
C VAL E 44 18.85 49.72 37.45
N ALA E 45 18.20 50.83 37.09
CA ALA E 45 18.42 51.42 35.77
C ALA E 45 19.87 51.89 35.64
N ALA E 46 20.42 52.49 36.69
CA ALA E 46 21.82 52.91 36.66
C ALA E 46 22.77 51.72 36.61
N GLY E 47 22.31 50.52 36.99
CA GLY E 47 23.16 49.34 36.95
C GLY E 47 23.44 48.81 35.56
N LEU E 48 22.71 49.27 34.55
CA LEU E 48 22.94 48.84 33.19
C LEU E 48 24.19 49.51 32.62
N SER E 49 24.71 48.93 31.53
CA SER E 49 25.93 49.47 30.92
C SER E 49 25.71 50.87 30.37
N ASN E 50 24.58 51.09 29.71
CA ASN E 50 24.28 52.38 29.09
C ASN E 50 22.78 52.47 28.88
N SER E 51 22.30 53.68 28.54
CA SER E 51 20.89 53.89 28.26
C SER E 51 20.42 53.17 27.01
N ARG E 52 21.34 52.81 26.10
CA ARG E 52 20.99 52.10 24.88
C ARG E 52 20.84 50.60 25.08
N GLU E 53 21.28 50.07 26.23
CA GLU E 53 21.12 48.64 26.51
C GLU E 53 19.65 48.27 26.67
N ALA E 54 18.77 49.24 26.93
CA ALA E 54 17.35 48.99 27.04
C ALA E 54 16.66 49.36 25.73
N LEU E 55 15.91 48.41 25.18
CA LEU E 55 15.20 48.67 23.93
C LEU E 55 14.15 49.76 24.10
N CYS E 56 13.37 49.68 25.18
CA CYS E 56 12.30 50.65 25.43
C CYS E 56 12.01 50.66 26.92
N VAL E 57 10.92 51.35 27.30
CA VAL E 57 10.44 51.38 28.67
C VAL E 57 8.96 51.03 28.66
N LEU E 58 8.59 50.02 29.44
CA LEU E 58 7.21 49.57 29.53
C LEU E 58 6.56 50.14 30.78
N LEU E 59 5.46 50.86 30.61
CA LEU E 59 4.74 51.49 31.71
C LEU E 59 3.36 50.86 31.79
N GLY E 60 3.04 50.31 32.96
CA GLY E 60 1.73 49.75 33.23
C GLY E 60 0.86 50.72 34.01
N SER E 61 0.00 50.17 34.86
CA SER E 61 -0.80 51.01 35.73
C SER E 61 0.10 51.69 36.76
N VAL E 62 -0.06 52.99 36.90
CA VAL E 62 0.78 53.80 37.79
C VAL E 62 -0.11 54.35 38.90
N GLU E 63 0.25 54.07 40.15
CA GLU E 63 -0.49 54.55 41.30
C GLU E 63 0.34 55.47 42.18
N SER E 64 1.56 55.80 41.77
CA SER E 64 2.41 56.69 42.55
C SER E 64 1.86 58.11 42.51
N LYS E 65 2.16 58.87 43.57
CA LYS E 65 1.67 60.24 43.68
C LYS E 65 2.35 61.14 42.66
N GLY E 66 1.67 62.22 42.29
CA GLY E 66 2.17 63.17 41.33
C GLY E 66 1.93 62.83 39.88
N GLY E 67 1.31 61.71 39.58
CA GLY E 67 1.03 61.32 38.22
C GLY E 67 2.27 60.79 37.51
N ALA E 68 2.09 60.52 36.22
CA ALA E 68 3.15 59.99 35.38
C ALA E 68 3.96 61.08 34.68
N VAL E 69 3.58 62.34 34.83
CA VAL E 69 4.32 63.42 34.19
C VAL E 69 5.73 63.53 34.75
N GLU E 70 5.86 63.42 36.08
CA GLU E 70 7.19 63.47 36.70
C GLU E 70 8.05 62.30 36.24
N LEU E 71 7.46 61.11 36.16
CA LEU E 71 8.21 59.95 35.67
C LEU E 71 8.63 60.14 34.23
N LEU E 72 7.76 60.71 33.40
CA LEU E 72 8.11 60.97 32.00
C LEU E 72 9.25 61.98 31.89
N LYS E 73 9.21 63.03 32.72
CA LYS E 73 10.31 63.99 32.72
C LYS E 73 11.61 63.35 33.18
N GLN E 74 11.55 62.48 34.19
CA GLN E 74 12.74 61.79 34.65
C GLN E 74 13.32 60.89 33.55
N LEU E 75 12.45 60.17 32.85
CA LEU E 75 12.91 59.34 31.75
C LEU E 75 13.51 60.18 30.63
N ALA E 76 12.90 61.33 30.33
CA ALA E 76 13.45 62.21 29.31
C ALA E 76 14.83 62.71 29.71
N SER E 77 15.01 63.04 30.99
CA SER E 77 16.34 63.41 31.46
C SER E 77 17.31 62.24 31.35
N TRP E 78 16.82 61.02 31.56
CA TRP E 78 17.67 59.84 31.43
C TRP E 78 18.14 59.66 29.99
N ASP E 79 17.23 59.80 29.03
CA ASP E 79 17.57 59.58 27.62
C ASP E 79 16.52 60.26 26.76
N GLU E 80 16.99 61.00 25.75
CA GLU E 80 16.06 61.70 24.85
C GLU E 80 15.35 60.72 23.92
N TYR E 81 16.09 59.79 23.33
CA TYR E 81 15.54 58.83 22.38
C TYR E 81 15.26 57.53 23.14
N LEU E 82 14.03 57.39 23.61
CA LEU E 82 13.63 56.25 24.42
C LEU E 82 12.16 55.93 24.20
N PRO E 83 11.85 54.88 23.44
CA PRO E 83 10.44 54.55 23.20
C PRO E 83 9.76 54.07 24.47
N ILE E 84 8.47 54.39 24.57
CA ILE E 84 7.65 54.03 25.72
C ILE E 84 6.45 53.23 25.24
N LEU E 85 6.11 52.17 25.97
CA LEU E 85 4.97 51.33 25.62
C LEU E 85 4.03 51.26 26.81
N LEU E 86 2.77 51.63 26.58
CA LEU E 86 1.75 51.58 27.62
C LEU E 86 1.02 50.24 27.58
N ILE E 87 0.84 49.64 28.76
CA ILE E 87 0.22 48.34 28.89
C ILE E 87 -0.91 48.43 29.91
N GLY E 88 -2.11 47.99 29.52
CA GLY E 88 -3.24 47.94 30.41
C GLY E 88 -4.15 49.16 30.39
N GLU E 89 -3.69 50.27 29.83
CA GLU E 89 -4.49 51.48 29.77
C GLU E 89 -4.30 52.14 28.41
N PRO E 90 -5.31 52.87 27.92
CA PRO E 90 -5.16 53.59 26.65
C PRO E 90 -4.29 54.82 26.81
N ALA E 91 -4.10 55.57 25.73
CA ALA E 91 -3.28 56.78 25.79
C ALA E 91 -4.05 57.87 26.51
N PRO E 92 -3.53 58.40 27.62
CA PRO E 92 -4.25 59.46 28.33
C PRO E 92 -4.29 60.75 27.50
N ALA E 93 -5.40 61.47 27.65
CA ALA E 93 -5.59 62.72 26.94
C ALA E 93 -5.09 63.94 27.70
N ASP E 94 -4.72 63.78 28.97
CA ASP E 94 -4.23 64.89 29.77
C ASP E 94 -2.71 65.04 29.72
N TRP E 95 -2.01 64.11 29.08
CA TRP E 95 -0.57 64.19 28.98
C TRP E 95 -0.16 65.23 27.95
N PRO E 96 1.01 65.84 28.11
CA PRO E 96 1.48 66.83 27.12
C PRO E 96 1.72 66.20 25.76
N GLU E 97 1.58 67.04 24.73
CA GLU E 97 1.71 66.55 23.36
C GLU E 97 3.11 66.02 23.09
N GLU E 98 4.13 66.66 23.65
CA GLU E 98 5.50 66.22 23.44
C GLU E 98 5.82 64.91 24.16
N LEU E 99 4.95 64.49 25.08
CA LEU E 99 5.18 63.25 25.83
C LEU E 99 4.36 62.08 25.32
N ARG E 100 3.21 62.34 24.68
CA ARG E 100 2.39 61.24 24.18
C ARG E 100 3.00 60.59 22.96
N ARG E 101 3.83 61.31 22.21
CA ARG E 101 4.44 60.75 21.01
C ARG E 101 5.39 59.61 21.35
N ARG E 102 6.15 59.76 22.44
CA ARG E 102 7.08 58.71 22.84
C ARG E 102 6.36 57.42 23.21
N VAL E 103 5.10 57.51 23.63
CA VAL E 103 4.28 56.33 23.83
C VAL E 103 3.99 55.72 22.46
N LEU E 104 4.65 54.60 22.15
CA LEU E 104 4.60 54.08 20.79
C LEU E 104 3.21 53.55 20.45
N ALA E 105 2.63 52.72 21.31
CA ALA E 105 1.37 52.07 21.04
C ALA E 105 0.44 52.18 22.25
N SER E 106 -0.84 52.38 21.98
CA SER E 106 -1.85 52.45 23.03
C SER E 106 -2.38 51.04 23.31
N LEU E 107 -1.45 50.17 23.70
CA LEU E 107 -1.76 48.77 23.94
C LEU E 107 -2.64 48.61 25.18
N GLU E 108 -3.64 47.75 25.06
CA GLU E 108 -4.49 47.36 26.17
C GLU E 108 -3.76 46.28 26.98
N MET E 109 -4.46 45.64 27.92
CA MET E 109 -3.80 44.69 28.81
C MET E 109 -3.17 43.56 27.98
N PRO E 110 -2.08 42.96 28.46
CA PRO E 110 -1.06 42.37 27.55
C PRO E 110 -1.68 41.71 26.33
N PRO E 111 -1.35 42.21 25.14
CA PRO E 111 -2.11 41.85 23.94
C PRO E 111 -1.68 40.54 23.31
N SER E 112 -2.22 40.24 22.14
CA SER E 112 -1.82 39.06 21.40
C SER E 112 -0.37 39.19 20.93
N TYR E 113 0.19 38.06 20.50
CA TYR E 113 1.60 38.02 20.13
C TYR E 113 1.89 38.95 18.96
N ASN E 114 1.05 38.91 17.93
CA ASN E 114 1.35 39.66 16.70
C ASN E 114 1.40 41.15 16.97
N LYS E 115 0.43 41.67 17.72
CA LYS E 115 0.41 43.10 18.02
C LYS E 115 1.62 43.50 18.84
N LEU E 116 1.96 42.69 19.85
CA LEU E 116 3.09 43.02 20.73
C LEU E 116 4.39 43.03 19.95
N LEU E 117 4.62 42.03 19.09
CA LEU E 117 5.88 41.99 18.37
C LEU E 117 5.92 43.01 17.25
N ASP E 118 4.77 43.38 16.67
CA ASP E 118 4.75 44.50 15.75
C ASP E 118 5.12 45.80 16.44
N SER E 119 4.63 45.99 17.67
CA SER E 119 5.04 47.15 18.46
C SER E 119 6.54 47.11 18.76
N LEU E 120 7.06 45.92 19.07
CA LEU E 120 8.50 45.79 19.31
C LEU E 120 9.31 46.11 18.07
N HIS E 121 8.83 45.69 16.89
CA HIS E 121 9.52 46.03 15.64
C HIS E 121 9.47 47.53 15.38
N ARG E 122 8.33 48.17 15.67
CA ARG E 122 8.27 49.62 15.56
C ARG E 122 9.26 50.28 16.51
N ALA E 123 9.41 49.73 17.70
CA ALA E 123 10.39 50.26 18.65
C ALA E 123 11.81 50.04 18.15
N GLN E 124 12.04 48.91 17.47
CA GLN E 124 13.35 48.66 16.87
C GLN E 124 13.67 49.70 15.80
N VAL E 125 12.67 50.03 14.97
CA VAL E 125 12.84 51.09 13.97
C VAL E 125 13.10 52.42 14.66
N TYR E 126 12.37 52.68 15.74
CA TYR E 126 12.56 53.88 16.54
C TYR E 126 13.98 53.99 17.05
N ARG E 127 14.52 52.87 17.55
CA ARG E 127 15.89 52.83 18.04
C ARG E 127 16.90 53.08 16.92
N GLU E 128 16.78 52.33 15.84
CA GLU E 128 17.79 52.39 14.78
C GLU E 128 17.79 53.75 14.08
N MET E 129 16.61 54.28 13.79
CA MET E 129 16.52 55.51 13.01
C MET E 129 16.98 56.71 13.83
N TYR E 130 16.70 56.71 15.14
CA TYR E 130 17.24 57.73 16.02
C TYR E 130 18.71 57.51 16.36
N ASP E 131 19.23 56.30 16.17
CA ASP E 131 20.64 56.03 16.44
C ASP E 131 21.52 56.52 15.31
N LEU E 144 15.95 46.13 -1.96
CA LEU E 144 17.16 45.32 -1.82
C LEU E 144 16.83 43.83 -1.83
N PHE E 145 17.87 43.01 -2.01
CA PHE E 145 17.78 41.54 -2.00
C PHE E 145 17.07 41.03 -3.24
N ARG E 146 17.51 39.88 -3.75
CA ARG E 146 16.93 39.28 -4.95
C ARG E 146 15.96 38.18 -4.54
N SER E 147 14.76 38.60 -4.13
CA SER E 147 13.69 37.69 -3.78
C SER E 147 12.89 37.36 -5.05
N LEU E 148 11.70 36.80 -4.89
CA LEU E 148 10.82 36.41 -6.00
C LEU E 148 11.43 35.25 -6.80
N VAL E 149 12.18 34.38 -6.13
CA VAL E 149 12.79 33.22 -6.74
C VAL E 149 12.23 31.97 -6.08
N GLY E 150 11.93 30.96 -6.89
CA GLY E 150 11.43 29.70 -6.38
C GLY E 150 10.22 29.22 -7.16
N THR E 151 9.74 28.04 -6.76
CA THR E 151 8.65 27.35 -7.44
C THR E 151 7.46 27.09 -6.53
N SER E 152 7.37 27.80 -5.41
CA SER E 152 6.22 27.65 -4.53
C SER E 152 4.96 28.17 -5.21
N ARG E 153 3.82 27.62 -4.80
CA ARG E 153 2.55 28.06 -5.40
C ARG E 153 2.26 29.52 -5.10
N ALA E 154 2.61 29.99 -3.90
CA ALA E 154 2.36 31.38 -3.55
C ALA E 154 3.15 32.33 -4.45
N ILE E 155 4.43 32.04 -4.67
CA ILE E 155 5.22 32.91 -5.52
C ILE E 155 4.75 32.79 -6.97
N GLN E 156 4.22 31.62 -7.35
CA GLN E 156 3.65 31.48 -8.70
C GLN E 156 2.42 32.36 -8.87
N GLN E 157 1.55 32.40 -7.85
CA GLN E 157 0.39 33.27 -7.90
C GLN E 157 0.81 34.74 -7.96
N VAL E 158 1.83 35.10 -7.18
CA VAL E 158 2.33 36.47 -7.22
C VAL E 158 2.85 36.80 -8.62
N ARG E 159 3.60 35.87 -9.22
CA ARG E 159 4.13 36.09 -10.56
C ARG E 159 3.00 36.22 -11.59
N GLN E 160 1.92 35.44 -11.42
CA GLN E 160 0.75 35.62 -12.27
C GLN E 160 0.18 37.01 -12.11
N MET E 161 0.17 37.53 -10.89
CA MET E 161 -0.27 38.89 -10.67
C MET E 161 0.62 39.90 -11.39
N MET E 162 1.94 39.70 -11.35
CA MET E 162 2.82 40.59 -12.11
C MET E 162 2.57 40.50 -13.61
N GLN E 163 2.33 39.30 -14.14
CA GLN E 163 2.03 39.21 -15.56
C GLN E 163 0.70 39.90 -15.89
N GLN E 164 -0.30 39.79 -15.02
CA GLN E 164 -1.57 40.45 -15.27
C GLN E 164 -1.49 41.97 -15.12
N VAL E 165 -0.52 42.48 -14.36
CA VAL E 165 -0.46 43.90 -14.07
C VAL E 165 0.52 44.63 -14.98
N ALA E 166 1.57 43.92 -15.42
CA ALA E 166 2.72 44.58 -16.04
C ALA E 166 2.34 45.27 -17.34
N ASP E 167 1.49 44.64 -18.15
CA ASP E 167 1.13 45.23 -19.44
C ASP E 167 0.37 46.54 -19.31
N THR E 168 -0.16 46.85 -18.13
CA THR E 168 -0.87 48.09 -17.88
C THR E 168 0.05 49.10 -17.20
N ASP E 169 -0.53 50.26 -16.85
CA ASP E 169 0.21 51.31 -16.15
C ASP E 169 -0.79 52.08 -15.30
N ALA E 170 -0.87 51.73 -14.02
CA ALA E 170 -1.81 52.36 -13.09
C ALA E 170 -1.34 52.08 -11.67
N SER E 171 -2.19 52.41 -10.70
CA SER E 171 -1.86 52.20 -9.30
C SER E 171 -1.80 50.71 -8.98
N VAL E 172 -0.87 50.34 -8.10
CA VAL E 172 -0.69 48.93 -7.71
C VAL E 172 -0.69 48.85 -6.19
N LEU E 173 -1.51 47.96 -5.65
CA LEU E 173 -1.64 47.77 -4.21
C LEU E 173 -1.04 46.44 -3.80
N ILE E 174 -0.21 46.46 -2.76
CA ILE E 174 0.45 45.27 -2.24
C ILE E 174 0.01 45.06 -0.79
N LEU E 175 -0.47 43.87 -0.49
CA LEU E 175 -0.91 43.50 0.85
C LEU E 175 -0.10 42.29 1.33
N GLY E 176 0.49 42.42 2.50
CA GLY E 176 1.27 41.34 3.06
C GLY E 176 1.93 41.78 4.33
N GLU E 177 2.35 40.79 5.12
CA GLU E 177 2.94 41.05 6.43
C GLU E 177 4.16 41.97 6.31
N SER E 178 4.47 42.65 7.41
CA SER E 178 5.57 43.61 7.42
C SER E 178 6.89 42.92 7.14
N GLY E 179 7.69 43.53 6.27
CA GLY E 179 8.99 42.97 5.92
C GLY E 179 8.89 41.63 5.21
N THR E 180 8.08 41.57 4.17
CA THR E 180 7.89 40.33 3.40
C THR E 180 8.50 40.39 2.02
N GLY E 181 9.05 41.53 1.60
CA GLY E 181 9.68 41.63 0.30
C GLY E 181 8.83 42.29 -0.75
N LYS E 182 8.15 43.39 -0.39
CA LYS E 182 7.38 44.14 -1.36
C LYS E 182 8.27 45.00 -2.25
N GLU E 183 9.43 45.41 -1.75
CA GLU E 183 10.30 46.29 -2.53
C GLU E 183 10.84 45.59 -3.77
N VAL E 184 11.18 44.30 -3.66
CA VAL E 184 11.65 43.56 -4.82
C VAL E 184 10.53 43.42 -5.85
N VAL E 185 9.29 43.26 -5.40
CA VAL E 185 8.17 43.17 -6.32
C VAL E 185 7.96 44.52 -7.03
N ALA E 186 8.10 45.61 -6.28
CA ALA E 186 8.00 46.93 -6.89
C ALA E 186 9.10 47.13 -7.93
N ARG E 187 10.32 46.70 -7.62
CA ARG E 187 11.41 46.79 -8.58
C ARG E 187 11.13 45.95 -9.82
N ASN E 188 10.59 44.74 -9.63
CA ASN E 188 10.25 43.88 -10.76
C ASN E 188 9.22 44.55 -11.66
N LEU E 189 8.17 45.12 -11.05
CA LEU E 189 7.15 45.80 -11.85
C LEU E 189 7.73 47.01 -12.55
N HIS E 190 8.63 47.74 -11.89
CA HIS E 190 9.25 48.91 -12.49
C HIS E 190 10.09 48.53 -13.70
N TYR E 191 10.85 47.44 -13.60
CA TYR E 191 11.71 47.01 -14.70
C TYR E 191 10.97 46.20 -15.76
N HIS E 192 9.72 45.80 -15.50
CA HIS E 192 8.89 45.17 -16.52
C HIS E 192 7.87 46.13 -17.14
N SER E 193 7.88 47.40 -16.75
CA SER E 193 6.96 48.39 -17.27
C SER E 193 7.69 49.32 -18.24
N LYS E 194 6.96 50.27 -18.81
CA LYS E 194 7.51 51.21 -19.77
C LYS E 194 8.47 52.22 -19.14
N ARG E 195 8.54 52.28 -17.82
CA ARG E 195 9.36 53.26 -17.12
C ARG E 195 10.69 52.68 -16.65
N ARG E 196 11.29 51.80 -17.44
CA ARG E 196 12.58 51.20 -17.05
C ARG E 196 13.65 52.27 -16.90
N GLU E 197 13.71 53.22 -17.84
CA GLU E 197 14.72 54.27 -17.77
C GLU E 197 14.43 55.22 -16.62
N GLY E 198 13.17 55.40 -16.26
CA GLY E 198 12.79 56.31 -15.19
C GLY E 198 13.28 55.85 -13.84
N PRO E 199 13.59 56.80 -12.96
CA PRO E 199 13.97 56.45 -11.59
C PRO E 199 12.88 55.64 -10.90
N PHE E 200 13.33 54.70 -10.06
CA PHE E 200 12.47 53.96 -9.16
C PHE E 200 12.81 54.38 -7.73
N VAL E 201 11.81 54.88 -6.99
CA VAL E 201 12.04 55.42 -5.66
C VAL E 201 11.15 54.74 -4.62
N PRO E 202 11.73 54.05 -3.64
CA PRO E 202 10.92 53.55 -2.52
C PRO E 202 10.97 54.48 -1.31
N VAL E 203 9.83 54.65 -0.64
CA VAL E 203 9.75 55.44 0.58
C VAL E 203 8.93 54.66 1.59
N ASN E 204 9.50 54.41 2.76
CA ASN E 204 8.82 53.68 3.83
C ASN E 204 8.26 54.71 4.81
N CYS E 205 6.94 54.91 4.76
CA CYS E 205 6.31 55.90 5.62
C CYS E 205 6.41 55.51 7.09
N GLY E 206 6.41 54.20 7.37
CA GLY E 206 6.50 53.75 8.75
C GLY E 206 7.80 54.14 9.42
N ALA E 207 8.90 54.08 8.67
CA ALA E 207 10.22 54.39 9.22
C ALA E 207 10.52 55.89 9.25
N ILE E 208 9.62 56.71 8.73
CA ILE E 208 9.81 58.17 8.73
C ILE E 208 9.04 58.76 9.89
N PRO E 209 9.62 59.72 10.62
CA PRO E 209 8.87 60.36 11.72
C PRO E 209 7.61 61.03 11.21
N ALA E 210 6.56 60.99 12.05
CA ALA E 210 5.28 61.56 11.66
C ALA E 210 5.39 63.05 11.38
N GLU E 211 6.15 63.77 12.20
CA GLU E 211 6.32 65.21 12.00
C GLU E 211 7.17 65.53 10.77
N LEU E 212 7.90 64.57 10.24
CA LEU E 212 8.78 64.80 9.09
C LEU E 212 8.31 64.11 7.83
N LEU E 213 7.20 63.37 7.87
CA LEU E 213 6.71 62.72 6.67
C LEU E 213 6.27 63.73 5.62
N GLU E 214 5.65 64.83 6.05
CA GLU E 214 5.25 65.88 5.12
C GLU E 214 6.47 66.47 4.42
N SER E 215 7.53 66.75 5.16
CA SER E 215 8.74 67.29 4.55
C SER E 215 9.39 66.27 3.62
N GLU E 216 9.39 65.00 4.02
CA GLU E 216 10.02 63.96 3.20
C GLU E 216 9.30 63.77 1.88
N LEU E 217 7.97 63.81 1.89
CA LEU E 217 7.21 63.53 0.68
C LEU E 217 6.97 64.79 -0.14
N PHE E 218 6.29 65.78 0.43
CA PHE E 218 5.96 66.98 -0.31
C PHE E 218 7.21 67.80 -0.65
N GLY E 219 8.18 67.84 0.25
CA GLY E 219 9.40 68.59 0.00
C GLY E 219 9.73 69.57 1.11
N HIS E 220 10.57 70.56 0.80
CA HIS E 220 11.00 71.55 1.75
C HIS E 220 10.82 72.94 1.18
N GLU E 221 10.51 73.90 2.05
CA GLU E 221 10.37 75.30 1.67
C GLU E 221 11.19 76.14 2.64
N LYS E 222 12.05 77.01 2.11
CA LYS E 222 13.00 77.75 2.91
C LYS E 222 12.33 79.00 3.47
N GLY E 223 12.09 79.01 4.78
CA GLY E 223 11.55 80.19 5.44
C GLY E 223 10.07 80.42 5.23
N ALA E 224 9.35 79.47 4.62
CA ALA E 224 7.92 79.66 4.41
C ALA E 224 7.16 79.69 5.72
N PHE E 225 7.51 78.81 6.66
CA PHE E 225 6.84 78.74 7.95
C PHE E 225 7.80 78.14 8.97
N THR E 226 7.33 78.02 10.20
CA THR E 226 8.14 77.44 11.27
C THR E 226 8.38 75.95 11.03
N GLY E 227 9.48 75.45 11.56
CA GLY E 227 9.85 74.06 11.40
C GLY E 227 10.68 73.75 10.16
N ALA E 228 10.93 74.75 9.31
CA ALA E 228 11.73 74.55 8.09
C ALA E 228 13.20 74.55 8.49
N ILE E 229 13.71 73.37 8.85
CA ILE E 229 15.09 73.23 9.26
C ILE E 229 15.93 72.41 8.28
N THR E 230 15.31 71.64 7.41
CA THR E 230 16.02 70.81 6.44
C THR E 230 15.97 71.45 5.06
N SER E 231 17.06 71.28 4.31
CA SER E 231 17.19 71.84 2.96
C SER E 231 17.39 70.67 2.00
N ARG E 232 16.29 70.12 1.51
CA ARG E 232 16.34 68.98 0.59
C ARG E 232 14.98 68.83 -0.08
N ALA E 233 15.00 68.71 -1.41
CA ALA E 233 13.75 68.59 -2.15
C ALA E 233 13.10 67.23 -1.90
N GLY E 234 11.78 67.19 -2.06
CA GLY E 234 11.02 65.98 -1.81
C GLY E 234 11.18 64.95 -2.91
N ARG E 235 10.49 63.82 -2.72
CA ARG E 235 10.53 62.72 -3.68
C ARG E 235 9.69 62.99 -4.93
N PHE E 236 9.06 64.16 -5.04
CA PHE E 236 8.25 64.47 -6.21
C PHE E 236 9.09 64.43 -7.48
N GLU E 237 10.23 65.12 -7.48
CA GLU E 237 11.11 65.12 -8.64
C GLU E 237 12.03 63.91 -8.67
N LEU E 238 12.11 63.14 -7.58
CA LEU E 238 12.79 61.86 -7.62
C LEU E 238 11.97 60.80 -8.35
N ALA E 239 10.65 60.87 -8.24
CA ALA E 239 9.76 59.86 -8.80
C ALA E 239 9.25 60.20 -10.20
N ASN E 240 9.62 61.35 -10.75
CA ASN E 240 9.07 61.78 -12.03
C ASN E 240 9.42 60.77 -13.12
N GLY E 241 8.41 60.37 -13.89
CA GLY E 241 8.60 59.44 -14.98
C GLY E 241 8.88 58.01 -14.59
N GLY E 242 8.73 57.67 -13.31
CA GLY E 242 9.05 56.34 -12.86
C GLY E 242 8.04 55.75 -11.89
N THR E 243 8.51 55.01 -10.90
CA THR E 243 7.67 54.34 -9.93
C THR E 243 7.93 54.89 -8.54
N LEU E 244 6.86 55.22 -7.83
CA LEU E 244 6.91 55.62 -6.43
C LEU E 244 6.32 54.50 -5.60
N PHE E 245 7.17 53.81 -4.84
CA PHE E 245 6.77 52.67 -4.02
C PHE E 245 6.63 53.14 -2.58
N LEU E 246 5.39 53.39 -2.17
CA LEU E 246 5.11 53.88 -0.82
C LEU E 246 4.76 52.69 0.07
N ASP E 247 5.68 52.33 0.95
CA ASP E 247 5.47 51.21 1.86
C ASP E 247 4.78 51.68 3.14
N GLU E 248 3.97 50.80 3.71
CA GLU E 248 3.24 51.06 4.95
C GLU E 248 2.37 52.31 4.81
N ILE E 249 1.41 52.23 3.89
CA ILE E 249 0.46 53.33 3.67
C ILE E 249 -0.56 53.44 4.78
N GLY E 250 -0.66 52.44 5.66
CA GLY E 250 -1.56 52.54 6.78
C GLY E 250 -1.16 53.62 7.77
N ASP E 251 0.15 53.77 8.00
CA ASP E 251 0.65 54.80 8.90
C ASP E 251 0.52 56.20 8.34
N MET E 252 -0.09 56.35 7.17
CA MET E 252 -0.27 57.66 6.56
C MET E 252 -1.37 58.41 7.31
N PRO E 253 -1.07 59.58 7.87
CA PRO E 253 -2.11 60.34 8.59
C PRO E 253 -3.12 60.97 7.64
N LEU E 254 -4.32 61.19 8.18
CA LEU E 254 -5.47 61.58 7.35
C LEU E 254 -5.26 62.87 6.57
N PRO E 255 -4.72 63.96 7.16
CA PRO E 255 -4.47 65.14 6.32
C PRO E 255 -3.45 64.89 5.23
N MET E 256 -2.33 64.23 5.57
CA MET E 256 -1.38 63.88 4.54
C MET E 256 -1.95 62.83 3.59
N GLN E 257 -2.91 62.03 4.07
CA GLN E 257 -3.56 61.05 3.19
C GLN E 257 -4.43 61.73 2.14
N VAL E 258 -5.20 62.74 2.55
CA VAL E 258 -5.99 63.47 1.56
C VAL E 258 -5.10 64.28 0.64
N LYS E 259 -3.96 64.78 1.15
CA LYS E 259 -2.99 65.42 0.27
C LYS E 259 -2.45 64.43 -0.77
N LEU E 260 -2.16 63.20 -0.33
CA LEU E 260 -1.70 62.17 -1.26
C LEU E 260 -2.77 61.85 -2.30
N LEU E 261 -4.03 61.78 -1.88
CA LEU E 261 -5.12 61.56 -2.83
C LEU E 261 -5.21 62.70 -3.83
N ARG E 262 -5.02 63.94 -3.37
CA ARG E 262 -5.01 65.08 -4.28
C ARG E 262 -3.88 64.96 -5.28
N VAL E 263 -2.70 64.55 -4.83
CA VAL E 263 -1.56 64.38 -5.73
C VAL E 263 -1.85 63.27 -6.74
N LEU E 264 -2.52 62.21 -6.30
CA LEU E 264 -2.76 61.05 -7.16
C LEU E 264 -3.84 61.32 -8.20
N GLN E 265 -5.05 61.64 -7.74
CA GLN E 265 -6.19 61.76 -8.65
C GLN E 265 -5.99 62.89 -9.65
N GLU E 266 -5.53 64.04 -9.18
CA GLU E 266 -5.29 65.18 -10.07
C GLU E 266 -3.97 65.08 -10.83
N ARG E 267 -3.08 64.17 -10.43
CA ARG E 267 -1.80 63.95 -11.07
C ARG E 267 -0.93 65.21 -11.08
N THR E 268 -1.29 66.22 -10.29
CA THR E 268 -0.62 67.51 -10.32
C THR E 268 -0.47 68.01 -8.89
N PHE E 269 0.52 68.88 -8.69
CA PHE E 269 0.72 69.55 -7.40
C PHE E 269 0.87 71.05 -7.64
N GLU E 270 0.95 71.79 -6.54
CA GLU E 270 1.06 73.24 -6.62
C GLU E 270 1.94 73.74 -5.49
N ARG E 271 2.88 74.62 -5.82
CA ARG E 271 3.77 75.20 -4.82
C ARG E 271 3.07 76.34 -4.10
N VAL E 272 3.10 76.31 -2.77
CA VAL E 272 2.43 77.34 -1.98
C VAL E 272 3.06 78.69 -2.25
N GLY E 273 2.23 79.71 -2.47
CA GLY E 273 2.70 81.04 -2.79
C GLY E 273 2.72 81.39 -4.25
N SER E 274 2.14 80.56 -5.12
CA SER E 274 2.12 80.82 -6.55
C SER E 274 0.76 80.39 -7.10
N ASN E 275 0.61 80.52 -8.42
CA ASN E 275 -0.62 80.14 -9.11
C ASN E 275 -0.38 79.14 -10.23
N LYS E 276 0.84 78.62 -10.36
CA LYS E 276 1.18 77.67 -11.41
C LYS E 276 1.11 76.25 -10.88
N THR E 277 0.54 75.35 -11.68
CA THR E 277 0.33 73.96 -11.30
C THR E 277 1.30 73.09 -12.10
N GLN E 278 1.99 72.19 -11.40
CA GLN E 278 3.04 71.37 -11.99
C GLN E 278 2.55 69.92 -12.08
N ASN E 279 2.69 69.33 -13.26
CA ASN E 279 2.21 67.99 -13.54
C ASN E 279 3.29 66.95 -13.27
N VAL E 280 2.86 65.79 -12.76
CA VAL E 280 3.74 64.64 -12.53
C VAL E 280 3.08 63.40 -13.12
N ASP E 281 3.90 62.56 -13.74
CA ASP E 281 3.44 61.28 -14.31
C ASP E 281 4.24 60.19 -13.63
N VAL E 282 3.75 59.71 -12.49
CA VAL E 282 4.41 58.69 -11.69
C VAL E 282 3.46 57.54 -11.46
N ARG E 283 3.97 56.32 -11.60
CA ARG E 283 3.19 55.13 -11.28
C ARG E 283 3.26 54.89 -9.79
N ILE E 284 2.11 54.92 -9.13
CA ILE E 284 2.07 54.79 -7.68
C ILE E 284 1.84 53.32 -7.30
N ILE E 285 2.66 52.82 -6.39
CA ILE E 285 2.53 51.47 -5.86
C ILE E 285 2.51 51.58 -4.36
N ALA E 286 1.33 51.47 -3.76
CA ALA E 286 1.20 51.46 -2.33
C ALA E 286 1.32 50.04 -1.80
N ALA E 287 1.89 49.91 -0.61
CA ALA E 287 2.06 48.62 0.03
C ALA E 287 1.84 48.79 1.52
N THR E 288 1.04 47.89 2.09
CA THR E 288 0.75 48.00 3.51
C THR E 288 0.49 46.61 4.09
N HIS E 289 0.60 46.52 5.42
CA HIS E 289 0.42 45.27 6.13
C HIS E 289 -0.81 45.24 7.01
N LYS E 290 -1.34 46.38 7.43
CA LYS E 290 -2.56 46.42 8.23
C LYS E 290 -3.77 46.34 7.32
N ASN E 291 -4.79 45.61 7.77
CA ASN E 291 -6.01 45.47 6.98
C ASN E 291 -6.62 46.83 6.71
N LEU E 292 -6.98 47.08 5.45
CA LEU E 292 -7.45 48.39 5.04
C LEU E 292 -8.96 48.54 5.11
N GLU E 293 -9.71 47.47 4.86
CA GLU E 293 -11.17 47.58 4.91
C GLU E 293 -11.69 47.62 6.35
N LYS E 294 -11.03 46.93 7.28
CA LYS E 294 -11.33 47.16 8.69
C LYS E 294 -11.02 48.59 9.10
N MET E 295 -9.94 49.17 8.58
CA MET E 295 -9.67 50.58 8.85
C MET E 295 -10.72 51.47 8.19
N ILE E 296 -11.28 51.03 7.06
CA ILE E 296 -12.41 51.74 6.45
C ILE E 296 -13.61 51.74 7.39
N GLU E 297 -13.89 50.57 7.99
CA GLU E 297 -14.97 50.50 8.97
C GLU E 297 -14.71 51.41 10.16
N ASP E 298 -13.46 51.47 10.63
CA ASP E 298 -13.09 52.38 11.70
C ASP E 298 -13.12 53.85 11.26
N GLY E 299 -13.14 54.11 9.96
CA GLY E 299 -13.29 55.46 9.46
C GLY E 299 -12.02 56.29 9.41
N THR E 300 -10.86 55.72 9.73
CA THR E 300 -9.59 56.44 9.68
C THR E 300 -8.86 56.23 8.35
N PHE E 301 -9.61 55.94 7.28
CA PHE E 301 -9.02 55.73 5.96
C PHE E 301 -10.04 56.17 4.91
N ARG E 302 -9.56 56.87 3.89
CA ARG E 302 -10.46 57.42 2.88
C ARG E 302 -11.06 56.32 2.02
N GLU E 303 -12.24 56.61 1.47
CA GLU E 303 -12.96 55.65 0.65
C GLU E 303 -12.39 55.59 -0.76
N ASP E 304 -12.28 56.76 -1.42
CA ASP E 304 -11.93 56.78 -2.84
C ASP E 304 -10.46 56.45 -3.07
N LEU E 305 -9.59 56.78 -2.12
CA LEU E 305 -8.17 56.43 -2.28
C LEU E 305 -7.99 54.93 -2.34
N TYR E 306 -8.69 54.19 -1.48
CA TYR E 306 -8.63 52.74 -1.52
C TYR E 306 -9.17 52.20 -2.84
N TYR E 307 -10.27 52.77 -3.33
CA TYR E 307 -10.87 52.30 -4.57
C TYR E 307 -9.94 52.52 -5.75
N ARG E 308 -9.28 53.68 -5.80
CA ARG E 308 -8.36 53.94 -6.90
C ARG E 308 -7.10 53.10 -6.80
N LEU E 309 -6.56 52.98 -5.58
CA LEU E 309 -5.33 52.21 -5.39
C LEU E 309 -5.57 50.72 -5.61
N ASN E 310 -6.67 50.19 -5.09
CA ASN E 310 -6.96 48.75 -5.17
C ASN E 310 -7.71 48.44 -6.48
N VAL E 311 -7.02 48.67 -7.59
CA VAL E 311 -7.50 48.22 -8.89
C VAL E 311 -6.71 47.01 -9.37
N PHE E 312 -5.45 46.90 -8.98
CA PHE E 312 -4.53 45.85 -9.40
C PHE E 312 -3.96 45.21 -8.13
N PRO E 313 -4.71 44.34 -7.46
CA PRO E 313 -4.26 43.81 -6.17
C PRO E 313 -3.19 42.74 -6.31
N ILE E 314 -2.15 42.87 -5.48
CA ILE E 314 -1.07 41.90 -5.40
C ILE E 314 -1.04 41.39 -3.97
N GLU E 315 -1.61 40.21 -3.73
CA GLU E 315 -1.66 39.62 -2.39
C GLU E 315 -0.34 38.92 -2.15
N MET E 316 0.64 39.66 -1.61
CA MET E 316 1.96 39.11 -1.36
C MET E 316 1.88 38.15 -0.17
N ALA E 317 2.43 36.97 -0.34
CA ALA E 317 2.32 35.92 0.67
C ALA E 317 3.38 36.09 1.76
N PRO E 318 3.11 35.60 2.96
CA PRO E 318 4.14 35.56 3.99
C PRO E 318 5.15 34.46 3.71
N LEU E 319 6.26 34.51 4.43
CA LEU E 319 7.32 33.52 4.22
C LEU E 319 6.85 32.13 4.60
N ARG E 320 5.96 32.03 5.59
CA ARG E 320 5.43 30.73 5.99
C ARG E 320 4.59 30.09 4.90
N GLU E 321 4.01 30.89 4.01
CA GLU E 321 3.22 30.34 2.90
C GLU E 321 4.08 29.89 1.73
N ARG E 322 5.34 30.30 1.66
CA ARG E 322 6.28 29.86 0.64
C ARG E 322 7.56 29.34 1.30
N VAL E 323 7.38 28.44 2.26
CA VAL E 323 8.50 27.88 3.02
C VAL E 323 9.51 27.20 2.11
N GLU E 324 9.04 26.61 1.01
CA GLU E 324 9.96 25.95 0.08
C GLU E 324 10.95 26.94 -0.53
N ASP E 325 10.57 28.22 -0.61
CA ASP E 325 11.48 29.24 -1.11
C ASP E 325 12.59 29.56 -0.13
N ILE E 326 12.39 29.25 1.16
CA ILE E 326 13.22 29.81 2.22
C ILE E 326 14.70 29.50 1.97
N ALA E 327 15.01 28.22 1.73
CA ALA E 327 16.41 27.84 1.50
C ALA E 327 16.97 28.57 0.28
N LEU E 328 16.20 28.62 -0.81
CA LEU E 328 16.66 29.33 -2.00
C LEU E 328 16.93 30.79 -1.71
N LEU E 329 16.25 31.34 -0.70
CA LEU E 329 16.56 32.70 -0.26
C LEU E 329 17.90 32.75 0.46
N LEU E 330 18.13 31.84 1.41
CA LEU E 330 19.41 31.82 2.12
C LEU E 330 20.57 31.76 1.15
N ASN E 331 20.52 30.84 0.19
CA ASN E 331 21.55 30.77 -0.83
C ASN E 331 21.77 32.13 -1.47
N GLU E 332 20.67 32.77 -1.91
CA GLU E 332 20.78 34.10 -2.48
C GLU E 332 21.41 35.06 -1.47
N LEU E 333 20.92 35.03 -0.23
CA LEU E 333 21.55 35.79 0.84
C LEU E 333 23.01 35.42 0.96
N ILE E 334 23.31 34.11 1.00
CA ILE E 334 24.70 33.68 1.05
C ILE E 334 25.44 34.16 -0.18
N SER E 335 24.77 34.17 -1.34
CA SER E 335 25.38 34.71 -2.54
C SER E 335 25.74 36.18 -2.34
N ARG E 336 24.84 36.95 -1.72
CA ARG E 336 25.14 38.36 -1.44
C ARG E 336 26.37 38.48 -0.55
N MET E 337 26.64 37.45 0.25
CA MET E 337 27.85 37.45 1.07
C MET E 337 29.09 37.18 0.22
N GLU E 338 28.98 36.28 -0.76
CA GLU E 338 30.15 35.90 -1.54
C GLU E 338 30.60 37.03 -2.46
N HIS E 339 29.65 37.77 -3.02
CA HIS E 339 30.00 38.83 -3.97
C HIS E 339 30.78 39.96 -3.28
N GLU E 340 30.38 40.33 -2.06
CA GLU E 340 31.02 41.43 -1.35
C GLU E 340 32.19 40.98 -0.48
N LYS E 341 32.52 39.68 -0.48
CA LYS E 341 33.57 39.14 0.38
C LYS E 341 33.29 39.48 1.84
N ARG E 342 32.02 39.39 2.22
CA ARG E 342 31.52 39.77 3.54
C ARG E 342 31.22 38.54 4.39
N GLY E 343 32.06 37.52 4.27
CA GLY E 343 31.88 36.27 4.98
C GLY E 343 31.24 35.21 4.10
N SER E 344 31.28 33.97 4.59
CA SER E 344 30.70 32.85 3.86
C SER E 344 30.36 31.76 4.87
N ILE E 345 29.09 31.66 5.22
CA ILE E 345 28.61 30.62 6.12
C ILE E 345 27.78 29.62 5.32
N ARG E 346 27.85 28.36 5.71
CA ARG E 346 27.19 27.28 5.01
C ARG E 346 26.24 26.57 5.97
N PHE E 347 24.96 26.56 5.61
CA PHE E 347 23.94 25.98 6.48
C PHE E 347 23.84 24.49 6.23
N ASN E 348 23.85 23.70 7.29
CA ASN E 348 23.58 22.28 7.15
C ASN E 348 22.07 22.04 7.07
N SER E 349 21.71 20.81 6.71
CA SER E 349 20.30 20.47 6.55
C SER E 349 19.52 20.69 7.84
N ALA E 350 20.16 20.45 8.99
CA ALA E 350 19.49 20.65 10.27
C ALA E 350 19.05 22.09 10.44
N ALA E 351 19.95 23.04 10.16
CA ALA E 351 19.59 24.44 10.26
C ALA E 351 18.57 24.83 9.19
N ILE E 352 18.63 24.18 8.02
CA ILE E 352 17.65 24.46 6.98
C ILE E 352 16.25 24.13 7.46
N MET E 353 16.05 22.92 8.01
CA MET E 353 14.72 22.59 8.53
C MET E 353 14.38 23.41 9.76
N SER E 354 15.36 23.73 10.59
CA SER E 354 15.08 24.52 11.79
C SER E 354 14.56 25.91 11.42
N LEU E 355 15.13 26.52 10.38
CA LEU E 355 14.63 27.82 9.94
C LEU E 355 13.33 27.69 9.17
N CYS E 356 13.18 26.62 8.40
CA CYS E 356 11.97 26.46 7.60
C CYS E 356 10.73 26.30 8.48
N ARG E 357 10.84 25.54 9.57
CA ARG E 357 9.71 25.34 10.46
C ARG E 357 9.29 26.60 11.21
N HIS E 358 10.11 27.65 11.18
CA HIS E 358 9.83 28.86 11.95
C HIS E 358 8.66 29.62 11.35
N ASP E 359 8.00 30.41 12.20
CA ASP E 359 6.83 31.18 11.77
C ASP E 359 7.22 32.41 10.95
N TRP E 360 8.37 33.02 11.24
CA TRP E 360 8.89 34.16 10.52
C TRP E 360 7.90 35.32 10.46
N PRO E 361 7.68 36.03 11.58
CA PRO E 361 6.78 37.19 11.54
C PRO E 361 7.29 38.30 10.64
N GLY E 362 8.52 38.75 10.89
CA GLY E 362 9.18 39.66 9.97
C GLY E 362 9.79 38.86 8.86
N ASN E 363 8.94 38.39 7.94
CA ASN E 363 9.22 37.26 7.07
C ASN E 363 10.63 37.24 6.49
N VAL E 364 10.98 38.25 5.69
CA VAL E 364 12.26 38.24 4.99
C VAL E 364 13.32 39.03 5.75
N ARG E 365 12.92 40.12 6.40
CA ARG E 365 13.89 40.93 7.15
C ARG E 365 14.48 40.15 8.32
N GLU E 366 13.66 39.36 9.02
CA GLU E 366 14.17 38.56 10.12
C GLU E 366 15.15 37.50 9.62
N LEU E 367 14.84 36.88 8.48
CA LEU E 367 15.76 35.89 7.92
C LEU E 367 17.09 36.52 7.52
N ALA E 368 17.04 37.69 6.88
CA ALA E 368 18.28 38.37 6.50
C ALA E 368 19.10 38.76 7.72
N ASN E 369 18.44 39.31 8.74
CA ASN E 369 19.14 39.70 9.96
C ASN E 369 19.74 38.49 10.66
N LEU E 370 19.01 37.37 10.67
CA LEU E 370 19.53 36.14 11.26
C LEU E 370 20.77 35.66 10.51
N VAL E 371 20.74 35.71 9.18
CA VAL E 371 21.92 35.32 8.40
C VAL E 371 23.09 36.23 8.73
N GLU E 372 22.84 37.53 8.84
CA GLU E 372 23.91 38.48 9.17
C GLU E 372 24.51 38.18 10.55
N ARG E 373 23.65 37.93 11.53
CA ARG E 373 24.13 37.68 12.89
C ARG E 373 24.91 36.37 12.95
N LEU E 374 24.43 35.33 12.25
CA LEU E 374 25.17 34.07 12.22
C LEU E 374 26.50 34.23 11.51
N ALA E 375 26.55 35.06 10.47
CA ALA E 375 27.81 35.33 9.78
C ALA E 375 28.80 36.01 10.71
N ILE E 376 28.34 37.00 11.48
CA ILE E 376 29.22 37.69 12.40
C ILE E 376 29.68 36.75 13.51
N MET E 377 28.77 35.89 13.99
CA MET E 377 29.09 35.03 15.13
C MET E 377 30.07 33.93 14.75
N HIS E 378 29.85 33.27 13.61
CA HIS E 378 30.67 32.13 13.19
C HIS E 378 31.13 32.34 11.75
N PRO E 379 32.23 33.07 11.54
CA PRO E 379 32.73 33.27 10.17
C PRO E 379 33.33 31.99 9.62
N TYR E 380 32.98 31.69 8.36
CA TYR E 380 33.49 30.51 7.65
C TYR E 380 33.25 29.22 8.43
N GLY E 381 32.06 29.09 9.00
CA GLY E 381 31.70 27.93 9.79
C GLY E 381 30.44 27.28 9.29
N VAL E 382 30.27 26.00 9.63
CA VAL E 382 29.07 25.25 9.28
C VAL E 382 27.99 25.55 10.30
N ILE E 383 27.05 26.42 9.94
CA ILE E 383 26.00 26.80 10.87
C ILE E 383 25.05 25.63 11.08
N GLY E 384 25.07 25.07 12.28
CA GLY E 384 24.18 24.00 12.67
C GLY E 384 22.98 24.52 13.43
N VAL E 385 22.42 23.66 14.28
CA VAL E 385 21.30 24.07 15.11
C VAL E 385 21.76 24.71 16.42
N GLY E 386 22.92 24.30 16.93
CA GLY E 386 23.42 24.88 18.17
C GLY E 386 23.80 26.34 18.03
N GLU E 387 24.37 26.71 16.89
CA GLU E 387 24.77 28.09 16.64
C GLU E 387 23.58 29.01 16.37
N LEU E 388 22.41 28.46 16.08
CA LEU E 388 21.23 29.27 15.88
C LEU E 388 20.80 29.94 17.18
N PRO E 389 20.24 31.15 17.11
CA PRO E 389 19.67 31.77 18.31
C PRO E 389 18.52 30.95 18.85
N LYS E 390 18.10 31.31 20.07
CA LYS E 390 17.07 30.54 20.76
C LYS E 390 15.74 30.61 20.03
N LYS E 391 15.40 31.77 19.47
CA LYS E 391 14.08 31.94 18.85
C LYS E 391 13.93 31.08 17.60
N PHE E 392 15.02 30.90 16.84
CA PHE E 392 14.98 30.08 15.64
C PHE E 392 15.26 28.61 15.93
N ARG E 393 15.62 28.26 17.16
CA ARG E 393 16.02 26.89 17.48
C ARG E 393 14.81 25.97 17.44
N HIS E 394 14.91 24.91 16.62
CA HIS E 394 13.90 23.87 16.54
C HIS E 394 14.59 22.51 16.62
N VAL E 395 14.03 21.61 17.43
CA VAL E 395 14.57 20.29 17.64
C VAL E 395 13.44 19.27 17.54
N ASP E 396 13.79 18.01 17.79
CA ASP E 396 12.83 16.91 17.71
C ASP E 396 11.72 17.04 18.74
P1 C2E F . -6.51 20.17 0.19
O2P C2E F . -6.15 19.08 -0.78
O1P C2E F . -7.21 19.77 1.45
O5' C2E F . -5.18 20.99 0.58
C5' C2E F . -5.29 22.04 1.59
C4' C2E F . -3.96 22.72 1.75
O4' C2E F . -2.95 21.74 2.13
C3' C2E F . -3.38 23.35 0.49
O3' C2E F . -3.97 24.64 0.28
C2' C2E F . -1.90 23.46 0.88
O2' C2E F . -1.70 24.57 1.73
C1' C2E F . -1.69 22.16 1.67
N9 C2E F . -1.08 21.08 0.92
C8 C2E F . -1.73 20.01 0.35
N7 C2E F . -0.92 19.18 -0.25
C5 C2E F . 0.34 19.73 -0.08
C6 C2E F . 1.61 19.27 -0.52
O6 C2E F . 1.87 18.25 -1.17
N1 C2E F . 2.62 20.13 -0.13
C2 C2E F . 2.45 21.29 0.61
N2 C2E F . 3.56 21.98 0.89
N3 C2E F . 1.26 21.72 1.02
C4 C2E F . 0.25 20.90 0.65
P11 C2E F . -3.91 25.10 -1.27
O21 C2E F . -4.43 26.51 -1.37
O11 C2E F . -2.57 24.79 -1.86
O5A C2E F . -5.01 24.12 -1.92
C5A C2E F . -6.39 24.25 -1.49
C4A C2E F . -7.21 23.15 -2.12
O4A C2E F . -7.11 23.24 -3.57
C3A C2E F . -6.77 21.74 -1.78
O3A C2E F . -7.36 21.31 -0.55
C2A C2E F . -7.32 20.98 -2.98
O2A C2E F . -8.73 20.84 -2.87
C1A C2E F . -6.99 21.95 -4.11
N91 C2E F . -5.65 21.79 -4.66
C81 C2E F . -4.57 22.60 -4.42
N71 C2E F . -3.49 22.22 -5.06
C51 C2E F . -3.88 21.11 -5.77
C61 C2E F . -3.14 20.27 -6.64
O61 C2E F . -1.95 20.37 -6.97
N11 C2E F . -3.93 19.24 -7.15
C21 C2E F . -5.26 19.03 -6.87
N21 C2E F . -5.84 17.99 -7.46
N31 C2E F . -5.96 19.81 -6.04
C41 C2E F . -5.21 20.82 -5.54
P1 C2E G . 2.75 19.85 -8.16
O2P C2E G . 4.17 19.36 -8.09
O1P C2E G . 2.43 21.15 -7.48
O5' C2E G . 1.81 18.70 -7.57
C5' C2E G . 1.95 17.35 -8.08
C4' C2E G . 0.85 16.49 -7.52
O4' C2E G . 0.82 16.59 -6.07
C3' C2E G . -0.56 16.83 -7.96
O3' C2E G . -0.85 16.30 -9.25
C2' C2E G . -1.36 16.13 -6.86
O2' C2E G . -1.35 14.74 -7.07
C1' C2E G . -0.51 16.46 -5.63
N9 C2E G . -0.89 17.70 -4.95
C8 C2E G . -0.19 18.87 -4.93
N7 C2E G . -0.77 19.81 -4.23
C5 C2E G . -1.93 19.21 -3.74
C6 C2E G . -2.95 19.74 -2.91
O6 C2E G . -3.03 20.87 -2.43
N1 C2E G . -3.94 18.79 -2.66
C2 C2E G . -3.95 17.50 -3.13
N2 C2E G . -4.98 16.73 -2.79
N3 C2E G . -2.99 17.00 -3.92
C4 C2E G . -2.01 17.90 -4.17
P11 C2E G . -2.03 17.10 -9.99
O21 C2E G . -3.22 17.25 -9.08
O11 C2E G . -2.27 16.48 -11.34
O5A C2E G . -1.35 18.54 -10.22
C5A C2E G . -0.25 18.61 -11.16
C4A C2E G . 0.34 20.00 -11.15
O4A C2E G . -0.71 20.98 -11.39
C3A C2E G . 0.98 20.45 -9.86
O3A C2E G . 2.27 19.89 -9.70
C2A C2E G . 1.02 21.96 -10.11
O2A C2E G . 2.09 22.27 -10.99
C1A C2E G . -0.30 22.20 -10.82
N91 C2E G . -1.37 22.69 -9.95
C81 C2E G . -2.44 21.97 -9.49
N71 C2E G . -3.25 22.68 -8.73
C51 C2E G . -2.68 23.94 -8.71
C61 C2E G . -3.11 25.13 -8.06
O61 C2E G . -4.11 25.29 -7.36
N11 C2E G . -2.24 26.18 -8.30
C21 C2E G . -1.10 26.12 -9.07
N21 C2E G . -0.39 27.25 -9.18
N31 C2E G . -0.69 25.01 -9.68
C41 C2E G . -1.52 23.97 -9.46
PG ACP H . -3.06 -22.55 5.54
O1G ACP H . -2.83 -21.11 5.17
O2G ACP H . -4.49 -22.95 5.36
O3G ACP H . -2.13 -23.48 4.82
PB ACP H . -3.00 -24.32 8.07
O1B ACP H . -2.77 -25.40 7.05
O2B ACP H . -4.37 -24.34 8.71
C3B ACP H . -2.67 -22.70 7.29
PA ACP H . -1.17 -23.75 10.40
O1A ACP H . -0.31 -22.63 9.91
O2A ACP H . -0.53 -24.81 11.25
O3A ACP H . -1.83 -24.49 9.14
O5' ACP H . -2.43 -23.14 11.19
C5' ACP H . -3.06 -21.94 10.70
C4' ACP H . -3.80 -21.26 11.83
O4' ACP H . -4.73 -22.21 12.40
C3' ACP H . -2.95 -20.76 12.99
O3' ACP H . -3.55 -19.61 13.56
C2' ACP H . -3.08 -21.92 13.99
O2' ACP H . -2.74 -21.59 15.31
C1' ACP H . -4.55 -22.25 13.80
N9 ACP H . -4.95 -23.56 14.27
C8 ACP H . -4.82 -24.75 13.58
N7 ACP H . -5.26 -25.78 14.25
C5 ACP H . -5.69 -25.26 15.45
C6 ACP H . -6.27 -25.85 16.60
N6 ACP H . -6.51 -27.16 16.72
N1 ACP H . -6.58 -25.03 17.63
C2 ACP H . -6.34 -23.72 17.51
N3 ACP H . -5.81 -23.06 16.49
C4 ACP H . -5.50 -23.89 15.48
PG ACP I . -9.83 -18.04 2.52
O1G ACP I . -9.09 -19.30 2.16
O2G ACP I . -9.24 -16.83 1.85
O3G ACP I . -11.30 -18.17 2.25
PB ACP I . -10.40 -16.25 4.88
O1B ACP I . -11.31 -15.77 3.78
O2B ACP I . -9.30 -15.32 5.28
C3B ACP I . -9.66 -17.80 4.29
PA ACP I . -12.83 -16.29 6.45
O1A ACP I . -13.70 -17.12 5.56
O2A ACP I . -13.00 -14.81 6.40
O3A ACP I . -11.30 -16.63 6.13
O5' ACP I . -12.98 -16.79 7.96
C5' ACP I . -12.80 -18.20 8.26
C4' ACP I . -13.17 -18.47 9.69
O4' ACP I . -12.23 -17.84 10.59
C3' ACP I . -14.53 -17.93 10.17
O3' ACP I . -15.62 -18.73 9.74
C2' ACP I . -14.32 -17.96 11.68
O2' ACP I . -14.34 -19.29 12.16
C1' ACP I . -12.90 -17.40 11.76
N9 ACP I . -12.83 -15.95 11.82
C8 ACP I . -12.62 -15.09 10.77
N7 ACP I . -12.59 -13.83 11.13
C5 ACP I . -12.80 -13.86 12.50
C6 ACP I . -12.88 -12.84 13.46
N6 ACP I . -12.76 -11.55 13.18
N1 ACP I . -13.10 -13.21 14.75
C2 ACP I . -13.22 -14.52 15.03
N3 ACP I . -13.15 -15.55 14.20
C4 ACP I . -12.94 -15.16 12.93
#